data_5NPU
#
_entry.id   5NPU
#
_cell.length_a   108.330
_cell.length_b   108.330
_cell.length_c   322.651
_cell.angle_alpha   90.00
_cell.angle_beta   90.00
_cell.angle_gamma   120.00
#
_symmetry.space_group_name_H-M   'P 32 2 1'
#
loop_
_entity.id
_entity.type
_entity.pdbx_description
1 polymer ANC27
2 non-polymer 'MAGNESIUM ION'
3 non-polymer 'THIAMINE DIPHOSPHATE'
4 non-polymer DI(HYDROXYETHYL)ETHER
5 water water
#
_entity_poly.entity_id   1
_entity_poly.type   'polypeptide(L)'
_entity_poly.pdbx_seq_one_letter_code
;MTYTVGHYLATRLAQIGLKHHFAVAGDYNLVLLDQLLKNKDLEQVYCCNELNCGFSAEGYARANGVGAAVVTFSVGALSA
FNAIGGAYAENLPVILISGAPNTNDHGSGHILHHTIGTTDYGYQLEMAKQITCAAVSITHAEDAPALIDHAIRTALREKK
PAYIEIACNVAAQPCARPGPVSALLNEPTSDEETLKAAVEAALDFIEKREKPVLLVGGKLRAAGAEEAVVELADALGCAV
ATMAAAKSFFPEDHPGYVGTYWGEVSSPGVEEIVDWADGIICLGPVFNDYSTVGWTAWPKGENVVLVDPHHITVGGEEFT
GIHLKDFLTALTERVPKKDATLDQFKARVGKPAAEKVPAADPNAPLTRAELCRQIQGLLNPNTTLIAETGDSWFNAMRMK
LPHGARVELEMQWGHIGWSVPATFGYAVAEPERRNVLMVGDGSFQLTAQEVAQMVRRKLPIIIFLINNRGYTIEVKIHDG
PYNNIKNWDYAGLMEVFNAEDGKGLGLKATTGGELAEAIKKALAHREGPTLIECVIDRDDCTPELVTWGKKVATANARPP
QAI
;
_entity_poly.pdbx_strand_id   A,B,C,D
#
# COMPACT_ATOMS: atom_id res chain seq x y z
N THR A 2 -11.79 -11.03 20.99
CA THR A 2 -11.21 -12.31 20.61
C THR A 2 -11.72 -12.75 19.25
N TYR A 3 -10.77 -13.00 18.34
CA TYR A 3 -11.11 -13.42 17.00
C TYR A 3 -11.94 -14.70 17.01
N THR A 4 -12.56 -14.97 15.86
CA THR A 4 -13.39 -16.14 15.64
C THR A 4 -13.14 -16.62 14.21
N VAL A 5 -13.78 -17.73 13.86
CA VAL A 5 -13.62 -18.27 12.50
C VAL A 5 -14.07 -17.24 11.48
N GLY A 6 -15.21 -16.60 11.74
CA GLY A 6 -15.68 -15.54 10.86
C GLY A 6 -14.65 -14.45 10.67
N HIS A 7 -14.16 -13.87 11.77
CA HIS A 7 -13.19 -12.78 11.65
C HIS A 7 -11.97 -13.26 10.88
N TYR A 8 -11.40 -14.40 11.30
CA TYR A 8 -10.19 -14.92 10.68
C TYR A 8 -10.33 -15.05 9.17
N LEU A 9 -11.48 -15.53 8.69
CA LEU A 9 -11.68 -15.65 7.26
C LEU A 9 -11.84 -14.27 6.63
N ALA A 10 -12.63 -13.41 7.27
CA ALA A 10 -12.79 -12.03 6.80
C ALA A 10 -11.44 -11.36 6.61
N THR A 11 -10.65 -11.32 7.68
CA THR A 11 -9.34 -10.67 7.61
C THR A 11 -8.44 -11.31 6.56
N ARG A 12 -8.34 -12.64 6.56
CA ARG A 12 -7.51 -13.30 5.56
C ARG A 12 -7.89 -12.88 4.15
N LEU A 13 -9.19 -12.72 3.88
CA LEU A 13 -9.60 -12.23 2.57
C LEU A 13 -9.14 -10.81 2.34
N ALA A 14 -9.35 -9.93 3.32
CA ALA A 14 -8.95 -8.53 3.17
C ALA A 14 -7.45 -8.41 2.94
N GLN A 15 -6.65 -9.18 3.71
CA GLN A 15 -5.20 -9.10 3.59
C GLN A 15 -4.75 -9.37 2.17
N ILE A 16 -5.26 -10.45 1.56
CA ILE A 16 -4.82 -10.83 0.22
C ILE A 16 -5.36 -9.87 -0.85
N GLY A 17 -6.40 -9.08 -0.54
CA GLY A 17 -6.86 -8.10 -1.50
C GLY A 17 -8.30 -7.64 -1.38
N LEU A 18 -9.19 -8.58 -1.09
CA LEU A 18 -10.63 -8.33 -1.24
C LEU A 18 -11.08 -7.10 -0.46
N LYS A 19 -11.58 -6.11 -1.21
CA LYS A 19 -12.42 -5.06 -0.61
C LYS A 19 -13.88 -5.48 -0.53
N HIS A 20 -14.30 -6.46 -1.30
CA HIS A 20 -15.68 -6.91 -1.32
C HIS A 20 -15.73 -8.42 -1.41
N HIS A 21 -16.59 -9.05 -0.60
CA HIS A 21 -16.94 -10.44 -0.81
C HIS A 21 -18.45 -10.54 -1.04
N PHE A 22 -18.84 -11.39 -1.99
CA PHE A 22 -20.22 -11.49 -2.42
C PHE A 22 -20.93 -12.64 -1.69
N ALA A 23 -22.24 -12.53 -1.55
CA ALA A 23 -22.97 -13.40 -0.63
C ALA A 23 -24.42 -13.55 -1.04
N VAL A 24 -25.07 -14.58 -0.48
CA VAL A 24 -26.49 -14.86 -0.62
C VAL A 24 -26.96 -15.48 0.68
N ALA A 25 -27.87 -14.80 1.37
CA ALA A 25 -28.23 -15.20 2.72
C ALA A 25 -28.78 -16.62 2.77
N GLY A 26 -28.59 -17.27 3.91
CA GLY A 26 -29.18 -18.57 4.21
C GLY A 26 -28.91 -19.00 5.63
N ASP A 27 -29.79 -19.82 6.21
CA ASP A 27 -29.76 -20.00 7.66
C ASP A 27 -28.46 -20.64 8.15
N TYR A 28 -27.73 -21.33 7.28
CA TYR A 28 -26.44 -21.88 7.70
C TYR A 28 -25.40 -20.77 7.80
N ASN A 29 -25.19 -20.05 6.70
CA ASN A 29 -24.19 -18.99 6.62
C ASN A 29 -24.64 -17.70 7.28
N LEU A 30 -25.83 -17.67 7.88
CA LEU A 30 -26.35 -16.44 8.47
C LEU A 30 -25.44 -15.95 9.59
N VAL A 31 -25.25 -16.78 10.62
CA VAL A 31 -24.28 -16.44 11.68
C VAL A 31 -22.92 -16.15 11.08
N LEU A 32 -22.49 -16.95 10.10
CA LEU A 32 -21.20 -16.72 9.48
C LEU A 32 -21.15 -15.36 8.79
N LEU A 33 -22.21 -15.00 8.07
CA LEU A 33 -22.21 -13.72 7.35
C LEU A 33 -22.09 -12.55 8.32
N ASP A 34 -22.73 -12.66 9.48
CA ASP A 34 -22.66 -11.59 10.48
C ASP A 34 -21.23 -11.28 10.86
N GLN A 35 -20.41 -12.32 11.00
CA GLN A 35 -19.03 -12.12 11.41
C GLN A 35 -18.12 -11.71 10.26
N LEU A 36 -18.50 -12.00 9.02
CA LEU A 36 -17.77 -11.47 7.88
C LEU A 36 -17.90 -9.95 7.76
N LEU A 37 -18.94 -9.37 8.36
CA LEU A 37 -19.08 -7.91 8.36
C LEU A 37 -18.08 -7.24 9.29
N LYS A 38 -17.70 -7.91 10.37
CA LYS A 38 -16.94 -7.25 11.42
C LYS A 38 -15.66 -6.59 10.88
N ASN A 39 -15.11 -7.10 9.78
CA ASN A 39 -14.01 -6.41 9.13
C ASN A 39 -14.58 -5.28 8.28
N LYS A 40 -14.05 -4.07 8.49
CA LYS A 40 -14.60 -2.88 7.84
C LYS A 40 -13.83 -2.50 6.58
N ASP A 41 -12.74 -3.21 6.28
CA ASP A 41 -12.06 -3.10 5.00
C ASP A 41 -12.53 -4.16 4.02
N LEU A 42 -13.65 -4.82 4.33
CA LEU A 42 -14.13 -5.96 3.56
C LEU A 42 -15.65 -5.91 3.60
N GLU A 43 -16.26 -5.56 2.48
CA GLU A 43 -17.66 -5.22 2.40
C GLU A 43 -18.47 -6.39 1.86
N GLN A 44 -19.67 -6.56 2.40
CA GLN A 44 -20.52 -7.72 2.11
C GLN A 44 -21.56 -7.33 1.06
N VAL A 45 -21.24 -7.62 -0.21
CA VAL A 45 -22.15 -7.39 -1.31
C VAL A 45 -23.11 -8.58 -1.43
N TYR A 46 -24.38 -8.31 -1.72
CA TYR A 46 -25.38 -9.35 -1.88
C TYR A 46 -25.79 -9.50 -3.33
N CYS A 47 -26.47 -10.61 -3.63
CA CYS A 47 -26.78 -10.99 -4.99
C CYS A 47 -28.15 -11.65 -5.03
N CYS A 48 -28.67 -11.79 -6.26
CA CYS A 48 -30.04 -12.27 -6.46
C CYS A 48 -30.13 -13.79 -6.28
N ASN A 49 -29.24 -14.53 -6.94
CA ASN A 49 -29.14 -15.97 -6.77
C ASN A 49 -27.66 -16.36 -6.75
N GLU A 50 -27.37 -17.62 -6.38
CA GLU A 50 -25.99 -18.03 -6.18
C GLU A 50 -25.26 -18.24 -7.50
N LEU A 51 -25.92 -18.80 -8.50
CA LEU A 51 -25.28 -18.95 -9.81
C LEU A 51 -24.61 -17.65 -10.22
N ASN A 52 -25.30 -16.53 -10.02
CA ASN A 52 -24.73 -15.22 -10.34
C ASN A 52 -23.69 -14.80 -9.30
N CYS A 53 -24.02 -14.94 -8.02
CA CYS A 53 -23.11 -14.55 -6.95
C CYS A 53 -21.70 -15.07 -7.22
N GLY A 54 -21.60 -16.35 -7.58
CA GLY A 54 -20.29 -16.93 -7.87
C GLY A 54 -19.64 -16.32 -9.10
N PHE A 55 -20.42 -16.05 -10.14
CA PHE A 55 -19.88 -15.40 -11.31
C PHE A 55 -19.46 -13.96 -11.02
N SER A 56 -20.13 -13.28 -10.09
CA SER A 56 -19.71 -11.94 -9.69
C SER A 56 -18.34 -11.96 -9.02
N ALA A 57 -18.10 -12.94 -8.14
CA ALA A 57 -16.76 -13.14 -7.62
C ALA A 57 -15.79 -13.51 -8.72
N GLU A 58 -16.26 -14.18 -9.76
CA GLU A 58 -15.43 -14.45 -10.93
C GLU A 58 -14.91 -13.15 -11.51
N GLY A 59 -15.81 -12.25 -11.90
CA GLY A 59 -15.42 -10.97 -12.42
C GLY A 59 -14.47 -10.23 -11.49
N TYR A 60 -14.90 -10.03 -10.24
CA TYR A 60 -14.11 -9.32 -9.24
C TYR A 60 -12.66 -9.79 -9.27
N ALA A 61 -12.46 -11.10 -9.41
CA ALA A 61 -11.11 -11.63 -9.44
C ALA A 61 -10.38 -11.26 -10.72
N ARG A 62 -11.10 -10.95 -11.80
CA ARG A 62 -10.42 -10.47 -12.99
C ARG A 62 -9.78 -9.11 -12.73
N ALA A 63 -10.47 -8.25 -11.97
CA ALA A 63 -9.97 -6.92 -11.69
C ALA A 63 -9.05 -6.90 -10.47
N ASN A 64 -9.49 -7.48 -9.36
CA ASN A 64 -8.65 -7.49 -8.16
C ASN A 64 -7.45 -8.43 -8.33
N GLY A 65 -7.69 -9.62 -8.91
CA GLY A 65 -6.72 -10.70 -8.92
C GLY A 65 -7.20 -11.91 -8.15
N VAL A 66 -8.11 -11.70 -7.20
CA VAL A 66 -8.73 -12.77 -6.42
C VAL A 66 -10.12 -12.30 -6.00
N GLY A 67 -11.03 -13.25 -5.78
CA GLY A 67 -12.40 -12.96 -5.38
C GLY A 67 -12.91 -13.99 -4.38
N ALA A 68 -14.16 -13.80 -3.96
CA ALA A 68 -14.74 -14.72 -2.99
C ALA A 68 -16.26 -14.63 -3.01
N ALA A 69 -16.91 -15.68 -2.52
CA ALA A 69 -18.37 -15.72 -2.43
C ALA A 69 -18.78 -16.50 -1.18
N VAL A 70 -20.08 -16.48 -0.90
CA VAL A 70 -20.63 -17.19 0.26
C VAL A 70 -22.03 -17.66 -0.10
N VAL A 71 -22.40 -18.84 0.40
CA VAL A 71 -23.67 -19.45 0.00
C VAL A 71 -24.19 -20.34 1.12
N THR A 72 -25.42 -20.82 0.94
CA THR A 72 -26.04 -21.80 1.83
C THR A 72 -25.65 -23.22 1.39
N PHE A 73 -25.88 -24.17 2.27
CA PHE A 73 -25.45 -25.53 2.02
C PHE A 73 -26.17 -26.11 0.81
N SER A 74 -25.39 -26.68 -0.11
CA SER A 74 -25.90 -27.50 -1.21
C SER A 74 -26.82 -26.70 -2.15
N VAL A 75 -27.94 -26.22 -1.61
CA VAL A 75 -28.92 -25.48 -2.41
C VAL A 75 -28.28 -24.28 -3.08
N GLY A 76 -27.47 -23.54 -2.32
CA GLY A 76 -26.72 -22.42 -2.85
C GLY A 76 -25.44 -22.84 -3.55
N ALA A 77 -24.70 -23.77 -2.96
CA ALA A 77 -23.37 -24.07 -3.46
C ALA A 77 -23.41 -24.83 -4.77
N LEU A 78 -24.36 -25.75 -4.94
CA LEU A 78 -24.39 -26.56 -6.16
C LEU A 78 -24.46 -25.69 -7.42
N SER A 79 -25.27 -24.63 -7.39
CA SER A 79 -25.28 -23.68 -8.50
C SER A 79 -23.94 -22.94 -8.61
N ALA A 80 -23.39 -22.50 -7.49
CA ALA A 80 -22.11 -21.81 -7.52
C ALA A 80 -21.02 -22.68 -8.17
N PHE A 81 -21.08 -24.01 -7.97
CA PHE A 81 -20.08 -24.89 -8.58
C PHE A 81 -19.94 -24.64 -10.07
N ASN A 82 -21.01 -24.17 -10.73
CA ASN A 82 -20.92 -23.82 -12.14
C ASN A 82 -19.98 -22.65 -12.36
N ALA A 83 -19.97 -21.68 -11.43
CA ALA A 83 -19.02 -20.58 -11.50
C ALA A 83 -17.62 -21.03 -11.10
N ILE A 84 -17.52 -21.90 -10.07
CA ILE A 84 -16.22 -22.40 -9.66
C ILE A 84 -15.58 -23.24 -10.75
N GLY A 85 -16.39 -24.00 -11.48
CA GLY A 85 -15.91 -24.57 -12.74
C GLY A 85 -15.37 -23.51 -13.67
N GLY A 86 -16.14 -22.43 -13.87
CA GLY A 86 -15.68 -21.32 -14.68
C GLY A 86 -14.43 -20.65 -14.16
N ALA A 87 -14.24 -20.62 -12.83
CA ALA A 87 -13.01 -20.09 -12.29
C ALA A 87 -11.83 -20.98 -12.64
N TYR A 88 -11.92 -22.27 -12.31
CA TYR A 88 -10.85 -23.21 -12.66
C TYR A 88 -10.53 -23.14 -14.15
N ALA A 89 -11.58 -23.10 -14.99
CA ALA A 89 -11.39 -22.97 -16.42
C ALA A 89 -10.55 -21.74 -16.78
N GLU A 90 -10.90 -20.59 -16.21
CA GLU A 90 -10.26 -19.33 -16.56
C GLU A 90 -9.13 -18.94 -15.61
N ASN A 91 -8.67 -19.86 -14.76
CA ASN A 91 -7.50 -19.66 -13.88
C ASN A 91 -7.69 -18.47 -12.91
N LEU A 92 -8.82 -18.46 -12.21
CA LEU A 92 -9.17 -17.37 -11.29
C LEU A 92 -9.19 -17.87 -9.85
N PRO A 93 -8.50 -17.34 -8.99
CA PRO A 93 -8.48 -17.81 -7.60
C PRO A 93 -9.73 -17.45 -6.81
N VAL A 94 -10.90 -17.82 -7.33
CA VAL A 94 -12.16 -17.55 -6.66
C VAL A 94 -12.31 -18.49 -5.48
N ILE A 95 -12.51 -17.95 -4.29
CA ILE A 95 -12.63 -18.74 -3.07
C ILE A 95 -14.10 -18.84 -2.70
N LEU A 96 -14.72 -19.98 -2.98
CA LEU A 96 -16.08 -20.25 -2.54
C LEU A 96 -16.10 -20.58 -1.04
N ILE A 97 -17.19 -20.20 -0.38
CA ILE A 97 -17.42 -20.57 1.01
C ILE A 97 -18.87 -20.96 1.15
N SER A 98 -19.13 -22.02 1.89
CA SER A 98 -20.49 -22.44 2.15
C SER A 98 -20.74 -22.55 3.64
N GLY A 99 -21.98 -22.30 4.03
CA GLY A 99 -22.41 -22.73 5.34
C GLY A 99 -22.60 -24.23 5.32
N ALA A 100 -22.74 -24.83 6.51
CA ALA A 100 -22.77 -26.27 6.59
C ALA A 100 -23.58 -26.69 7.81
N PRO A 101 -24.01 -27.94 7.86
CA PRO A 101 -24.69 -28.47 9.05
C PRO A 101 -23.96 -28.20 10.36
N ASN A 102 -24.70 -28.43 11.46
CA ASN A 102 -24.15 -28.32 12.79
C ASN A 102 -23.08 -29.38 13.05
N THR A 103 -22.22 -29.12 14.03
CA THR A 103 -21.25 -30.13 14.45
C THR A 103 -21.95 -31.34 15.05
N ASN A 104 -22.95 -31.12 15.91
CA ASN A 104 -23.64 -32.21 16.59
C ASN A 104 -24.54 -33.02 15.67
N ASP A 105 -24.69 -32.61 14.40
CA ASP A 105 -25.47 -33.38 13.44
C ASP A 105 -24.59 -34.31 12.60
N HIS A 106 -23.30 -34.01 12.44
CA HIS A 106 -22.41 -34.84 11.65
C HIS A 106 -22.46 -36.28 12.12
N GLY A 107 -22.72 -37.19 11.18
CA GLY A 107 -22.79 -38.60 11.54
C GLY A 107 -23.75 -38.92 12.65
N SER A 108 -24.79 -38.08 12.83
CA SER A 108 -25.73 -38.22 13.92
C SER A 108 -27.04 -38.88 13.51
N GLY A 109 -27.09 -39.50 12.34
CA GLY A 109 -28.28 -40.17 11.90
C GLY A 109 -29.44 -39.26 11.55
N HIS A 110 -29.28 -37.95 11.71
CA HIS A 110 -30.33 -36.98 11.39
C HIS A 110 -30.41 -36.76 9.87
N ILE A 111 -31.60 -36.40 9.41
CA ILE A 111 -31.76 -35.77 8.11
C ILE A 111 -31.89 -34.27 8.34
N LEU A 112 -31.26 -33.49 7.47
CA LEU A 112 -31.29 -32.04 7.56
C LEU A 112 -31.96 -31.45 6.32
N HIS A 113 -32.30 -30.17 6.42
CA HIS A 113 -32.88 -29.48 5.29
C HIS A 113 -31.77 -29.08 4.30
N HIS A 114 -32.18 -28.65 3.11
CA HIS A 114 -31.25 -28.34 2.02
C HIS A 114 -30.30 -29.50 1.69
N THR A 115 -30.70 -30.73 1.94
CA THR A 115 -29.88 -31.88 1.62
C THR A 115 -30.77 -32.92 0.96
N ILE A 116 -30.10 -33.96 0.43
CA ILE A 116 -30.72 -34.97 -0.42
C ILE A 116 -31.73 -35.83 0.33
N GLY A 117 -31.68 -35.87 1.66
CA GLY A 117 -32.47 -36.79 2.45
C GLY A 117 -31.65 -37.89 3.07
N THR A 118 -30.48 -38.17 2.50
CA THR A 118 -29.56 -39.11 3.10
C THR A 118 -29.05 -38.56 4.43
N THR A 119 -28.52 -39.45 5.24
CA THR A 119 -27.89 -39.08 6.51
C THR A 119 -26.47 -38.55 6.33
N ASP A 120 -25.91 -38.61 5.12
CA ASP A 120 -24.59 -38.08 4.84
C ASP A 120 -24.68 -36.64 4.31
N TYR A 121 -23.71 -35.80 4.70
CA TYR A 121 -23.63 -34.44 4.19
C TYR A 121 -22.31 -34.15 3.47
N GLY A 122 -21.44 -35.14 3.33
CA GLY A 122 -20.17 -34.93 2.65
C GLY A 122 -20.34 -34.77 1.16
N TYR A 123 -21.43 -35.29 0.60
CA TYR A 123 -21.60 -35.26 -0.85
C TYR A 123 -21.25 -33.91 -1.46
N GLN A 124 -21.41 -32.82 -0.70
CA GLN A 124 -21.15 -31.51 -1.31
C GLN A 124 -19.67 -31.34 -1.59
N LEU A 125 -18.83 -31.40 -0.56
CA LEU A 125 -17.41 -31.19 -0.77
C LEU A 125 -16.71 -32.43 -1.35
N GLU A 126 -17.43 -33.55 -1.49
CA GLU A 126 -17.01 -34.57 -2.44
C GLU A 126 -17.12 -34.06 -3.86
N MET A 127 -18.19 -33.32 -4.16
CA MET A 127 -18.32 -32.70 -5.48
C MET A 127 -17.30 -31.59 -5.65
N ALA A 128 -17.29 -30.62 -4.72
CA ALA A 128 -16.44 -29.44 -4.86
C ALA A 128 -15.00 -29.83 -5.19
N LYS A 129 -14.45 -30.81 -4.44
CA LYS A 129 -13.10 -31.32 -4.69
C LYS A 129 -12.84 -31.54 -6.17
N GLN A 130 -13.85 -32.03 -6.88
CA GLN A 130 -13.70 -32.39 -8.29
C GLN A 130 -13.37 -31.18 -9.18
N ILE A 131 -13.79 -29.98 -8.77
CA ILE A 131 -13.69 -28.77 -9.58
C ILE A 131 -12.89 -27.66 -8.87
N THR A 132 -12.09 -28.00 -7.86
CA THR A 132 -11.42 -26.97 -7.08
C THR A 132 -10.09 -27.51 -6.56
N CYS A 133 -9.04 -26.70 -6.71
CA CYS A 133 -7.71 -27.15 -6.32
C CYS A 133 -7.63 -27.51 -4.84
N ALA A 134 -8.45 -26.88 -4.00
CA ALA A 134 -8.46 -27.14 -2.58
C ALA A 134 -9.89 -27.13 -2.06
N ALA A 135 -10.17 -28.02 -1.12
CA ALA A 135 -11.51 -28.16 -0.56
C ALA A 135 -11.37 -28.50 0.91
N VAL A 136 -12.09 -27.76 1.74
CA VAL A 136 -11.80 -27.66 3.17
C VAL A 136 -13.12 -27.62 3.92
N SER A 137 -13.26 -28.49 4.92
CA SER A 137 -14.44 -28.48 5.79
C SER A 137 -13.96 -28.12 7.18
N ILE A 138 -14.46 -27.02 7.72
CA ILE A 138 -14.25 -26.67 9.11
C ILE A 138 -15.39 -27.26 9.92
N THR A 139 -15.06 -28.15 10.84
CA THR A 139 -16.01 -28.63 11.82
C THR A 139 -15.56 -28.41 13.25
N HIS A 140 -14.34 -27.92 13.45
CA HIS A 140 -13.85 -27.51 14.76
C HIS A 140 -13.17 -26.16 14.59
N ALA A 141 -13.34 -25.29 15.59
CA ALA A 141 -12.76 -23.96 15.50
C ALA A 141 -11.24 -23.97 15.71
N GLU A 142 -10.70 -25.01 16.33
CA GLU A 142 -9.26 -25.09 16.51
C GLU A 142 -8.57 -25.34 15.18
N ASP A 143 -9.09 -26.28 14.39
CA ASP A 143 -8.61 -26.48 13.02
C ASP A 143 -8.57 -25.18 12.24
N ALA A 144 -9.62 -24.38 12.36
CA ALA A 144 -9.97 -23.30 11.43
C ALA A 144 -8.79 -22.59 10.78
N PRO A 145 -7.91 -21.93 11.55
CA PRO A 145 -6.96 -21.02 10.90
C PRO A 145 -5.96 -21.73 10.02
N ALA A 146 -5.61 -22.97 10.36
CA ALA A 146 -4.65 -23.71 9.54
C ALA A 146 -5.26 -24.08 8.19
N LEU A 147 -6.54 -24.43 8.16
CA LEU A 147 -7.17 -24.90 6.93
C LEU A 147 -7.56 -23.73 6.04
N ILE A 148 -8.08 -22.65 6.62
CA ILE A 148 -8.40 -21.48 5.82
C ILE A 148 -7.15 -21.00 5.10
N ASP A 149 -6.03 -20.88 5.83
CA ASP A 149 -4.76 -20.53 5.20
C ASP A 149 -4.47 -21.45 4.03
N HIS A 150 -4.60 -22.77 4.24
CA HIS A 150 -4.36 -23.71 3.16
C HIS A 150 -5.21 -23.38 1.94
N ALA A 151 -6.52 -23.28 2.11
CA ALA A 151 -7.42 -23.01 1.00
C ALA A 151 -7.01 -21.78 0.21
N ILE A 152 -6.74 -20.67 0.90
CA ILE A 152 -6.32 -19.44 0.22
C ILE A 152 -4.94 -19.62 -0.39
N ARG A 153 -3.98 -20.06 0.41
CA ARG A 153 -2.60 -20.19 -0.07
C ARG A 153 -2.53 -20.98 -1.36
N THR A 154 -3.16 -22.14 -1.39
CA THR A 154 -3.17 -22.98 -2.58
C THR A 154 -3.79 -22.25 -3.76
N ALA A 155 -4.98 -21.69 -3.56
CA ALA A 155 -5.67 -21.01 -4.66
C ALA A 155 -4.77 -20.00 -5.36
N LEU A 156 -4.04 -19.19 -4.59
CA LEU A 156 -3.21 -18.13 -5.16
C LEU A 156 -1.98 -18.71 -5.87
N ARG A 157 -1.29 -19.66 -5.23
CA ARG A 157 -0.19 -20.35 -5.91
C ARG A 157 -0.66 -20.98 -7.23
N GLU A 158 -1.76 -21.74 -7.17
CA GLU A 158 -2.26 -22.45 -8.34
C GLU A 158 -2.91 -21.52 -9.36
N LYS A 159 -3.48 -20.41 -8.89
CA LYS A 159 -4.39 -19.61 -9.70
C LYS A 159 -5.59 -20.44 -10.14
N LYS A 160 -6.19 -21.14 -9.18
CA LYS A 160 -7.38 -21.96 -9.35
C LYS A 160 -8.24 -21.81 -8.10
N PRO A 161 -9.54 -22.02 -8.19
CA PRO A 161 -10.44 -21.73 -7.06
C PRO A 161 -10.35 -22.74 -5.93
N ALA A 162 -10.85 -22.33 -4.76
CA ALA A 162 -10.85 -23.14 -3.55
C ALA A 162 -12.27 -23.19 -2.98
N TYR A 163 -12.45 -23.99 -1.94
CA TYR A 163 -13.75 -24.21 -1.33
C TYR A 163 -13.58 -24.37 0.17
N ILE A 164 -14.51 -23.82 0.94
CA ILE A 164 -14.44 -23.83 2.40
C ILE A 164 -15.83 -23.95 2.99
N GLU A 165 -16.21 -25.13 3.47
CA GLU A 165 -17.48 -25.29 4.17
C GLU A 165 -17.26 -25.19 5.67
N ILE A 166 -18.13 -24.46 6.34
CA ILE A 166 -17.94 -24.09 7.74
C ILE A 166 -19.25 -24.31 8.48
N ALA A 167 -19.24 -25.26 9.41
CA ALA A 167 -20.44 -25.55 10.19
C ALA A 167 -20.97 -24.26 10.80
N CYS A 168 -22.27 -24.03 10.62
CA CYS A 168 -22.90 -22.79 11.09
C CYS A 168 -22.54 -22.48 12.54
N ASN A 169 -22.69 -23.46 13.43
CA ASN A 169 -22.41 -23.23 14.84
C ASN A 169 -20.93 -23.00 15.11
N VAL A 170 -20.04 -23.48 14.24
CA VAL A 170 -18.62 -23.30 14.45
C VAL A 170 -18.19 -21.89 14.07
N ALA A 171 -18.82 -21.31 13.06
CA ALA A 171 -18.43 -19.99 12.59
C ALA A 171 -18.26 -19.01 13.73
N ALA A 172 -19.10 -19.12 14.76
CA ALA A 172 -19.11 -18.17 15.87
C ALA A 172 -17.96 -18.40 16.85
N GLN A 173 -17.48 -19.63 16.98
CA GLN A 173 -16.59 -20.00 18.06
C GLN A 173 -15.26 -19.25 17.98
N PRO A 174 -14.53 -19.15 19.11
CA PRO A 174 -13.30 -18.35 19.12
C PRO A 174 -12.12 -19.09 18.50
N CYS A 175 -11.33 -18.34 17.74
CA CYS A 175 -10.23 -18.89 16.97
C CYS A 175 -8.96 -18.10 17.24
N ALA A 176 -7.86 -18.53 16.62
CA ALA A 176 -6.58 -17.85 16.77
C ALA A 176 -6.58 -16.54 15.98
N ARG A 177 -5.42 -15.78 16.05
CA ARG A 177 -5.26 -14.61 15.21
C ARG A 177 -4.48 -14.95 13.96
N PRO A 178 -4.79 -14.31 12.83
CA PRO A 178 -4.00 -14.58 11.62
C PRO A 178 -2.53 -14.23 11.81
N GLY A 179 -1.68 -15.11 11.30
CA GLY A 179 -0.28 -14.83 11.17
C GLY A 179 -0.05 -13.80 10.09
N PRO A 180 1.21 -13.39 9.94
CA PRO A 180 1.51 -12.39 8.91
C PRO A 180 1.07 -12.90 7.56
N VAL A 181 0.65 -11.96 6.70
CA VAL A 181 0.06 -12.34 5.43
C VAL A 181 1.06 -13.09 4.58
N SER A 182 2.35 -12.76 4.73
CA SER A 182 3.39 -13.37 3.91
C SER A 182 3.33 -14.89 3.94
N ALA A 183 2.78 -15.47 5.01
CA ALA A 183 2.65 -16.91 5.10
C ALA A 183 1.93 -17.48 3.88
N LEU A 184 0.99 -16.73 3.33
CA LEU A 184 0.17 -17.20 2.21
C LEU A 184 0.79 -16.93 0.84
N LEU A 185 1.48 -15.81 0.65
CA LEU A 185 1.80 -15.34 -0.69
C LEU A 185 3.10 -15.89 -1.26
N ASN A 186 4.19 -15.87 -0.49
CA ASN A 186 5.49 -16.25 -1.04
C ASN A 186 5.40 -17.62 -1.70
N GLU A 187 6.11 -17.77 -2.81
CA GLU A 187 5.97 -18.87 -3.74
C GLU A 187 7.28 -19.60 -3.97
N PRO A 188 7.22 -20.87 -4.36
CA PRO A 188 8.44 -21.56 -4.80
C PRO A 188 8.85 -21.00 -6.15
N THR A 189 10.12 -20.66 -6.27
CA THR A 189 10.64 -20.15 -7.53
C THR A 189 11.28 -21.29 -8.32
N SER A 190 11.68 -20.97 -9.54
CA SER A 190 12.27 -21.95 -10.40
C SER A 190 13.56 -22.46 -9.78
N ASP A 191 14.06 -23.56 -10.33
CA ASP A 191 15.39 -24.04 -10.02
C ASP A 191 16.37 -23.44 -11.02
N GLU A 192 17.46 -22.86 -10.53
CA GLU A 192 18.37 -22.12 -11.40
C GLU A 192 18.95 -23.02 -12.50
N GLU A 193 19.28 -24.26 -12.18
CA GLU A 193 19.94 -25.15 -13.15
C GLU A 193 19.01 -25.46 -14.31
N THR A 194 17.77 -25.85 -14.02
CA THR A 194 16.77 -26.00 -15.08
C THR A 194 16.55 -24.67 -15.79
N LEU A 195 16.40 -23.59 -15.02
CA LEU A 195 16.17 -22.28 -15.61
C LEU A 195 17.28 -21.91 -16.58
N LYS A 196 18.53 -22.03 -16.13
CA LYS A 196 19.69 -21.79 -17.00
C LYS A 196 19.56 -22.54 -18.31
N ALA A 197 19.43 -23.86 -18.24
CA ALA A 197 19.36 -24.69 -19.44
C ALA A 197 18.12 -24.35 -20.26
N ALA A 198 16.98 -24.12 -19.61
CA ALA A 198 15.76 -23.77 -20.33
C ALA A 198 16.04 -22.60 -21.27
N VAL A 199 16.65 -21.54 -20.75
CA VAL A 199 16.93 -20.36 -21.56
C VAL A 199 17.88 -20.72 -22.69
N GLU A 200 18.92 -21.50 -22.38
CA GLU A 200 19.95 -21.79 -23.36
C GLU A 200 19.36 -22.49 -24.59
N ALA A 201 18.51 -23.49 -24.35
CA ALA A 201 17.91 -24.23 -25.46
C ALA A 201 16.93 -23.36 -26.23
N ALA A 202 16.28 -22.42 -25.55
CA ALA A 202 15.40 -21.48 -26.24
C ALA A 202 16.20 -20.56 -27.17
N LEU A 203 17.32 -20.03 -26.68
CA LEU A 203 18.17 -19.18 -27.50
C LEU A 203 18.55 -19.87 -28.80
N ASP A 204 18.86 -21.16 -28.75
CA ASP A 204 19.25 -21.88 -29.95
C ASP A 204 18.08 -22.03 -30.92
N PHE A 205 16.87 -22.21 -30.38
CA PHE A 205 15.68 -22.32 -31.23
C PHE A 205 15.56 -21.11 -32.15
N ILE A 206 15.80 -19.90 -31.63
CA ILE A 206 15.66 -18.69 -32.44
C ILE A 206 16.94 -18.40 -33.24
N GLU A 207 18.11 -18.72 -32.70
CA GLU A 207 19.35 -18.35 -33.36
C GLU A 207 19.72 -19.30 -34.49
N LYS A 208 18.99 -20.40 -34.65
CA LYS A 208 19.02 -21.19 -35.88
C LYS A 208 17.88 -20.80 -36.81
N ARG A 209 17.36 -19.58 -36.66
CA ARG A 209 16.26 -19.09 -37.45
C ARG A 209 16.45 -17.60 -37.68
N GLU A 210 15.70 -17.07 -38.65
CA GLU A 210 15.74 -15.64 -38.95
C GLU A 210 14.42 -14.94 -38.74
N LYS A 211 13.30 -15.67 -38.72
CA LYS A 211 11.96 -15.08 -38.73
C LYS A 211 11.11 -15.68 -37.62
N PRO A 212 11.38 -15.32 -36.37
CA PRO A 212 10.55 -15.81 -35.28
C PRO A 212 9.25 -15.04 -35.15
N VAL A 213 8.31 -15.66 -34.41
CA VAL A 213 7.03 -15.05 -34.07
C VAL A 213 6.77 -15.24 -32.58
N LEU A 214 5.97 -14.34 -32.02
CA LEU A 214 5.49 -14.47 -30.65
C LEU A 214 4.00 -14.73 -30.68
N LEU A 215 3.55 -15.68 -29.86
CA LEU A 215 2.14 -15.96 -29.68
C LEU A 215 1.83 -15.87 -28.19
N VAL A 216 0.87 -15.02 -27.85
CA VAL A 216 0.52 -14.75 -26.46
C VAL A 216 -0.66 -15.65 -26.08
N GLY A 217 -0.48 -16.45 -25.03
CA GLY A 217 -1.50 -17.40 -24.62
C GLY A 217 -2.47 -16.84 -23.59
N GLY A 218 -3.55 -17.59 -23.40
CA GLY A 218 -4.57 -17.17 -22.44
C GLY A 218 -4.09 -17.18 -21.01
N LYS A 219 -3.21 -18.12 -20.64
CA LYS A 219 -2.78 -18.29 -19.26
C LYS A 219 -1.72 -17.29 -18.81
N LEU A 220 -1.44 -16.28 -19.62
CA LEU A 220 -0.38 -15.33 -19.28
C LEU A 220 -0.72 -14.55 -18.01
N ARG A 221 -1.98 -14.15 -17.85
CA ARG A 221 -2.33 -13.30 -16.71
C ARG A 221 -2.15 -14.05 -15.38
N ALA A 222 -2.42 -15.36 -15.36
CA ALA A 222 -2.22 -16.12 -14.13
C ALA A 222 -0.75 -16.20 -13.74
N ALA A 223 0.15 -16.25 -14.73
CA ALA A 223 1.57 -16.28 -14.45
C ALA A 223 2.10 -14.92 -14.00
N GLY A 224 1.34 -13.85 -14.16
CA GLY A 224 1.79 -12.53 -13.80
C GLY A 224 2.88 -12.00 -14.71
N ALA A 225 2.92 -12.46 -15.96
CA ALA A 225 4.04 -12.21 -16.84
C ALA A 225 3.73 -11.19 -17.93
N GLU A 226 2.61 -10.46 -17.84
CA GLU A 226 2.28 -9.50 -18.88
C GLU A 226 3.40 -8.47 -19.07
N GLU A 227 4.08 -8.09 -17.99
CA GLU A 227 5.20 -7.15 -18.11
C GLU A 227 6.36 -7.77 -18.88
N ALA A 228 6.79 -8.97 -18.47
CA ALA A 228 7.99 -9.57 -19.03
C ALA A 228 7.83 -9.97 -20.49
N VAL A 229 6.60 -10.12 -20.97
CA VAL A 229 6.37 -10.33 -22.40
C VAL A 229 6.68 -9.06 -23.18
N VAL A 230 6.31 -7.91 -22.62
CA VAL A 230 6.59 -6.63 -23.27
C VAL A 230 8.10 -6.41 -23.40
N GLU A 231 8.87 -6.75 -22.36
CA GLU A 231 10.31 -6.58 -22.40
C GLU A 231 11.00 -7.61 -23.30
N LEU A 232 10.34 -8.74 -23.58
CA LEU A 232 10.82 -9.69 -24.58
C LEU A 232 10.47 -9.24 -25.99
N ALA A 233 9.20 -8.90 -26.22
CA ALA A 233 8.79 -8.46 -27.54
C ALA A 233 9.65 -7.31 -28.06
N ASP A 234 10.11 -6.45 -27.15
CA ASP A 234 10.96 -5.33 -27.55
C ASP A 234 12.41 -5.78 -27.74
N ALA A 235 12.98 -6.44 -26.72
CA ALA A 235 14.36 -6.88 -26.78
C ALA A 235 14.58 -7.87 -27.92
N LEU A 236 13.52 -8.58 -28.31
CA LEU A 236 13.57 -9.49 -29.45
C LEU A 236 13.11 -8.80 -30.74
N GLY A 237 12.07 -7.96 -30.68
CA GLY A 237 11.65 -7.15 -31.81
C GLY A 237 10.73 -7.83 -32.78
N CYS A 238 10.49 -9.12 -32.62
CA CYS A 238 9.76 -9.89 -33.62
C CYS A 238 8.26 -9.58 -33.55
N ALA A 239 7.54 -10.16 -34.52
CA ALA A 239 6.11 -9.89 -34.71
C ALA A 239 5.29 -10.65 -33.68
N VAL A 240 4.60 -9.93 -32.80
CA VAL A 240 3.79 -10.51 -31.74
C VAL A 240 2.35 -10.67 -32.23
N ALA A 241 1.65 -11.68 -31.71
CA ALA A 241 0.23 -11.90 -31.98
C ALA A 241 -0.41 -12.59 -30.79
N THR A 242 -1.68 -12.26 -30.54
CA THR A 242 -2.41 -12.86 -29.44
C THR A 242 -3.32 -13.98 -29.92
N MET A 243 -3.72 -14.83 -28.97
CA MET A 243 -4.49 -16.02 -29.27
C MET A 243 -5.98 -15.70 -29.28
N ALA A 244 -6.80 -16.73 -29.42
CA ALA A 244 -8.25 -16.59 -29.29
C ALA A 244 -8.60 -15.82 -28.03
N ALA A 245 -8.22 -16.36 -26.88
CA ALA A 245 -8.27 -15.60 -25.64
C ALA A 245 -7.11 -14.60 -25.63
N ALA A 246 -6.74 -14.10 -24.45
CA ALA A 246 -5.58 -13.22 -24.30
C ALA A 246 -5.68 -11.95 -25.17
N LYS A 247 -6.89 -11.58 -25.60
CA LYS A 247 -7.09 -10.29 -26.24
C LYS A 247 -6.92 -9.19 -25.20
N SER A 248 -6.03 -8.24 -25.47
CA SER A 248 -5.68 -7.17 -24.54
C SER A 248 -4.79 -7.66 -23.41
N PHE A 249 -4.13 -8.81 -23.58
CA PHE A 249 -3.09 -9.23 -22.67
C PHE A 249 -1.73 -8.68 -23.09
N PHE A 250 -1.58 -8.39 -24.38
CA PHE A 250 -0.45 -7.63 -24.91
C PHE A 250 -0.94 -6.30 -25.46
N PRO A 251 -0.22 -5.19 -25.23
CA PRO A 251 -0.72 -3.89 -25.72
C PRO A 251 -0.61 -3.79 -27.22
N GLU A 252 -1.62 -3.19 -27.83
CA GLU A 252 -1.68 -3.11 -29.28
C GLU A 252 -0.96 -1.88 -29.81
N ASP A 253 -0.32 -1.10 -28.94
CA ASP A 253 0.55 -0.03 -29.40
C ASP A 253 1.84 -0.59 -29.99
N HIS A 254 2.57 -1.39 -29.19
CA HIS A 254 3.98 -1.68 -29.42
C HIS A 254 4.24 -2.19 -30.84
N PRO A 255 5.44 -1.92 -31.37
CA PRO A 255 5.65 -2.07 -32.82
C PRO A 255 5.45 -3.49 -33.35
N GLY A 256 5.73 -4.51 -32.55
CA GLY A 256 5.67 -5.89 -33.02
C GLY A 256 4.27 -6.45 -33.11
N TYR A 257 3.29 -5.82 -32.46
CA TYR A 257 1.96 -6.40 -32.38
C TYR A 257 1.29 -6.41 -33.75
N VAL A 258 1.02 -7.61 -34.26
CA VAL A 258 0.34 -7.74 -35.54
C VAL A 258 -1.18 -7.73 -35.35
N GLY A 259 -1.69 -8.60 -34.49
CA GLY A 259 -3.11 -8.68 -34.25
C GLY A 259 -3.49 -9.91 -33.46
N THR A 260 -4.51 -10.63 -33.93
CA THR A 260 -5.00 -11.83 -33.26
C THR A 260 -4.79 -13.04 -34.16
N TYR A 261 -4.15 -14.08 -33.63
CA TYR A 261 -4.04 -15.36 -34.32
C TYR A 261 -5.12 -16.30 -33.78
N TRP A 262 -5.96 -16.81 -34.69
CA TRP A 262 -7.04 -17.70 -34.32
C TRP A 262 -7.37 -18.59 -35.51
N GLY A 263 -6.34 -19.19 -36.11
CA GLY A 263 -6.51 -20.05 -37.25
C GLY A 263 -6.94 -19.29 -38.50
N GLU A 264 -7.75 -19.96 -39.32
CA GLU A 264 -8.21 -19.36 -40.57
C GLU A 264 -9.26 -18.28 -40.36
N VAL A 265 -9.59 -17.93 -39.12
CA VAL A 265 -10.45 -16.80 -38.83
C VAL A 265 -9.65 -15.78 -38.03
N SER A 266 -8.35 -15.66 -38.32
CA SER A 266 -7.53 -14.66 -37.66
C SER A 266 -7.83 -13.28 -38.21
N SER A 267 -7.77 -12.28 -37.34
CA SER A 267 -8.00 -10.91 -37.78
C SER A 267 -7.02 -10.60 -38.91
N PRO A 268 -7.42 -9.76 -39.87
CA PRO A 268 -6.67 -9.63 -41.13
C PRO A 268 -5.16 -9.61 -40.97
N GLY A 269 -4.50 -10.45 -41.75
CA GLY A 269 -3.06 -10.38 -41.93
C GLY A 269 -2.22 -10.99 -40.84
N VAL A 270 -2.81 -11.84 -40.00
CA VAL A 270 -2.07 -12.47 -38.91
C VAL A 270 -1.89 -13.96 -39.13
N GLU A 271 -2.80 -14.62 -39.83
CA GLU A 271 -2.58 -16.04 -40.11
C GLU A 271 -1.33 -16.20 -40.94
N GLU A 272 -1.10 -15.28 -41.87
CA GLU A 272 0.02 -15.44 -42.80
C GLU A 272 1.35 -15.34 -42.07
N ILE A 273 1.47 -14.42 -41.11
CA ILE A 273 2.78 -14.21 -40.49
C ILE A 273 3.24 -15.48 -39.76
N VAL A 274 2.33 -16.18 -39.09
CA VAL A 274 2.73 -17.34 -38.31
C VAL A 274 3.03 -18.52 -39.21
N ASP A 275 2.18 -18.75 -40.22
CA ASP A 275 2.45 -19.85 -41.16
C ASP A 275 3.80 -19.68 -41.82
N TRP A 276 4.12 -18.44 -42.23
CA TRP A 276 5.34 -18.20 -42.98
C TRP A 276 6.58 -18.37 -42.12
N ALA A 277 6.45 -18.16 -40.81
CA ALA A 277 7.61 -17.83 -40.00
C ALA A 277 8.40 -19.06 -39.56
N ASP A 278 9.61 -18.78 -39.07
CA ASP A 278 10.49 -19.80 -38.50
C ASP A 278 10.20 -19.87 -37.01
N GLY A 279 9.37 -20.82 -36.62
CA GLY A 279 9.12 -21.09 -35.23
C GLY A 279 8.16 -20.11 -34.58
N ILE A 280 7.52 -20.58 -33.51
CA ILE A 280 6.48 -19.84 -32.81
C ILE A 280 6.70 -20.00 -31.30
N ILE A 281 6.55 -18.91 -30.55
CA ILE A 281 6.84 -18.93 -29.11
C ILE A 281 5.57 -18.74 -28.29
N CYS A 282 4.82 -19.82 -28.08
CA CYS A 282 3.56 -19.74 -27.37
C CYS A 282 3.81 -19.59 -25.87
N LEU A 283 3.23 -18.54 -25.30
CA LEU A 283 3.42 -18.21 -23.89
C LEU A 283 2.15 -18.55 -23.12
N GLY A 284 2.05 -19.82 -22.69
CA GLY A 284 0.95 -20.28 -21.88
C GLY A 284 -0.39 -20.40 -22.61
N PRO A 285 -0.40 -21.03 -23.78
CA PRO A 285 -1.62 -21.10 -24.58
C PRO A 285 -2.61 -22.13 -24.05
N VAL A 286 -3.81 -22.09 -24.64
CA VAL A 286 -4.87 -23.03 -24.32
C VAL A 286 -5.50 -23.51 -25.63
N PHE A 287 -4.86 -24.47 -26.27
CA PHE A 287 -5.36 -25.00 -27.54
C PHE A 287 -6.45 -26.04 -27.26
N ASN A 288 -7.58 -25.90 -27.92
CA ASN A 288 -8.69 -26.83 -27.76
C ASN A 288 -9.62 -26.67 -28.95
N ASP A 289 -10.66 -27.50 -28.97
CA ASP A 289 -11.54 -27.60 -30.14
C ASP A 289 -12.05 -26.24 -30.60
N TYR A 290 -12.12 -25.25 -29.72
CA TYR A 290 -12.52 -23.91 -30.13
C TYR A 290 -11.30 -23.06 -30.48
N SER A 291 -10.27 -23.07 -29.63
CA SER A 291 -9.10 -22.23 -29.88
C SER A 291 -8.39 -22.63 -31.16
N THR A 292 -8.34 -23.92 -31.44
CA THR A 292 -7.72 -24.42 -32.66
C THR A 292 -8.68 -24.43 -33.84
N VAL A 293 -9.93 -24.04 -33.62
CA VAL A 293 -10.91 -23.85 -34.68
C VAL A 293 -11.14 -25.18 -35.43
N GLY A 294 -11.66 -26.16 -34.72
CA GLY A 294 -11.92 -27.45 -35.32
C GLY A 294 -10.68 -28.30 -35.45
N TRP A 295 -9.70 -28.06 -34.58
CA TRP A 295 -8.41 -28.75 -34.59
C TRP A 295 -7.61 -28.46 -35.86
N THR A 296 -7.84 -27.32 -36.48
CA THR A 296 -7.12 -26.97 -37.70
C THR A 296 -5.88 -26.12 -37.42
N ALA A 297 -5.93 -25.25 -36.41
CA ALA A 297 -4.91 -24.24 -36.14
C ALA A 297 -4.27 -24.55 -34.79
N TRP A 298 -3.39 -25.55 -34.78
CA TRP A 298 -2.77 -26.04 -33.55
C TRP A 298 -1.28 -26.21 -33.80
N PRO A 299 -0.44 -25.30 -33.30
CA PRO A 299 1.01 -25.41 -33.49
C PRO A 299 1.60 -26.74 -33.00
N LYS A 300 2.62 -27.17 -33.72
CA LYS A 300 3.25 -28.49 -33.53
C LYS A 300 4.28 -28.42 -32.42
N GLY A 301 5.45 -29.02 -32.63
CA GLY A 301 6.49 -29.05 -31.63
C GLY A 301 7.89 -28.80 -32.18
N GLU A 302 8.15 -29.27 -33.40
CA GLU A 302 9.46 -29.06 -34.01
C GLU A 302 9.76 -27.57 -34.13
N ASN A 303 8.81 -26.81 -34.67
CA ASN A 303 8.94 -25.36 -34.81
C ASN A 303 8.11 -24.63 -33.77
N VAL A 304 8.17 -25.06 -32.51
CA VAL A 304 7.37 -24.43 -31.46
C VAL A 304 8.12 -24.50 -30.14
N VAL A 305 8.17 -23.37 -29.44
CA VAL A 305 8.50 -23.34 -28.02
C VAL A 305 7.19 -23.17 -27.26
N LEU A 306 6.94 -24.05 -26.30
CA LEU A 306 5.74 -23.99 -25.49
C LEU A 306 6.15 -23.64 -24.06
N VAL A 307 5.75 -22.45 -23.61
CA VAL A 307 6.16 -21.98 -22.29
C VAL A 307 4.96 -21.92 -21.36
N ASP A 308 4.43 -23.10 -21.03
CA ASP A 308 3.29 -23.20 -20.14
C ASP A 308 3.68 -22.75 -18.74
N PRO A 309 2.71 -22.57 -17.85
CA PRO A 309 3.00 -21.86 -16.60
C PRO A 309 4.17 -22.43 -15.81
N HIS A 310 4.28 -23.75 -15.70
CA HIS A 310 5.28 -24.36 -14.84
C HIS A 310 6.17 -25.37 -15.56
N HIS A 311 6.05 -25.52 -16.87
CA HIS A 311 6.82 -26.55 -17.57
C HIS A 311 6.98 -26.17 -19.03
N ILE A 312 8.23 -26.21 -19.50
CA ILE A 312 8.64 -25.60 -20.76
C ILE A 312 9.16 -26.69 -21.68
N THR A 313 8.49 -26.88 -22.81
CA THR A 313 8.99 -27.76 -23.86
C THR A 313 9.65 -26.93 -24.95
N VAL A 314 10.88 -27.32 -25.31
CA VAL A 314 11.54 -26.83 -26.51
C VAL A 314 11.78 -28.04 -27.40
N GLY A 315 11.88 -27.80 -28.70
CA GLY A 315 12.06 -28.89 -29.64
C GLY A 315 13.07 -29.93 -29.17
N GLY A 316 12.57 -31.12 -28.81
CA GLY A 316 13.41 -32.22 -28.39
C GLY A 316 13.86 -32.21 -26.94
N GLU A 317 13.31 -31.34 -26.09
CA GLU A 317 13.70 -31.32 -24.69
C GLU A 317 12.51 -30.86 -23.85
N GLU A 318 12.55 -31.22 -22.56
CA GLU A 318 11.52 -30.80 -21.63
C GLU A 318 12.16 -30.23 -20.37
N PHE A 319 11.41 -29.37 -19.68
CA PHE A 319 11.86 -28.77 -18.43
C PHE A 319 10.65 -28.60 -17.52
N THR A 320 10.85 -28.88 -16.23
CA THR A 320 9.81 -28.68 -15.23
C THR A 320 10.46 -28.07 -14.01
N GLY A 321 9.63 -27.54 -13.12
CA GLY A 321 10.15 -26.81 -11.99
C GLY A 321 10.60 -25.42 -12.33
N ILE A 322 10.08 -24.84 -13.41
CA ILE A 322 10.38 -23.47 -13.80
C ILE A 322 9.10 -22.66 -13.62
N HIS A 323 9.15 -21.39 -14.03
CA HIS A 323 7.96 -20.55 -14.09
C HIS A 323 8.02 -19.72 -15.36
N LEU A 324 6.85 -19.50 -15.97
CA LEU A 324 6.77 -18.68 -17.17
C LEU A 324 7.46 -17.33 -16.97
N LYS A 325 7.17 -16.66 -15.84
CA LYS A 325 7.73 -15.35 -15.60
C LYS A 325 9.26 -15.40 -15.49
N ASP A 326 9.77 -16.24 -14.58
CA ASP A 326 11.21 -16.34 -14.39
C ASP A 326 11.92 -16.74 -15.68
N PHE A 327 11.23 -17.47 -16.55
CA PHE A 327 11.80 -17.82 -17.86
C PHE A 327 11.87 -16.61 -18.78
N LEU A 328 10.79 -15.81 -18.85
CA LEU A 328 10.79 -14.63 -19.69
C LEU A 328 11.59 -13.47 -19.11
N THR A 329 11.93 -13.51 -17.83
CA THR A 329 12.87 -12.51 -17.31
C THR A 329 14.29 -12.82 -17.76
N ALA A 330 14.77 -14.04 -17.49
CA ALA A 330 16.12 -14.41 -17.87
C ALA A 330 16.29 -14.50 -19.39
N LEU A 331 15.22 -14.65 -20.15
CA LEU A 331 15.33 -14.70 -21.61
C LEU A 331 15.55 -13.31 -22.19
N THR A 332 14.90 -12.29 -21.62
CA THR A 332 14.92 -10.94 -22.16
C THR A 332 16.24 -10.24 -21.89
N GLU A 333 17.34 -10.97 -22.05
CA GLU A 333 18.66 -10.42 -21.77
C GLU A 333 19.66 -10.99 -22.76
N ARG A 334 19.67 -12.31 -22.86
CA ARG A 334 20.52 -13.02 -23.81
C ARG A 334 19.92 -13.06 -25.20
N VAL A 335 18.71 -12.55 -25.36
CA VAL A 335 18.00 -12.73 -26.63
C VAL A 335 18.58 -11.74 -27.65
N PRO A 336 18.90 -12.19 -28.85
CA PRO A 336 19.25 -11.26 -29.94
C PRO A 336 18.00 -10.76 -30.64
N LYS A 337 18.18 -9.72 -31.45
CA LYS A 337 17.04 -9.01 -32.03
C LYS A 337 16.84 -9.54 -33.45
N LYS A 338 15.86 -10.43 -33.60
CA LYS A 338 15.46 -10.96 -34.90
C LYS A 338 14.06 -10.48 -35.21
N ASP A 339 13.81 -10.16 -36.49
CA ASP A 339 12.58 -9.48 -36.87
C ASP A 339 11.90 -10.19 -38.05
N ALA A 340 10.56 -10.05 -38.09
CA ALA A 340 9.74 -10.59 -39.17
C ALA A 340 8.65 -9.57 -39.48
N THR A 341 9.05 -8.40 -39.99
CA THR A 341 8.10 -7.35 -40.29
C THR A 341 7.01 -7.85 -41.24
N LEU A 342 5.83 -7.22 -41.14
CA LEU A 342 4.71 -7.63 -41.96
C LEU A 342 4.90 -7.18 -43.41
N ASP A 343 5.15 -5.89 -43.61
CA ASP A 343 5.49 -5.39 -44.94
C ASP A 343 6.28 -4.10 -44.85
N ALA A 359 -16.71 5.09 -42.37
CA ALA A 359 -17.97 5.43 -41.75
C ALA A 359 -19.13 4.68 -42.43
N ALA A 360 -20.32 4.73 -41.82
CA ALA A 360 -21.52 4.17 -42.40
C ALA A 360 -22.67 5.16 -42.19
N ASP A 361 -23.86 4.83 -42.78
CA ASP A 361 -24.98 5.75 -42.89
C ASP A 361 -25.87 5.68 -41.66
N PRO A 362 -26.37 6.82 -41.16
CA PRO A 362 -27.35 6.77 -40.07
C PRO A 362 -28.76 6.64 -40.63
N ASN A 363 -29.76 6.59 -39.76
CA ASN A 363 -31.16 6.54 -40.19
C ASN A 363 -31.55 5.15 -40.69
N ALA A 364 -30.68 4.51 -41.48
CA ALA A 364 -31.04 3.23 -42.07
C ALA A 364 -30.98 2.11 -41.03
N PRO A 365 -31.50 0.92 -41.37
CA PRO A 365 -31.50 -0.18 -40.40
C PRO A 365 -30.09 -0.49 -39.90
N LEU A 366 -30.00 -0.87 -38.62
CA LEU A 366 -28.71 -1.01 -37.97
C LEU A 366 -28.02 -2.30 -38.37
N THR A 367 -26.76 -2.18 -38.76
CA THR A 367 -25.93 -3.31 -39.19
C THR A 367 -24.92 -3.66 -38.11
N ARG A 368 -24.54 -4.94 -38.10
CA ARG A 368 -23.51 -5.37 -37.15
C ARG A 368 -22.22 -4.62 -37.37
N ALA A 369 -21.96 -4.21 -38.61
CA ALA A 369 -20.76 -3.44 -38.88
C ALA A 369 -20.85 -2.06 -38.23
N GLU A 370 -22.05 -1.47 -38.24
CA GLU A 370 -22.18 -0.12 -37.72
C GLU A 370 -21.91 -0.07 -36.23
N LEU A 371 -22.61 -0.88 -35.43
CA LEU A 371 -22.46 -0.73 -33.99
C LEU A 371 -21.14 -1.31 -33.49
N CYS A 372 -20.59 -2.32 -34.17
CA CYS A 372 -19.24 -2.73 -33.85
C CYS A 372 -18.26 -1.59 -34.11
N ARG A 373 -18.54 -0.78 -35.14
CA ARG A 373 -17.75 0.41 -35.39
C ARG A 373 -18.02 1.46 -34.32
N GLN A 374 -19.29 1.75 -34.06
CA GLN A 374 -19.62 2.85 -33.16
C GLN A 374 -19.26 2.51 -31.72
N ILE A 375 -19.34 1.22 -31.35
CA ILE A 375 -18.91 0.84 -30.01
C ILE A 375 -17.42 1.06 -29.85
N GLN A 376 -16.65 0.89 -30.92
CA GLN A 376 -15.22 1.15 -30.83
C GLN A 376 -14.92 2.61 -30.52
N GLY A 377 -15.90 3.51 -30.72
CA GLY A 377 -15.71 4.89 -30.31
C GLY A 377 -15.51 5.03 -28.81
N LEU A 378 -16.17 4.17 -28.04
CA LEU A 378 -16.15 4.28 -26.59
C LEU A 378 -14.79 3.94 -26.00
N LEU A 379 -13.90 3.32 -26.75
CA LEU A 379 -12.74 2.64 -26.17
C LEU A 379 -11.72 3.68 -25.71
N ASN A 380 -11.78 4.00 -24.43
CA ASN A 380 -10.91 4.83 -23.63
C ASN A 380 -9.88 3.98 -22.91
N PRO A 381 -8.64 4.45 -22.74
CA PRO A 381 -7.68 3.74 -21.89
C PRO A 381 -8.18 3.40 -20.50
N ASN A 382 -9.28 4.00 -20.06
CA ASN A 382 -9.90 3.66 -18.80
C ASN A 382 -11.18 2.87 -19.05
N THR A 383 -11.11 1.94 -20.03
CA THR A 383 -12.26 1.15 -20.43
C THR A 383 -11.92 -0.34 -20.36
N THR A 384 -12.90 -1.12 -19.91
CA THR A 384 -12.84 -2.58 -19.94
C THR A 384 -14.05 -3.10 -20.70
N LEU A 385 -13.80 -3.77 -21.83
CA LEU A 385 -14.84 -4.31 -22.69
C LEU A 385 -15.08 -5.76 -22.31
N ILE A 386 -16.26 -6.05 -21.78
CA ILE A 386 -16.64 -7.41 -21.39
C ILE A 386 -17.48 -8.01 -22.52
N ALA A 387 -16.88 -8.94 -23.26
CA ALA A 387 -17.52 -9.54 -24.43
C ALA A 387 -18.06 -10.91 -24.08
N GLU A 388 -19.37 -11.08 -24.21
CA GLU A 388 -20.03 -12.33 -23.83
C GLU A 388 -19.85 -13.41 -24.90
N THR A 389 -19.92 -14.66 -24.45
CA THR A 389 -20.00 -15.79 -25.37
C THR A 389 -21.12 -15.56 -26.36
N GLY A 390 -20.85 -15.82 -27.63
CA GLY A 390 -21.73 -15.51 -28.72
C GLY A 390 -20.93 -14.98 -29.88
N ASP A 391 -21.61 -14.36 -30.83
CA ASP A 391 -20.89 -13.65 -31.89
C ASP A 391 -20.08 -12.50 -31.30
N SER A 392 -20.51 -11.96 -30.15
CA SER A 392 -19.80 -10.84 -29.53
C SER A 392 -18.33 -11.14 -29.32
N TRP A 393 -17.96 -12.43 -29.24
CA TRP A 393 -16.54 -12.80 -29.20
C TRP A 393 -15.79 -12.17 -30.37
N PHE A 394 -16.33 -12.37 -31.58
CA PHE A 394 -15.61 -12.03 -32.80
C PHE A 394 -15.56 -10.54 -33.05
N ASN A 395 -16.60 -9.80 -32.64
CA ASN A 395 -16.57 -8.35 -32.73
C ASN A 395 -15.41 -7.78 -31.92
N ALA A 396 -15.30 -8.18 -30.65
CA ALA A 396 -14.23 -7.66 -29.80
C ALA A 396 -12.86 -7.95 -30.39
N MET A 397 -12.71 -9.09 -31.06
CA MET A 397 -11.39 -9.47 -31.57
C MET A 397 -11.01 -8.72 -32.84
N ARG A 398 -11.92 -7.93 -33.41
CA ARG A 398 -11.61 -7.03 -34.50
C ARG A 398 -11.29 -5.62 -34.03
N MET A 399 -11.78 -5.24 -32.85
CA MET A 399 -11.70 -3.86 -32.40
C MET A 399 -10.28 -3.49 -31.97
N LYS A 400 -9.82 -2.34 -32.45
CA LYS A 400 -8.54 -1.79 -32.02
C LYS A 400 -8.66 -1.25 -30.59
N LEU A 401 -7.61 -1.46 -29.79
CA LEU A 401 -7.64 -1.14 -28.37
C LEU A 401 -6.58 -0.11 -27.99
N PRO A 402 -6.94 0.92 -27.23
CA PRO A 402 -5.92 1.84 -26.73
C PRO A 402 -5.06 1.19 -25.66
N HIS A 403 -3.93 1.82 -25.39
CA HIS A 403 -3.08 1.38 -24.30
C HIS A 403 -3.82 1.51 -22.98
N GLY A 404 -3.70 0.48 -22.14
CA GLY A 404 -4.42 0.45 -20.89
C GLY A 404 -5.85 -0.04 -20.99
N ALA A 405 -6.37 -0.22 -22.21
CA ALA A 405 -7.71 -0.73 -22.39
C ALA A 405 -7.71 -2.24 -22.25
N ARG A 406 -8.73 -2.76 -21.57
CA ARG A 406 -8.85 -4.17 -21.26
C ARG A 406 -10.01 -4.81 -22.00
N VAL A 407 -9.89 -6.11 -22.22
CA VAL A 407 -10.99 -6.92 -22.74
C VAL A 407 -11.05 -8.19 -21.89
N GLU A 408 -12.27 -8.63 -21.57
CA GLU A 408 -12.51 -9.81 -20.75
C GLU A 408 -13.39 -10.78 -21.53
N LEU A 409 -12.82 -11.94 -21.86
CA LEU A 409 -13.51 -13.07 -22.46
C LEU A 409 -13.60 -14.20 -21.44
N GLU A 410 -14.56 -15.10 -21.65
CA GLU A 410 -14.66 -16.35 -20.89
C GLU A 410 -14.77 -17.51 -21.88
N MET A 411 -13.64 -17.85 -22.51
CA MET A 411 -13.71 -18.78 -23.61
C MET A 411 -13.60 -20.23 -23.15
N GLN A 412 -12.75 -20.53 -22.18
CA GLN A 412 -12.56 -21.90 -21.76
C GLN A 412 -13.86 -22.51 -21.25
N TRP A 413 -14.58 -21.78 -20.39
CA TRP A 413 -15.84 -22.26 -19.81
C TRP A 413 -17.05 -21.92 -20.66
N GLY A 414 -17.18 -20.65 -21.06
CA GLY A 414 -18.17 -20.29 -22.04
C GLY A 414 -19.61 -20.37 -21.57
N HIS A 415 -19.86 -20.26 -20.26
CA HIS A 415 -21.23 -20.17 -19.76
C HIS A 415 -21.86 -18.87 -20.25
N ILE A 416 -22.94 -18.96 -21.02
CA ILE A 416 -23.62 -17.76 -21.49
C ILE A 416 -24.41 -17.17 -20.34
N GLY A 417 -24.44 -15.84 -20.26
CA GLY A 417 -24.90 -15.16 -19.09
C GLY A 417 -23.82 -14.87 -18.08
N TRP A 418 -22.61 -15.40 -18.29
CA TRP A 418 -21.49 -15.06 -17.42
C TRP A 418 -21.24 -13.57 -17.39
N SER A 419 -21.31 -12.91 -18.55
CA SER A 419 -20.94 -11.50 -18.66
C SER A 419 -21.62 -10.63 -17.61
N VAL A 420 -22.94 -10.77 -17.49
CA VAL A 420 -23.75 -9.85 -16.68
C VAL A 420 -23.27 -9.88 -15.22
N PRO A 421 -23.31 -11.00 -14.51
CA PRO A 421 -22.83 -10.96 -13.12
C PRO A 421 -21.36 -10.65 -13.00
N ALA A 422 -20.54 -11.06 -13.99
CA ALA A 422 -19.11 -10.78 -13.97
C ALA A 422 -18.80 -9.33 -14.31
N THR A 423 -19.69 -8.66 -15.05
CA THR A 423 -19.56 -7.22 -15.25
C THR A 423 -19.90 -6.47 -13.96
N PHE A 424 -21.01 -6.84 -13.31
CA PHE A 424 -21.31 -6.33 -11.98
C PHE A 424 -20.13 -6.45 -11.04
N GLY A 425 -19.51 -7.63 -10.99
CA GLY A 425 -18.39 -7.83 -10.09
C GLY A 425 -17.15 -7.05 -10.48
N TYR A 426 -16.74 -7.14 -11.75
CA TYR A 426 -15.61 -6.36 -12.22
C TYR A 426 -15.79 -4.89 -11.88
N ALA A 427 -17.03 -4.39 -11.99
CA ALA A 427 -17.28 -2.97 -11.77
C ALA A 427 -17.15 -2.58 -10.30
N VAL A 428 -17.48 -3.48 -9.38
CA VAL A 428 -17.32 -3.18 -7.97
C VAL A 428 -15.86 -2.95 -7.61
N ALA A 429 -14.96 -3.66 -8.28
CA ALA A 429 -13.53 -3.51 -7.99
C ALA A 429 -12.93 -2.32 -8.74
N GLU A 430 -13.40 -2.04 -9.94
CA GLU A 430 -12.92 -0.93 -10.77
C GLU A 430 -14.10 -0.06 -11.16
N PRO A 431 -14.71 0.65 -10.20
CA PRO A 431 -15.92 1.42 -10.51
C PRO A 431 -15.68 2.69 -11.33
N GLU A 432 -14.47 3.27 -11.28
CA GLU A 432 -14.20 4.50 -12.02
C GLU A 432 -13.88 4.26 -13.48
N ARG A 433 -13.69 3.01 -13.89
CA ARG A 433 -13.45 2.69 -15.29
C ARG A 433 -14.76 2.77 -16.06
N ARG A 434 -14.63 2.86 -17.38
CA ARG A 434 -15.77 2.83 -18.29
C ARG A 434 -16.01 1.36 -18.62
N ASN A 435 -17.01 0.76 -17.97
CA ASN A 435 -17.24 -0.67 -18.08
C ASN A 435 -18.32 -0.94 -19.12
N VAL A 436 -17.95 -1.61 -20.20
CA VAL A 436 -18.78 -1.79 -21.39
C VAL A 436 -19.03 -3.29 -21.62
N LEU A 437 -20.30 -3.64 -21.85
CA LEU A 437 -20.73 -5.03 -21.89
C LEU A 437 -21.38 -5.34 -23.23
N MET A 438 -20.76 -6.22 -24.00
CA MET A 438 -21.37 -6.75 -25.22
C MET A 438 -22.00 -8.11 -24.92
N VAL A 439 -23.32 -8.15 -24.87
CA VAL A 439 -24.04 -9.39 -24.52
C VAL A 439 -25.18 -9.60 -25.50
N GLY A 440 -25.34 -10.84 -25.98
CA GLY A 440 -26.42 -11.18 -26.87
C GLY A 440 -27.76 -11.30 -26.17
N ASP A 441 -28.82 -11.35 -26.98
CA ASP A 441 -30.17 -11.47 -26.44
C ASP A 441 -30.33 -12.71 -25.57
N GLY A 442 -29.83 -13.86 -26.04
CA GLY A 442 -30.03 -15.12 -25.37
C GLY A 442 -29.20 -15.29 -24.11
N SER A 443 -27.92 -14.93 -24.20
CA SER A 443 -27.06 -14.94 -23.01
C SER A 443 -27.68 -14.11 -21.89
N PHE A 444 -28.13 -12.90 -22.22
CA PHE A 444 -28.66 -11.96 -21.22
C PHE A 444 -29.77 -12.60 -20.39
N GLN A 445 -30.60 -13.44 -21.01
CA GLN A 445 -31.77 -13.97 -20.32
C GLN A 445 -31.39 -14.89 -19.16
N LEU A 446 -30.23 -15.55 -19.23
CA LEU A 446 -29.89 -16.52 -18.20
C LEU A 446 -29.61 -15.85 -16.87
N THR A 447 -29.03 -14.65 -16.89
CA THR A 447 -28.55 -14.02 -15.66
C THR A 447 -28.97 -12.56 -15.58
N ALA A 448 -30.13 -12.20 -16.14
CA ALA A 448 -30.45 -10.79 -16.30
C ALA A 448 -30.63 -10.10 -14.96
N GLN A 449 -31.21 -10.80 -13.98
CA GLN A 449 -31.59 -10.14 -12.73
C GLN A 449 -30.42 -9.51 -12.02
N GLU A 450 -29.19 -9.89 -12.35
CA GLU A 450 -28.07 -9.23 -11.70
C GLU A 450 -27.81 -7.83 -12.22
N VAL A 451 -28.57 -7.36 -13.22
CA VAL A 451 -28.56 -5.93 -13.54
C VAL A 451 -29.17 -5.12 -12.41
N ALA A 452 -30.21 -5.66 -11.76
CA ALA A 452 -30.84 -4.99 -10.62
C ALA A 452 -29.83 -4.66 -9.52
N GLN A 453 -28.74 -5.42 -9.43
CA GLN A 453 -27.70 -5.08 -8.47
C GLN A 453 -26.82 -3.94 -8.98
N MET A 454 -26.57 -3.86 -10.28
CA MET A 454 -25.89 -2.67 -10.80
C MET A 454 -26.67 -1.42 -10.43
N VAL A 455 -27.99 -1.53 -10.38
CA VAL A 455 -28.83 -0.40 -9.96
C VAL A 455 -28.72 -0.18 -8.47
N ARG A 456 -28.79 -1.27 -7.70
CA ARG A 456 -28.66 -1.17 -6.25
C ARG A 456 -27.37 -0.46 -5.85
N ARG A 457 -26.25 -0.89 -6.42
CA ARG A 457 -24.96 -0.27 -6.13
C ARG A 457 -24.71 1.01 -6.91
N LYS A 458 -25.56 1.32 -7.89
CA LYS A 458 -25.41 2.52 -8.71
C LYS A 458 -24.04 2.53 -9.39
N LEU A 459 -23.89 1.63 -10.36
CA LEU A 459 -22.65 1.50 -11.09
C LEU A 459 -22.82 1.97 -12.53
N PRO A 460 -21.75 2.87 -13.12
CA PRO A 460 -21.84 3.39 -14.50
C PRO A 460 -21.42 2.37 -15.54
N ILE A 461 -22.29 1.39 -15.77
CA ILE A 461 -22.05 0.32 -16.74
C ILE A 461 -22.87 0.62 -17.98
N ILE A 462 -22.34 0.22 -19.13
CA ILE A 462 -22.94 0.52 -20.43
C ILE A 462 -23.18 -0.82 -21.12
N ILE A 463 -24.42 -1.30 -21.04
CA ILE A 463 -24.78 -2.63 -21.53
C ILE A 463 -25.25 -2.52 -22.97
N PHE A 464 -24.56 -3.22 -23.87
CA PHE A 464 -24.93 -3.27 -25.28
C PHE A 464 -25.63 -4.60 -25.53
N LEU A 465 -26.93 -4.63 -25.32
CA LEU A 465 -27.72 -5.83 -25.53
C LEU A 465 -27.85 -6.09 -27.03
N ILE A 466 -27.00 -6.95 -27.57
CA ILE A 466 -27.00 -7.28 -28.99
C ILE A 466 -28.22 -8.14 -29.31
N ASN A 467 -29.36 -7.51 -29.56
CA ASN A 467 -30.60 -8.25 -29.80
C ASN A 467 -30.67 -8.76 -31.24
N ASN A 468 -30.80 -10.08 -31.42
CA ASN A 468 -30.99 -10.65 -32.75
C ASN A 468 -32.02 -11.77 -32.75
N ARG A 469 -32.76 -11.96 -31.66
CA ARG A 469 -33.83 -12.95 -31.58
C ARG A 469 -33.34 -14.36 -31.93
N GLY A 470 -32.28 -14.80 -31.26
CA GLY A 470 -31.89 -16.20 -31.36
C GLY A 470 -30.48 -16.41 -30.87
N TYR A 471 -30.18 -17.69 -30.63
CA TYR A 471 -28.82 -18.12 -30.33
C TYR A 471 -28.05 -18.14 -31.65
N THR A 472 -27.62 -16.95 -32.09
CA THR A 472 -27.10 -16.82 -33.44
C THR A 472 -25.82 -17.62 -33.62
N ILE A 473 -24.92 -17.60 -32.63
CA ILE A 473 -23.71 -18.43 -32.73
C ILE A 473 -24.08 -19.90 -32.89
N GLU A 474 -25.10 -20.36 -32.16
CA GLU A 474 -25.51 -21.76 -32.25
C GLU A 474 -26.21 -22.05 -33.57
N VAL A 475 -26.80 -21.04 -34.20
CA VAL A 475 -27.43 -21.25 -35.49
C VAL A 475 -26.40 -21.71 -36.50
N LYS A 476 -25.21 -21.12 -36.45
CA LYS A 476 -24.19 -21.36 -37.46
C LYS A 476 -23.24 -22.49 -37.07
N ILE A 477 -23.54 -23.20 -35.98
CA ILE A 477 -22.97 -24.52 -35.72
C ILE A 477 -23.90 -25.61 -36.24
N HIS A 478 -25.16 -25.57 -35.82
CA HIS A 478 -26.16 -26.51 -36.31
C HIS A 478 -27.52 -25.94 -35.97
N ASP A 479 -28.25 -25.46 -36.98
CA ASP A 479 -29.50 -24.73 -36.76
C ASP A 479 -30.63 -25.66 -36.36
N GLY A 480 -31.69 -25.07 -35.80
CA GLY A 480 -32.87 -25.81 -35.42
C GLY A 480 -33.89 -24.93 -34.71
N PRO A 481 -35.00 -25.53 -34.29
CA PRO A 481 -36.00 -24.77 -33.52
C PRO A 481 -35.54 -24.42 -32.12
N TYR A 482 -34.61 -25.22 -31.58
CA TYR A 482 -34.09 -24.98 -30.24
C TYR A 482 -33.31 -23.68 -30.12
N ASN A 483 -32.89 -23.10 -31.24
CA ASN A 483 -32.11 -21.86 -31.21
C ASN A 483 -32.98 -20.61 -31.16
N ASN A 484 -34.26 -20.70 -31.53
CA ASN A 484 -35.17 -19.56 -31.55
C ASN A 484 -35.68 -19.32 -30.13
N ILE A 485 -35.36 -18.16 -29.55
CA ILE A 485 -35.77 -17.85 -28.18
C ILE A 485 -36.85 -16.79 -28.18
N LYS A 486 -37.73 -16.88 -27.18
CA LYS A 486 -38.71 -15.85 -26.90
C LYS A 486 -38.01 -14.50 -26.77
N ASN A 487 -38.59 -13.49 -27.39
CA ASN A 487 -38.04 -12.14 -27.34
C ASN A 487 -38.67 -11.34 -26.20
N TRP A 488 -37.88 -10.50 -25.56
CA TRP A 488 -38.36 -9.59 -24.52
C TRP A 488 -38.36 -8.17 -25.07
N ASP A 489 -38.86 -7.26 -24.23
CA ASP A 489 -38.63 -5.82 -24.42
C ASP A 489 -37.41 -5.45 -23.58
N TYR A 490 -36.25 -5.94 -24.05
CA TYR A 490 -35.02 -5.86 -23.26
C TYR A 490 -34.76 -4.44 -22.76
N ALA A 491 -35.18 -3.43 -23.51
CA ALA A 491 -34.98 -2.06 -23.09
C ALA A 491 -35.76 -1.74 -21.83
N GLY A 492 -37.03 -2.15 -21.77
CA GLY A 492 -37.91 -1.77 -20.69
C GLY A 492 -37.61 -2.45 -19.35
N LEU A 493 -36.69 -3.41 -19.33
CA LEU A 493 -36.38 -4.13 -18.10
C LEU A 493 -35.80 -3.19 -17.04
N MET A 494 -34.87 -2.32 -17.44
CA MET A 494 -34.25 -1.36 -16.54
C MET A 494 -35.25 -0.69 -15.59
N GLU A 495 -36.36 -0.18 -16.14
CA GLU A 495 -37.34 0.48 -15.30
C GLU A 495 -37.81 -0.41 -14.16
N VAL A 496 -38.14 -1.67 -14.47
CA VAL A 496 -38.70 -2.58 -13.48
C VAL A 496 -37.76 -2.73 -12.30
N PHE A 497 -36.46 -2.77 -12.57
CA PHE A 497 -35.49 -2.86 -11.48
C PHE A 497 -35.33 -1.53 -10.75
N ASN A 498 -35.33 -0.41 -11.48
CA ASN A 498 -35.25 0.89 -10.81
C ASN A 498 -36.39 1.06 -9.83
N ALA A 499 -37.60 0.64 -10.23
CA ALA A 499 -38.72 0.57 -9.31
C ALA A 499 -38.91 1.89 -8.56
N GLU A 500 -38.56 1.91 -7.28
CA GLU A 500 -38.78 3.10 -6.47
C GLU A 500 -37.53 3.94 -6.29
N ASP A 501 -36.34 3.33 -6.17
CA ASP A 501 -35.19 4.05 -5.64
C ASP A 501 -34.04 4.17 -6.61
N GLY A 502 -33.84 3.17 -7.46
CA GLY A 502 -32.70 3.17 -8.37
C GLY A 502 -32.76 4.24 -9.43
N LYS A 503 -31.65 4.39 -10.14
CA LYS A 503 -31.51 5.37 -11.21
C LYS A 503 -30.68 4.71 -12.31
N GLY A 504 -31.32 4.33 -13.40
CA GLY A 504 -30.63 3.68 -14.50
C GLY A 504 -31.37 3.74 -15.83
N LEU A 505 -30.66 4.03 -16.92
CA LEU A 505 -31.28 4.23 -18.23
C LEU A 505 -31.51 2.92 -18.97
N GLY A 506 -32.63 2.87 -19.70
CA GLY A 506 -32.97 1.72 -20.55
C GLY A 506 -33.44 2.12 -21.93
N LEU A 507 -32.59 1.94 -22.94
CA LEU A 507 -32.78 2.54 -24.24
C LEU A 507 -32.84 1.47 -25.33
N LYS A 508 -33.08 1.91 -26.56
CA LYS A 508 -33.13 1.03 -27.72
C LYS A 508 -32.36 1.69 -28.87
N ALA A 509 -32.19 0.94 -29.96
CA ALA A 509 -31.51 1.47 -31.14
C ALA A 509 -31.71 0.58 -32.37
N THR A 510 -32.64 0.95 -33.25
CA THR A 510 -32.90 0.22 -34.48
C THR A 510 -32.19 0.81 -35.70
N THR A 511 -31.38 1.84 -35.52
CA THR A 511 -30.72 2.50 -36.64
C THR A 511 -29.32 2.93 -36.23
N GLY A 512 -28.47 3.14 -37.24
CA GLY A 512 -27.13 3.62 -36.99
C GLY A 512 -27.09 4.95 -36.27
N GLY A 513 -28.07 5.80 -36.52
CA GLY A 513 -28.15 7.08 -35.84
C GLY A 513 -28.54 6.93 -34.39
N GLU A 514 -29.68 6.29 -34.14
CA GLU A 514 -30.18 6.07 -32.78
C GLU A 514 -29.07 5.62 -31.84
N LEU A 515 -28.13 4.84 -32.38
CA LEU A 515 -27.02 4.36 -31.58
C LEU A 515 -26.22 5.51 -30.99
N ALA A 516 -25.89 6.52 -31.81
CA ALA A 516 -25.14 7.67 -31.31
C ALA A 516 -25.91 8.41 -30.22
N GLU A 517 -27.22 8.57 -30.39
CA GLU A 517 -28.03 9.21 -29.36
C GLU A 517 -27.95 8.43 -28.05
N ALA A 518 -28.09 7.10 -28.13
CA ALA A 518 -28.04 6.28 -26.93
C ALA A 518 -26.65 6.34 -26.27
N ILE A 519 -25.59 6.31 -27.08
CA ILE A 519 -24.24 6.30 -26.53
C ILE A 519 -23.95 7.61 -25.80
N LYS A 520 -24.37 8.74 -26.36
CA LYS A 520 -24.19 10.00 -25.65
C LYS A 520 -24.95 10.02 -24.35
N LYS A 521 -26.20 9.57 -24.37
CA LYS A 521 -26.97 9.44 -23.14
C LYS A 521 -26.25 8.54 -22.14
N ALA A 522 -25.58 7.49 -22.62
CA ALA A 522 -24.91 6.54 -21.73
C ALA A 522 -23.70 7.18 -21.07
N LEU A 523 -22.79 7.76 -21.86
CA LEU A 523 -21.67 8.50 -21.30
C LEU A 523 -22.14 9.62 -20.39
N ALA A 524 -23.26 10.26 -20.76
CA ALA A 524 -23.82 11.34 -19.94
C ALA A 524 -24.32 10.82 -18.61
N HIS A 525 -25.07 9.72 -18.62
CA HIS A 525 -25.75 9.25 -17.42
C HIS A 525 -24.75 8.77 -16.37
N ARG A 526 -24.93 9.26 -15.15
CA ARG A 526 -24.24 8.77 -13.97
C ARG A 526 -25.29 8.24 -12.99
N GLU A 527 -24.80 7.72 -11.87
CA GLU A 527 -25.66 7.21 -10.80
C GLU A 527 -26.30 5.86 -11.14
N GLY A 528 -25.85 5.19 -12.20
CA GLY A 528 -26.36 3.87 -12.51
C GLY A 528 -26.09 3.39 -13.92
N PRO A 529 -26.57 2.19 -14.23
CA PRO A 529 -26.25 1.55 -15.50
C PRO A 529 -27.08 2.08 -16.67
N THR A 530 -26.73 1.60 -17.87
CA THR A 530 -27.39 2.06 -19.10
C THR A 530 -27.45 0.90 -20.10
N LEU A 531 -28.63 0.35 -20.34
CA LEU A 531 -28.80 -0.70 -21.33
C LEU A 531 -29.30 -0.12 -22.65
N ILE A 532 -28.88 -0.74 -23.75
CA ILE A 532 -29.21 -0.28 -25.09
C ILE A 532 -29.58 -1.50 -25.92
N GLU A 533 -30.84 -1.64 -26.27
CA GLU A 533 -31.33 -2.81 -27.00
C GLU A 533 -31.04 -2.62 -28.49
N CYS A 534 -29.79 -2.83 -28.87
CA CYS A 534 -29.39 -2.66 -30.27
C CYS A 534 -29.95 -3.77 -31.15
N VAL A 535 -31.12 -3.55 -31.76
CA VAL A 535 -31.71 -4.56 -32.64
C VAL A 535 -30.88 -4.70 -33.92
N ILE A 536 -30.77 -5.94 -34.41
CA ILE A 536 -30.08 -6.27 -35.66
C ILE A 536 -30.62 -7.58 -36.21
N ASP A 537 -30.13 -7.99 -37.37
CA ASP A 537 -30.59 -9.22 -38.02
C ASP A 537 -29.72 -10.39 -37.60
N ARG A 538 -30.35 -11.55 -37.41
CA ARG A 538 -29.62 -12.75 -36.99
C ARG A 538 -28.52 -13.09 -37.96
N ASP A 539 -28.89 -13.37 -39.21
CA ASP A 539 -27.92 -13.82 -40.21
C ASP A 539 -26.88 -12.75 -40.54
N ASP A 540 -27.17 -11.49 -40.26
CA ASP A 540 -26.13 -10.45 -40.29
C ASP A 540 -25.14 -10.71 -39.17
N CYS A 541 -23.94 -11.17 -39.51
CA CYS A 541 -22.96 -11.53 -38.49
C CYS A 541 -21.56 -11.55 -39.09
N THR A 542 -20.57 -11.59 -38.19
CA THR A 542 -19.17 -11.59 -38.58
C THR A 542 -18.87 -12.75 -39.52
N PRO A 543 -17.98 -12.55 -40.49
CA PRO A 543 -17.63 -13.65 -41.41
C PRO A 543 -16.82 -14.75 -40.74
N GLU A 544 -16.23 -14.48 -39.57
CA GLU A 544 -15.52 -15.52 -38.83
C GLU A 544 -16.49 -16.55 -38.27
N LEU A 545 -17.52 -16.10 -37.54
CA LEU A 545 -18.50 -17.00 -36.97
C LEU A 545 -19.11 -17.92 -38.02
N VAL A 546 -19.24 -17.45 -39.26
CA VAL A 546 -19.79 -18.28 -40.33
C VAL A 546 -18.86 -19.45 -40.61
N THR A 547 -17.61 -19.15 -40.98
CA THR A 547 -16.64 -20.19 -41.30
C THR A 547 -16.14 -20.91 -40.06
N TRP A 548 -16.37 -20.32 -38.87
CA TRP A 548 -15.92 -20.91 -37.62
C TRP A 548 -16.84 -22.03 -37.15
N GLY A 549 -18.15 -21.78 -37.17
CA GLY A 549 -19.09 -22.80 -36.73
C GLY A 549 -19.02 -24.07 -37.54
N LYS A 550 -18.63 -23.97 -38.80
CA LYS A 550 -18.48 -25.16 -39.63
C LYS A 550 -17.43 -26.08 -39.03
N LYS A 551 -16.26 -25.53 -38.67
CA LYS A 551 -15.19 -26.35 -38.12
C LYS A 551 -15.59 -26.96 -36.79
N VAL A 552 -16.34 -26.22 -35.97
CA VAL A 552 -16.78 -26.74 -34.68
C VAL A 552 -17.87 -27.78 -34.88
N ALA A 553 -18.82 -27.52 -35.77
CA ALA A 553 -19.96 -28.43 -35.95
C ALA A 553 -19.52 -29.80 -36.42
N THR A 554 -18.53 -29.85 -37.32
CA THR A 554 -18.09 -31.13 -37.87
C THR A 554 -17.15 -31.85 -36.91
N ALA A 555 -16.26 -31.11 -36.25
CA ALA A 555 -15.41 -31.70 -35.21
C ALA A 555 -16.24 -32.21 -34.05
N ASN A 556 -17.26 -31.46 -33.64
CA ASN A 556 -18.15 -31.92 -32.56
C ASN A 556 -18.75 -33.28 -32.89
N ALA A 557 -19.21 -33.47 -34.13
CA ALA A 557 -19.92 -34.67 -34.53
C ALA A 557 -19.12 -35.49 -35.54
N ARG A 558 -17.83 -35.63 -35.32
CA ARG A 558 -17.07 -36.55 -36.13
C ARG A 558 -17.23 -37.97 -35.60
N PRO A 559 -17.17 -38.98 -36.47
CA PRO A 559 -17.60 -40.32 -36.08
C PRO A 559 -16.49 -41.05 -35.33
N PRO A 560 -16.85 -42.05 -34.53
CA PRO A 560 -15.83 -42.93 -33.94
C PRO A 560 -15.08 -43.70 -35.03
N GLN A 561 -13.92 -44.23 -34.65
CA GLN A 561 -13.07 -45.00 -35.56
C GLN A 561 -13.00 -46.43 -35.02
N ALA A 562 -13.60 -47.36 -35.74
CA ALA A 562 -13.67 -48.73 -35.27
C ALA A 562 -12.26 -49.31 -35.15
N ILE A 563 -12.15 -50.33 -34.30
CA ILE A 563 -10.86 -50.94 -33.98
C ILE A 563 -10.52 -52.02 -35.00
N THR B 2 -7.04 1.19 -7.02
CA THR B 2 -5.82 1.92 -6.69
C THR B 2 -5.82 3.37 -7.20
N TYR B 3 -6.15 4.31 -6.33
CA TYR B 3 -6.02 5.72 -6.71
C TYR B 3 -4.55 6.03 -6.97
N THR B 4 -4.33 7.16 -7.64
CA THR B 4 -2.98 7.60 -7.95
C THR B 4 -2.91 9.11 -7.83
N VAL B 5 -1.69 9.63 -7.96
CA VAL B 5 -1.49 11.06 -7.77
C VAL B 5 -2.35 11.84 -8.76
N GLY B 6 -2.34 11.43 -10.03
CA GLY B 6 -3.19 12.07 -11.02
C GLY B 6 -4.66 12.01 -10.64
N HIS B 7 -5.14 10.83 -10.27
CA HIS B 7 -6.54 10.68 -9.92
C HIS B 7 -6.86 11.49 -8.67
N TYR B 8 -5.92 11.56 -7.73
CA TYR B 8 -6.13 12.36 -6.53
C TYR B 8 -6.28 13.83 -6.87
N LEU B 9 -5.45 14.34 -7.78
CA LEU B 9 -5.51 15.75 -8.13
C LEU B 9 -6.77 16.03 -8.94
N ALA B 10 -7.07 15.17 -9.91
CA ALA B 10 -8.28 15.30 -10.72
C ALA B 10 -9.52 15.41 -9.84
N THR B 11 -9.72 14.43 -8.94
CA THR B 11 -10.88 14.46 -8.06
C THR B 11 -10.90 15.71 -7.20
N ARG B 12 -9.76 16.06 -6.59
CA ARG B 12 -9.70 17.26 -5.76
C ARG B 12 -10.17 18.49 -6.53
N LEU B 13 -9.79 18.59 -7.81
CA LEU B 13 -10.25 19.69 -8.66
C LEU B 13 -11.74 19.60 -8.92
N ALA B 14 -12.23 18.41 -9.24
CA ALA B 14 -13.66 18.24 -9.46
C ALA B 14 -14.45 18.60 -8.20
N GLN B 15 -13.96 18.19 -7.03
CA GLN B 15 -14.68 18.45 -5.78
C GLN B 15 -14.88 19.94 -5.57
N ILE B 16 -13.81 20.73 -5.72
CA ILE B 16 -13.90 22.15 -5.45
C ILE B 16 -14.70 22.91 -6.50
N GLY B 17 -14.93 22.31 -7.67
CA GLY B 17 -15.78 22.96 -8.66
C GLY B 17 -15.51 22.56 -10.09
N LEU B 18 -14.24 22.43 -10.44
CA LEU B 18 -13.83 22.35 -11.84
C LEU B 18 -14.56 21.25 -12.60
N LYS B 19 -15.31 21.66 -13.63
CA LYS B 19 -15.76 20.76 -14.68
C LYS B 19 -14.73 20.60 -15.80
N HIS B 20 -13.83 21.57 -15.96
CA HIS B 20 -12.84 21.56 -17.04
C HIS B 20 -11.50 22.03 -16.47
N HIS B 21 -10.42 21.31 -16.78
CA HIS B 21 -9.06 21.76 -16.56
C HIS B 21 -8.31 21.79 -17.89
N PHE B 22 -7.54 22.86 -18.12
CA PHE B 22 -6.90 23.13 -19.40
C PHE B 22 -5.45 22.62 -19.41
N ALA B 23 -4.93 22.33 -20.60
CA ALA B 23 -3.68 21.59 -20.66
C ALA B 23 -2.92 21.87 -21.97
N VAL B 24 -1.65 21.47 -21.96
CA VAL B 24 -0.76 21.53 -23.12
C VAL B 24 0.19 20.34 -23.05
N ALA B 25 0.12 19.46 -24.05
CA ALA B 25 0.84 18.19 -23.99
C ALA B 25 2.34 18.41 -23.95
N GLY B 26 3.03 17.46 -23.33
CA GLY B 26 4.48 17.43 -23.31
C GLY B 26 4.97 16.16 -22.63
N ASP B 27 6.18 15.71 -22.94
CA ASP B 27 6.58 14.36 -22.54
C ASP B 27 6.62 14.21 -21.02
N TYR B 28 6.71 15.32 -20.28
CA TYR B 28 6.65 15.25 -18.82
C TYR B 28 5.21 15.01 -18.34
N ASN B 29 4.30 15.92 -18.67
CA ASN B 29 2.93 15.83 -18.20
C ASN B 29 2.10 14.79 -18.94
N LEU B 30 2.71 14.03 -19.85
CA LEU B 30 1.95 13.09 -20.67
C LEU B 30 1.31 12.01 -19.81
N VAL B 31 2.12 11.22 -19.10
CA VAL B 31 1.58 10.23 -18.19
C VAL B 31 0.58 10.89 -17.24
N LEU B 32 0.93 12.08 -16.75
CA LEU B 32 0.05 12.79 -15.83
C LEU B 32 -1.27 13.15 -16.50
N LEU B 33 -1.21 13.62 -17.74
CA LEU B 33 -2.44 14.02 -18.44
C LEU B 33 -3.37 12.83 -18.63
N ASP B 34 -2.82 11.64 -18.87
CA ASP B 34 -3.65 10.46 -19.02
C ASP B 34 -4.53 10.22 -17.80
N GLN B 35 -3.96 10.39 -16.61
CA GLN B 35 -4.69 10.07 -15.39
C GLN B 35 -5.66 11.17 -14.97
N LEU B 36 -5.45 12.41 -15.43
CA LEU B 36 -6.42 13.48 -15.20
C LEU B 36 -7.74 13.20 -15.92
N LEU B 37 -7.71 12.35 -16.94
CA LEU B 37 -8.93 11.94 -17.64
C LEU B 37 -9.78 11.01 -16.79
N LYS B 38 -9.15 10.22 -15.91
CA LYS B 38 -9.85 9.14 -15.22
C LYS B 38 -11.09 9.62 -14.48
N ASN B 39 -11.10 10.88 -14.04
CA ASN B 39 -12.31 11.45 -13.49
C ASN B 39 -13.19 11.93 -14.63
N LYS B 40 -14.46 11.52 -14.60
CA LYS B 40 -15.37 11.77 -15.71
C LYS B 40 -16.26 12.98 -15.49
N ASP B 41 -16.20 13.61 -14.31
CA ASP B 41 -16.83 14.90 -14.09
C ASP B 41 -15.84 16.04 -14.32
N LEU B 42 -14.70 15.75 -14.95
CA LEU B 42 -13.60 16.70 -15.05
C LEU B 42 -12.95 16.50 -16.42
N GLU B 43 -13.14 17.47 -17.32
CA GLU B 43 -12.82 17.31 -18.73
C GLU B 43 -11.51 18.03 -19.06
N GLN B 44 -10.71 17.41 -19.94
CA GLN B 44 -9.34 17.87 -20.24
C GLN B 44 -9.36 18.70 -21.53
N VAL B 45 -9.46 20.03 -21.38
CA VAL B 45 -9.43 20.95 -22.51
C VAL B 45 -7.98 21.22 -22.89
N TYR B 46 -7.72 21.31 -24.20
CA TYR B 46 -6.38 21.58 -24.72
C TYR B 46 -6.34 22.98 -25.32
N CYS B 47 -5.11 23.43 -25.57
CA CYS B 47 -4.86 24.80 -25.99
C CYS B 47 -3.67 24.83 -26.94
N CYS B 48 -3.46 25.98 -27.59
CA CYS B 48 -2.43 26.12 -28.61
C CYS B 48 -1.03 26.29 -28.00
N ASN B 49 -0.88 27.23 -27.06
CA ASN B 49 0.37 27.43 -26.34
C ASN B 49 0.06 27.70 -24.86
N GLU B 50 1.10 27.67 -24.03
CA GLU B 50 0.93 27.75 -22.58
C GLU B 50 0.58 29.16 -22.11
N LEU B 51 1.18 30.19 -22.71
CA LEU B 51 0.80 31.56 -22.37
C LEU B 51 -0.72 31.70 -22.36
N ASN B 52 -1.39 31.15 -23.38
CA ASN B 52 -2.86 31.21 -23.45
C ASN B 52 -3.49 30.23 -22.47
N CYS B 53 -3.00 28.98 -22.45
CA CYS B 53 -3.55 27.95 -21.58
C CYS B 53 -3.77 28.49 -20.16
N GLY B 54 -2.75 29.15 -19.61
CA GLY B 54 -2.87 29.72 -18.29
C GLY B 54 -3.89 30.83 -18.23
N PHE B 55 -3.96 31.66 -19.26
CA PHE B 55 -4.98 32.70 -19.32
C PHE B 55 -6.37 32.11 -19.51
N SER B 56 -6.48 30.97 -20.18
CA SER B 56 -7.79 30.32 -20.27
C SER B 56 -8.26 29.90 -18.88
N ALA B 57 -7.37 29.30 -18.10
CA ALA B 57 -7.71 29.00 -16.72
C ALA B 57 -8.03 30.27 -15.95
N GLU B 58 -7.38 31.37 -16.31
CA GLU B 58 -7.69 32.65 -15.69
C GLU B 58 -9.18 32.96 -15.83
N GLY B 59 -9.68 32.93 -17.06
CA GLY B 59 -11.10 33.14 -17.32
C GLY B 59 -12.01 32.17 -16.58
N TYR B 60 -11.78 30.88 -16.78
CA TYR B 60 -12.62 29.87 -16.16
C TYR B 60 -12.91 30.19 -14.69
N ALA B 61 -11.89 30.63 -13.96
CA ALA B 61 -12.05 30.96 -12.54
C ALA B 61 -12.89 32.21 -12.31
N ARG B 62 -13.01 33.09 -13.30
CA ARG B 62 -13.88 34.26 -13.16
C ARG B 62 -15.35 33.85 -13.10
N ALA B 63 -15.74 32.84 -13.89
CA ALA B 63 -17.10 32.33 -13.93
C ALA B 63 -17.33 31.24 -12.87
N ASN B 64 -16.44 30.23 -12.84
CA ASN B 64 -16.54 29.14 -11.86
C ASN B 64 -16.23 29.62 -10.45
N GLY B 65 -15.18 30.41 -10.30
CA GLY B 65 -14.63 30.77 -9.00
C GLY B 65 -13.21 30.26 -8.79
N VAL B 66 -12.84 29.20 -9.49
CA VAL B 66 -11.50 28.64 -9.44
C VAL B 66 -11.22 27.96 -10.78
N GLY B 67 -9.94 27.91 -11.15
CA GLY B 67 -9.53 27.30 -12.40
C GLY B 67 -8.23 26.54 -12.22
N ALA B 68 -7.78 25.89 -13.30
CA ALA B 68 -6.57 25.09 -13.26
C ALA B 68 -6.03 24.90 -14.68
N ALA B 69 -4.73 24.61 -14.76
CA ALA B 69 -4.05 24.37 -16.02
C ALA B 69 -2.97 23.32 -15.81
N VAL B 70 -2.35 22.90 -16.92
CA VAL B 70 -1.27 21.92 -16.89
C VAL B 70 -0.29 22.25 -18.01
N VAL B 71 1.00 22.02 -17.77
CA VAL B 71 2.04 22.40 -18.72
C VAL B 71 3.24 21.48 -18.54
N THR B 72 4.17 21.58 -19.49
CA THR B 72 5.44 20.89 -19.43
C THR B 72 6.43 21.71 -18.65
N PHE B 73 7.53 21.07 -18.26
CA PHE B 73 8.48 21.67 -17.35
C PHE B 73 9.18 22.89 -17.98
N SER B 74 9.19 23.99 -17.23
CA SER B 74 10.00 25.16 -17.56
C SER B 74 9.57 25.78 -18.89
N VAL B 75 9.75 25.04 -19.98
CA VAL B 75 9.41 25.55 -21.30
C VAL B 75 7.94 25.95 -21.36
N GLY B 76 7.06 25.10 -20.83
CA GLY B 76 5.65 25.40 -20.78
C GLY B 76 5.26 26.35 -19.66
N ALA B 77 5.82 26.10 -18.47
CA ALA B 77 5.38 26.82 -17.26
C ALA B 77 5.86 28.27 -17.27
N LEU B 78 7.08 28.51 -17.75
CA LEU B 78 7.61 29.87 -17.74
C LEU B 78 6.68 30.84 -18.45
N SER B 79 6.10 30.44 -19.59
CA SER B 79 5.08 31.25 -20.23
C SER B 79 3.84 31.37 -19.35
N ALA B 80 3.41 30.24 -18.76
CA ALA B 80 2.23 30.25 -17.90
C ALA B 80 2.38 31.21 -16.73
N PHE B 81 3.60 31.35 -16.20
CA PHE B 81 3.81 32.26 -15.09
C PHE B 81 3.25 33.65 -15.38
N ASN B 82 3.21 34.05 -16.66
CA ASN B 82 2.62 35.34 -17.02
C ASN B 82 1.14 35.38 -16.69
N ALA B 83 0.43 34.27 -16.88
CA ALA B 83 -0.96 34.21 -16.48
C ALA B 83 -1.10 34.07 -14.97
N ILE B 84 -0.17 33.35 -14.33
CA ILE B 84 -0.23 33.19 -12.88
C ILE B 84 0.01 34.53 -12.20
N GLY B 85 0.92 35.35 -12.72
CA GLY B 85 0.98 36.73 -12.28
C GLY B 85 -0.36 37.42 -12.40
N GLY B 86 -0.97 37.32 -13.59
CA GLY B 86 -2.30 37.88 -13.78
C GLY B 86 -3.34 37.29 -12.87
N ALA B 87 -3.19 36.02 -12.52
CA ALA B 87 -4.10 35.44 -11.54
C ALA B 87 -3.89 36.10 -10.18
N TYR B 88 -2.66 36.09 -9.68
CA TYR B 88 -2.34 36.75 -8.42
C TYR B 88 -2.76 38.22 -8.45
N ALA B 89 -2.53 38.89 -9.57
CA ALA B 89 -2.96 40.27 -9.74
C ALA B 89 -4.46 40.42 -9.50
N GLU B 90 -5.26 39.60 -10.19
CA GLU B 90 -6.71 39.75 -10.18
C GLU B 90 -7.39 38.88 -9.12
N ASN B 91 -6.62 38.32 -8.17
CA ASN B 91 -7.16 37.52 -7.07
C ASN B 91 -7.93 36.29 -7.58
N LEU B 92 -7.26 35.50 -8.40
CA LEU B 92 -7.88 34.32 -8.97
C LEU B 92 -7.18 33.08 -8.43
N PRO B 93 -7.90 32.15 -7.82
CA PRO B 93 -7.28 30.91 -7.31
C PRO B 93 -6.95 29.90 -8.43
N VAL B 94 -6.19 30.36 -9.41
CA VAL B 94 -5.79 29.51 -10.53
C VAL B 94 -4.69 28.57 -10.04
N ILE B 95 -4.91 27.27 -10.19
CA ILE B 95 -3.98 26.25 -9.71
C ILE B 95 -3.19 25.76 -10.92
N LEU B 96 -1.96 26.25 -11.08
CA LEU B 96 -1.05 25.73 -12.09
C LEU B 96 -0.46 24.38 -11.68
N ILE B 97 -0.22 23.53 -12.67
CA ILE B 97 0.46 22.25 -12.46
C ILE B 97 1.47 22.08 -13.59
N SER B 98 2.66 21.59 -13.24
CA SER B 98 3.67 21.31 -14.25
C SER B 98 4.19 19.89 -14.10
N GLY B 99 4.55 19.31 -15.23
CA GLY B 99 5.36 18.11 -15.19
C GLY B 99 6.76 18.47 -14.76
N ALA B 100 7.54 17.44 -14.45
CA ALA B 100 8.84 17.67 -13.86
C ALA B 100 9.75 16.51 -14.16
N PRO B 101 11.07 16.69 -14.00
CA PRO B 101 12.01 15.57 -14.13
C PRO B 101 11.64 14.30 -13.38
N ASN B 102 12.37 13.23 -13.69
CA ASN B 102 12.26 11.96 -12.99
C ASN B 102 12.75 12.08 -11.55
N THR B 103 12.28 11.16 -10.70
CA THR B 103 12.80 11.08 -9.33
C THR B 103 14.28 10.72 -9.34
N ASN B 104 14.67 9.76 -10.17
CA ASN B 104 16.04 9.29 -10.20
C ASN B 104 17.00 10.28 -10.85
N ASP B 105 16.49 11.37 -11.40
CA ASP B 105 17.35 12.42 -11.94
C ASP B 105 17.60 13.55 -10.94
N HIS B 106 16.75 13.70 -9.93
CA HIS B 106 16.91 14.78 -8.95
C HIS B 106 18.23 14.63 -8.21
N GLY B 107 19.06 15.68 -8.27
CA GLY B 107 20.36 15.63 -7.63
C GLY B 107 21.27 14.55 -8.16
N SER B 108 21.05 14.10 -9.38
CA SER B 108 21.80 13.00 -9.97
C SER B 108 22.88 13.46 -10.92
N GLY B 109 23.21 14.75 -10.93
CA GLY B 109 24.24 15.26 -11.81
C GLY B 109 23.89 15.28 -13.27
N HIS B 110 22.70 14.81 -13.64
CA HIS B 110 22.30 14.78 -15.04
C HIS B 110 21.89 16.18 -15.50
N ILE B 111 22.04 16.42 -16.82
CA ILE B 111 21.34 17.50 -17.49
C ILE B 111 20.12 16.92 -18.17
N LEU B 112 19.01 17.66 -18.11
CA LEU B 112 17.77 17.22 -18.73
C LEU B 112 17.32 18.24 -19.79
N HIS B 113 16.44 17.78 -20.66
CA HIS B 113 15.90 18.65 -21.71
C HIS B 113 14.86 19.60 -21.10
N HIS B 114 14.46 20.58 -21.90
CA HIS B 114 13.59 21.64 -21.40
C HIS B 114 14.16 22.28 -20.13
N THR B 115 15.49 22.28 -20.01
CA THR B 115 16.14 22.90 -18.87
C THR B 115 17.34 23.73 -19.34
N ILE B 116 17.82 24.57 -18.41
CA ILE B 116 18.81 25.60 -18.70
C ILE B 116 20.17 25.04 -19.09
N GLY B 117 20.46 23.78 -18.80
CA GLY B 117 21.79 23.23 -18.93
C GLY B 117 22.47 22.99 -17.60
N THR B 118 22.02 23.65 -16.55
CA THR B 118 22.49 23.37 -15.20
C THR B 118 22.00 22.01 -14.72
N THR B 119 22.70 21.48 -13.72
CA THR B 119 22.28 20.23 -13.06
C THR B 119 21.15 20.45 -12.09
N ASP B 120 20.81 21.70 -11.77
CA ASP B 120 19.71 21.99 -10.88
C ASP B 120 18.43 22.17 -11.68
N TYR B 121 17.31 21.69 -11.12
CA TYR B 121 16.00 21.85 -11.72
C TYR B 121 15.04 22.59 -10.80
N GLY B 122 15.50 23.05 -9.64
CA GLY B 122 14.63 23.78 -8.73
C GLY B 122 14.31 25.17 -9.21
N TYR B 123 15.14 25.73 -10.10
CA TYR B 123 14.95 27.10 -10.56
C TYR B 123 13.50 27.41 -10.95
N GLN B 124 12.72 26.39 -11.36
CA GLN B 124 11.35 26.65 -11.79
C GLN B 124 10.48 27.05 -10.62
N LEU B 125 10.38 26.18 -9.61
CA LEU B 125 9.52 26.52 -8.47
C LEU B 125 10.19 27.48 -7.50
N GLU B 126 11.48 27.79 -7.70
CA GLU B 126 12.05 29.00 -7.09
C GLU B 126 11.39 30.24 -7.67
N MET B 127 11.18 30.26 -9.00
CA MET B 127 10.48 31.36 -9.65
C MET B 127 9.01 31.39 -9.26
N ALA B 128 8.32 30.26 -9.43
CA ALA B 128 6.89 30.21 -9.16
C ALA B 128 6.56 30.76 -7.78
N LYS B 129 7.29 30.31 -6.77
CA LYS B 129 7.14 30.81 -5.40
C LYS B 129 6.96 32.32 -5.40
N GLN B 130 7.74 33.00 -6.24
CA GLN B 130 7.75 34.45 -6.23
C GLN B 130 6.39 35.02 -6.61
N ILE B 131 5.59 34.28 -7.39
CA ILE B 131 4.34 34.79 -7.96
C ILE B 131 3.13 33.95 -7.53
N THR B 132 3.25 33.16 -6.46
CA THR B 132 2.18 32.25 -6.08
C THR B 132 2.17 32.07 -4.57
N CYS B 133 0.97 32.11 -3.99
CA CYS B 133 0.81 31.99 -2.54
C CYS B 133 1.34 30.67 -2.01
N ALA B 134 1.25 29.60 -2.80
CA ALA B 134 1.72 28.28 -2.41
C ALA B 134 2.40 27.61 -3.59
N ALA B 135 3.47 26.87 -3.32
CA ALA B 135 4.24 26.23 -4.37
C ALA B 135 4.71 24.89 -3.85
N VAL B 136 4.52 23.85 -4.66
CA VAL B 136 4.55 22.47 -4.17
C VAL B 136 5.24 21.57 -5.18
N SER B 137 6.24 20.84 -4.72
CA SER B 137 6.91 19.83 -5.52
C SER B 137 6.74 18.47 -4.85
N ILE B 138 6.00 17.57 -5.49
CA ILE B 138 5.82 16.21 -4.99
C ILE B 138 6.76 15.31 -5.78
N THR B 139 7.83 14.87 -5.12
CA THR B 139 8.76 13.92 -5.71
C THR B 139 8.62 12.52 -5.11
N HIS B 140 7.67 12.32 -4.19
CA HIS B 140 7.31 11.02 -3.66
C HIS B 140 5.79 10.91 -3.64
N ALA B 141 5.27 9.72 -3.94
CA ALA B 141 3.82 9.54 -4.03
C ALA B 141 3.15 9.53 -2.66
N GLU B 142 3.89 9.22 -1.61
CA GLU B 142 3.32 9.24 -0.26
C GLU B 142 3.01 10.68 0.16
N ASP B 143 3.96 11.59 -0.06
CA ASP B 143 3.72 13.01 0.16
C ASP B 143 2.43 13.47 -0.51
N ALA B 144 2.21 13.04 -1.74
CA ALA B 144 1.27 13.64 -2.69
C ALA B 144 0.01 14.24 -2.05
N PRO B 145 -0.82 13.46 -1.37
CA PRO B 145 -2.16 13.97 -1.02
C PRO B 145 -2.15 15.09 0.00
N ALA B 146 -1.16 15.12 0.90
CA ALA B 146 -1.10 16.21 1.87
C ALA B 146 -0.74 17.53 1.20
N LEU B 147 0.14 17.50 0.20
CA LEU B 147 0.65 18.72 -0.43
C LEU B 147 -0.36 19.29 -1.42
N ILE B 148 -1.03 18.42 -2.16
CA ILE B 148 -2.07 18.86 -3.09
C ILE B 148 -3.18 19.58 -2.32
N ASP B 149 -3.65 18.97 -1.23
CA ASP B 149 -4.63 19.62 -0.36
C ASP B 149 -4.16 21.00 0.09
N HIS B 150 -2.92 21.07 0.58
CA HIS B 150 -2.36 22.36 0.98
C HIS B 150 -2.46 23.37 -0.16
N ALA B 151 -1.88 23.02 -1.31
CA ALA B 151 -1.86 23.95 -2.44
C ALA B 151 -3.26 24.46 -2.77
N ILE B 152 -4.23 23.56 -2.86
CA ILE B 152 -5.61 23.96 -3.17
C ILE B 152 -6.21 24.73 -1.99
N ARG B 153 -6.11 24.17 -0.78
CA ARG B 153 -6.69 24.82 0.39
C ARG B 153 -6.21 26.26 0.50
N THR B 154 -4.90 26.46 0.43
CA THR B 154 -4.34 27.81 0.53
C THR B 154 -4.94 28.71 -0.55
N ALA B 155 -4.90 28.24 -1.80
CA ALA B 155 -5.41 29.04 -2.91
C ALA B 155 -6.82 29.56 -2.61
N LEU B 156 -7.68 28.68 -2.08
CA LEU B 156 -9.06 29.08 -1.84
C LEU B 156 -9.16 30.05 -0.66
N ARG B 157 -8.45 29.78 0.43
CA ARG B 157 -8.37 30.76 1.51
C ARG B 157 -7.87 32.09 1.00
N GLU B 158 -6.76 32.07 0.26
CA GLU B 158 -6.09 33.28 -0.20
C GLU B 158 -6.83 33.94 -1.36
N LYS B 159 -7.51 33.16 -2.19
CA LYS B 159 -7.98 33.64 -3.48
C LYS B 159 -6.80 34.16 -4.30
N LYS B 160 -5.76 33.33 -4.36
CA LYS B 160 -4.54 33.59 -5.11
C LYS B 160 -4.12 32.26 -5.73
N PRO B 161 -3.36 32.30 -6.82
CA PRO B 161 -3.02 31.06 -7.54
C PRO B 161 -2.00 30.22 -6.77
N ALA B 162 -1.92 28.95 -7.16
CA ALA B 162 -1.00 27.99 -6.55
C ALA B 162 -0.21 27.26 -7.63
N TYR B 163 0.76 26.44 -7.20
CA TYR B 163 1.68 25.76 -8.11
C TYR B 163 2.00 24.38 -7.58
N ILE B 164 2.05 23.40 -8.49
CA ILE B 164 2.29 22.00 -8.15
C ILE B 164 3.09 21.33 -9.26
N GLU B 165 4.39 21.09 -9.05
CA GLU B 165 5.20 20.31 -9.98
C GLU B 165 5.28 18.87 -9.52
N ILE B 166 5.13 17.94 -10.47
CA ILE B 166 4.92 16.53 -10.18
C ILE B 166 5.84 15.71 -11.09
N ALA B 167 6.82 15.02 -10.49
CA ALA B 167 7.75 14.20 -11.27
C ALA B 167 6.99 13.28 -12.22
N CYS B 168 7.41 13.27 -13.49
CA CYS B 168 6.69 12.49 -14.50
C CYS B 168 6.43 11.05 -14.04
N ASN B 169 7.47 10.37 -13.55
CA ASN B 169 7.32 8.98 -13.15
C ASN B 169 6.46 8.83 -11.89
N VAL B 170 6.36 9.87 -11.07
CA VAL B 170 5.59 9.78 -9.84
C VAL B 170 4.09 9.85 -10.10
N ALA B 171 3.68 10.62 -11.11
CA ALA B 171 2.26 10.81 -11.40
C ALA B 171 1.50 9.48 -11.42
N ALA B 172 2.15 8.41 -11.91
CA ALA B 172 1.49 7.12 -12.05
C ALA B 172 1.34 6.38 -10.72
N GLN B 173 2.29 6.56 -9.79
CA GLN B 173 2.39 5.70 -8.63
C GLN B 173 1.12 5.79 -7.75
N PRO B 174 0.88 4.79 -6.91
CA PRO B 174 -0.38 4.74 -6.16
C PRO B 174 -0.38 5.66 -4.94
N CYS B 175 -1.53 6.29 -4.71
CA CYS B 175 -1.69 7.28 -3.66
C CYS B 175 -2.94 6.95 -2.83
N ALA B 176 -3.17 7.76 -1.80
CA ALA B 176 -4.32 7.61 -0.92
C ALA B 176 -5.60 8.05 -1.63
N ARG B 177 -6.75 7.95 -0.90
CA ARG B 177 -7.99 8.50 -1.42
C ARG B 177 -8.26 9.88 -0.83
N PRO B 178 -8.89 10.79 -1.59
CA PRO B 178 -9.24 12.10 -1.03
C PRO B 178 -10.16 12.01 0.18
N GLY B 179 -9.86 12.84 1.18
CA GLY B 179 -10.77 13.08 2.27
C GLY B 179 -11.93 13.96 1.87
N PRO B 180 -12.88 14.13 2.80
CA PRO B 180 -14.05 14.97 2.51
C PRO B 180 -13.69 16.39 2.09
N VAL B 181 -14.62 16.99 1.33
CA VAL B 181 -14.38 18.26 0.67
C VAL B 181 -14.12 19.38 1.67
N SER B 182 -14.84 19.36 2.80
CA SER B 182 -14.76 20.45 3.77
C SER B 182 -13.34 20.71 4.24
N ALA B 183 -12.49 19.68 4.26
CA ALA B 183 -11.13 19.88 4.75
C ALA B 183 -10.43 21.02 4.03
N LEU B 184 -10.71 21.21 2.74
CA LEU B 184 -10.02 22.22 1.94
C LEU B 184 -10.65 23.60 2.02
N LEU B 185 -11.97 23.72 2.09
CA LEU B 185 -12.60 25.02 2.10
C LEU B 185 -12.90 25.50 3.52
N ASN B 186 -12.46 24.75 4.54
CA ASN B 186 -12.64 25.22 5.91
C ASN B 186 -11.90 26.53 6.10
N GLU B 187 -12.61 27.63 5.88
CA GLU B 187 -11.94 28.91 6.07
C GLU B 187 -12.07 29.33 7.54
N PRO B 188 -11.06 29.95 8.12
CA PRO B 188 -11.23 30.52 9.46
C PRO B 188 -12.05 31.80 9.40
N THR B 189 -13.00 31.92 10.32
CA THR B 189 -13.86 33.10 10.37
C THR B 189 -13.28 34.15 11.30
N SER B 190 -13.92 35.31 11.31
CA SER B 190 -13.45 36.44 12.09
C SER B 190 -13.49 36.11 13.59
N ASP B 191 -12.80 36.95 14.36
CA ASP B 191 -12.89 36.93 15.81
C ASP B 191 -13.97 37.90 16.25
N GLU B 192 -14.90 37.42 17.10
CA GLU B 192 -16.07 38.22 17.44
C GLU B 192 -15.68 39.54 18.08
N GLU B 193 -14.67 39.52 18.94
CA GLU B 193 -14.31 40.73 19.68
C GLU B 193 -13.80 41.81 18.74
N THR B 194 -12.86 41.46 17.87
CA THR B 194 -12.41 42.40 16.85
C THR B 194 -13.56 42.78 15.93
N LEU B 195 -14.35 41.78 15.51
CA LEU B 195 -15.50 42.06 14.65
C LEU B 195 -16.45 43.04 15.32
N LYS B 196 -16.83 42.77 16.58
CA LYS B 196 -17.67 43.69 17.34
C LYS B 196 -17.12 45.11 17.29
N ALA B 197 -15.88 45.29 17.75
CA ALA B 197 -15.31 46.64 17.81
C ALA B 197 -15.20 47.25 16.42
N ALA B 198 -14.81 46.44 15.43
CA ALA B 198 -14.70 46.94 14.06
C ALA B 198 -15.99 47.62 13.63
N VAL B 199 -17.13 46.97 13.87
CA VAL B 199 -18.42 47.54 13.49
C VAL B 199 -18.69 48.82 14.27
N GLU B 200 -18.40 48.81 15.57
CA GLU B 200 -18.74 49.95 16.41
C GLU B 200 -18.05 51.22 15.94
N ALA B 201 -16.75 51.12 15.63
CA ALA B 201 -15.99 52.29 15.18
C ALA B 201 -16.45 52.77 13.81
N ALA B 202 -16.92 51.84 12.96
CA ALA B 202 -17.47 52.24 11.68
C ALA B 202 -18.76 53.02 11.87
N LEU B 203 -19.65 52.52 12.74
CA LEU B 203 -20.91 53.21 13.01
C LEU B 203 -20.66 54.66 13.40
N ASP B 204 -19.64 54.90 14.22
CA ASP B 204 -19.34 56.27 14.65
C ASP B 204 -18.85 57.11 13.48
N PHE B 205 -18.09 56.52 12.57
CA PHE B 205 -17.60 57.23 11.40
C PHE B 205 -18.76 57.87 10.63
N ILE B 206 -19.84 57.11 10.42
CA ILE B 206 -20.96 57.63 9.63
C ILE B 206 -21.90 58.47 10.48
N GLU B 207 -22.05 58.14 11.77
CA GLU B 207 -23.02 58.81 12.62
C GLU B 207 -22.51 60.16 13.13
N LYS B 208 -21.24 60.48 12.90
CA LYS B 208 -20.75 61.83 13.02
C LYS B 208 -20.74 62.54 11.66
N ARG B 209 -21.56 62.06 10.73
CA ARG B 209 -21.63 62.61 9.38
C ARG B 209 -23.07 62.51 8.92
N GLU B 210 -23.38 63.28 7.87
CA GLU B 210 -24.69 63.28 7.25
C GLU B 210 -24.67 62.80 5.81
N LYS B 211 -23.53 62.83 5.15
CA LYS B 211 -23.44 62.65 3.70
C LYS B 211 -22.40 61.58 3.39
N PRO B 212 -22.70 60.33 3.70
CA PRO B 212 -21.77 59.23 3.39
C PRO B 212 -21.88 58.78 1.94
N VAL B 213 -20.83 58.09 1.51
CA VAL B 213 -20.75 57.46 0.19
C VAL B 213 -20.29 56.03 0.35
N LEU B 214 -20.62 55.22 -0.64
CA LEU B 214 -20.09 53.87 -0.76
C LEU B 214 -19.17 53.80 -1.98
N LEU B 215 -18.02 53.17 -1.82
CA LEU B 215 -17.11 52.89 -2.92
C LEU B 215 -16.83 51.39 -2.93
N VAL B 216 -17.10 50.74 -4.06
CA VAL B 216 -16.94 49.30 -4.19
C VAL B 216 -15.60 49.00 -4.84
N GLY B 217 -14.80 48.17 -4.18
CA GLY B 217 -13.46 47.88 -4.64
C GLY B 217 -13.39 46.66 -5.54
N GLY B 218 -12.23 46.52 -6.20
CA GLY B 218 -12.04 45.41 -7.11
C GLY B 218 -12.02 44.06 -6.42
N LYS B 219 -11.50 44.01 -5.20
CA LYS B 219 -11.30 42.73 -4.51
C LYS B 219 -12.59 42.18 -3.91
N LEU B 220 -13.74 42.79 -4.21
CA LEU B 220 -14.97 42.36 -3.56
C LEU B 220 -15.33 40.93 -3.93
N ARG B 221 -15.13 40.55 -5.20
CA ARG B 221 -15.55 39.23 -5.63
C ARG B 221 -14.76 38.13 -4.94
N ALA B 222 -13.48 38.38 -4.63
CA ALA B 222 -12.70 37.37 -3.92
C ALA B 222 -13.21 37.15 -2.51
N ALA B 223 -13.73 38.20 -1.86
CA ALA B 223 -14.29 38.07 -0.52
C ALA B 223 -15.64 37.37 -0.54
N GLY B 224 -16.28 37.24 -1.70
CA GLY B 224 -17.60 36.65 -1.75
C GLY B 224 -18.65 37.53 -1.13
N ALA B 225 -18.44 38.85 -1.14
CA ALA B 225 -19.27 39.79 -0.40
C ALA B 225 -20.20 40.58 -1.29
N GLU B 226 -20.35 40.18 -2.56
CA GLU B 226 -21.22 40.92 -3.47
C GLU B 226 -22.64 41.02 -2.92
N GLU B 227 -23.12 39.95 -2.27
CA GLU B 227 -24.46 39.99 -1.68
C GLU B 227 -24.55 41.01 -0.56
N ALA B 228 -23.63 40.93 0.40
CA ALA B 228 -23.73 41.77 1.59
C ALA B 228 -23.54 43.25 1.29
N VAL B 229 -22.90 43.60 0.17
CA VAL B 229 -22.81 45.01 -0.22
C VAL B 229 -24.18 45.53 -0.62
N VAL B 230 -24.94 44.71 -1.34
CA VAL B 230 -26.29 45.12 -1.73
C VAL B 230 -27.14 45.35 -0.50
N GLU B 231 -27.01 44.48 0.51
CA GLU B 231 -27.80 44.63 1.72
C GLU B 231 -27.36 45.82 2.57
N LEU B 232 -26.11 46.27 2.41
CA LEU B 232 -25.67 47.48 3.08
C LEU B 232 -26.13 48.72 2.34
N ALA B 233 -25.93 48.76 1.02
CA ALA B 233 -26.33 49.92 0.22
C ALA B 233 -27.79 50.26 0.46
N ASP B 234 -28.64 49.25 0.65
CA ASP B 234 -30.06 49.49 0.88
C ASP B 234 -30.33 49.90 2.33
N ALA B 235 -29.83 49.12 3.29
CA ALA B 235 -30.04 49.45 4.69
C ALA B 235 -29.44 50.81 5.03
N LEU B 236 -28.40 51.21 4.32
CA LEU B 236 -27.80 52.52 4.52
C LEU B 236 -28.40 53.58 3.61
N GLY B 237 -28.67 53.23 2.35
CA GLY B 237 -29.35 54.11 1.44
C GLY B 237 -28.47 55.10 0.71
N CYS B 238 -27.19 55.17 1.06
CA CYS B 238 -26.34 56.23 0.52
C CYS B 238 -25.99 55.96 -0.94
N ALA B 239 -25.31 56.93 -1.55
CA ALA B 239 -24.99 56.90 -2.97
C ALA B 239 -23.80 55.98 -3.22
N VAL B 240 -24.04 54.85 -3.93
CA VAL B 240 -23.02 53.84 -4.23
C VAL B 240 -22.31 54.18 -5.53
N ALA B 241 -21.04 53.78 -5.63
CA ALA B 241 -20.26 53.92 -6.84
C ALA B 241 -19.18 52.84 -6.89
N THR B 242 -18.84 52.39 -8.10
CA THR B 242 -17.79 51.39 -8.30
C THR B 242 -16.49 52.05 -8.74
N MET B 243 -15.42 51.29 -8.60
CA MET B 243 -14.07 51.77 -8.88
C MET B 243 -13.74 51.60 -10.36
N ALA B 244 -12.48 51.88 -10.72
CA ALA B 244 -11.98 51.58 -12.06
C ALA B 244 -12.32 50.15 -12.44
N ALA B 245 -11.84 49.19 -11.65
CA ALA B 245 -12.30 47.81 -11.75
C ALA B 245 -13.67 47.71 -11.10
N ALA B 246 -14.08 46.49 -10.73
CA ALA B 246 -15.34 46.26 -10.03
C ALA B 246 -16.55 46.78 -10.82
N LYS B 247 -16.40 46.96 -12.12
CA LYS B 247 -17.54 47.28 -12.96
C LYS B 247 -18.42 46.05 -13.09
N SER B 248 -19.70 46.19 -12.73
CA SER B 248 -20.64 45.08 -12.67
C SER B 248 -20.42 44.20 -11.45
N PHE B 249 -19.75 44.71 -10.43
CA PHE B 249 -19.69 44.01 -9.15
C PHE B 249 -20.83 44.43 -8.22
N PHE B 250 -21.34 45.64 -8.39
CA PHE B 250 -22.57 46.09 -7.77
C PHE B 250 -23.64 46.31 -8.84
N PRO B 251 -24.88 45.87 -8.62
CA PRO B 251 -25.89 46.01 -9.68
C PRO B 251 -26.30 47.46 -9.88
N GLU B 252 -26.49 47.84 -11.15
CA GLU B 252 -26.73 49.22 -11.51
C GLU B 252 -28.22 49.59 -11.47
N ASP B 253 -29.10 48.66 -11.09
CA ASP B 253 -30.50 48.99 -10.87
C ASP B 253 -30.67 49.83 -9.60
N HIS B 254 -30.19 49.31 -8.47
CA HIS B 254 -30.59 49.74 -7.15
C HIS B 254 -30.46 51.25 -6.98
N PRO B 255 -31.28 51.85 -6.11
CA PRO B 255 -31.45 53.30 -6.13
C PRO B 255 -30.17 54.07 -5.84
N GLY B 256 -29.29 53.51 -5.01
CA GLY B 256 -28.11 54.25 -4.59
C GLY B 256 -27.01 54.32 -5.63
N TYR B 257 -27.03 53.45 -6.63
CA TYR B 257 -25.92 53.37 -7.57
C TYR B 257 -25.87 54.63 -8.44
N VAL B 258 -24.78 55.38 -8.31
CA VAL B 258 -24.57 56.59 -9.13
C VAL B 258 -23.88 56.23 -10.44
N GLY B 259 -22.76 55.51 -10.37
CA GLY B 259 -22.01 55.14 -11.55
C GLY B 259 -20.65 54.57 -11.23
N THR B 260 -19.62 55.08 -11.90
CA THR B 260 -18.25 54.64 -11.73
C THR B 260 -17.40 55.82 -11.25
N TYR B 261 -16.63 55.60 -10.18
CA TYR B 261 -15.65 56.56 -9.73
C TYR B 261 -14.27 56.15 -10.25
N TRP B 262 -13.61 57.07 -10.95
CA TRP B 262 -12.29 56.81 -11.51
C TRP B 262 -11.55 58.13 -11.66
N GLY B 263 -11.54 58.93 -10.59
CA GLY B 263 -10.86 60.21 -10.61
C GLY B 263 -11.53 61.20 -11.55
N GLU B 264 -10.71 62.07 -12.15
CA GLU B 264 -11.24 63.10 -13.04
C GLU B 264 -11.68 62.54 -14.39
N VAL B 265 -11.65 61.22 -14.59
CA VAL B 265 -12.24 60.61 -15.78
C VAL B 265 -13.37 59.68 -15.34
N SER B 266 -14.08 60.05 -14.28
CA SER B 266 -15.23 59.27 -13.85
C SER B 266 -16.39 59.50 -14.80
N SER B 267 -17.19 58.45 -14.99
CA SER B 267 -18.37 58.59 -15.82
C SER B 267 -19.22 59.73 -15.28
N PRO B 268 -19.94 60.43 -16.15
CA PRO B 268 -20.58 61.71 -15.74
C PRO B 268 -21.22 61.69 -14.37
N GLY B 269 -20.92 62.71 -13.56
CA GLY B 269 -21.67 62.96 -12.35
C GLY B 269 -21.30 62.09 -11.16
N VAL B 270 -20.13 61.47 -11.17
CA VAL B 270 -19.70 60.63 -10.06
C VAL B 270 -18.53 61.25 -9.30
N GLU B 271 -17.68 62.04 -9.95
CA GLU B 271 -16.62 62.72 -9.21
C GLU B 271 -17.21 63.66 -8.16
N GLU B 272 -18.32 64.30 -8.50
CA GLU B 272 -18.86 65.35 -7.65
C GLU B 272 -19.38 64.79 -6.33
N ILE B 273 -20.04 63.63 -6.37
CA ILE B 273 -20.67 63.10 -5.17
C ILE B 273 -19.63 62.71 -4.13
N VAL B 274 -18.50 62.15 -4.56
CA VAL B 274 -17.50 61.70 -3.61
C VAL B 274 -16.69 62.89 -3.06
N ASP B 275 -16.28 63.82 -3.92
CA ASP B 275 -15.55 64.99 -3.45
C ASP B 275 -16.37 65.76 -2.42
N TRP B 276 -17.68 65.88 -2.65
CA TRP B 276 -18.54 66.70 -1.82
C TRP B 276 -18.81 66.05 -0.47
N ALA B 277 -18.76 64.72 -0.40
CA ALA B 277 -19.44 63.97 0.64
C ALA B 277 -18.61 63.89 1.93
N ASP B 278 -19.30 63.48 3.00
CA ASP B 278 -18.69 63.23 4.30
C ASP B 278 -18.26 61.78 4.37
N GLY B 279 -16.99 61.52 4.08
CA GLY B 279 -16.44 60.18 4.23
C GLY B 279 -16.78 59.23 3.10
N ILE B 280 -15.93 58.23 2.91
CA ILE B 280 -16.04 57.28 1.80
C ILE B 280 -15.76 55.88 2.35
N ILE B 281 -16.53 54.89 1.90
CA ILE B 281 -16.40 53.53 2.42
C ILE B 281 -15.88 52.58 1.36
N CYS B 282 -14.56 52.50 1.20
CA CYS B 282 -13.95 51.63 0.21
C CYS B 282 -13.99 50.18 0.68
N LEU B 283 -14.57 49.33 -0.15
CA LEU B 283 -14.74 47.91 0.16
C LEU B 283 -13.75 47.12 -0.70
N GLY B 284 -12.53 46.98 -0.20
CA GLY B 284 -11.51 46.20 -0.85
C GLY B 284 -10.98 46.81 -2.13
N PRO B 285 -10.59 48.09 -2.07
CA PRO B 285 -10.12 48.78 -3.28
C PRO B 285 -8.71 48.35 -3.67
N VAL B 286 -8.31 48.78 -4.87
CA VAL B 286 -6.95 48.55 -5.36
C VAL B 286 -6.42 49.83 -6.00
N PHE B 287 -5.96 50.76 -5.19
CA PHE B 287 -5.48 52.03 -5.71
C PHE B 287 -4.06 51.87 -6.24
N ASN B 288 -3.84 52.33 -7.47
CA ASN B 288 -2.50 52.29 -8.07
C ASN B 288 -2.44 53.28 -9.22
N ASP B 289 -1.25 53.43 -9.81
CA ASP B 289 -1.01 54.49 -10.80
C ASP B 289 -2.08 54.55 -11.87
N TYR B 290 -2.74 53.43 -12.16
CA TYR B 290 -3.84 53.43 -13.12
C TYR B 290 -5.18 53.74 -12.46
N SER B 291 -5.51 53.06 -11.35
CA SER B 291 -6.80 53.27 -10.71
C SER B 291 -6.96 54.70 -10.21
N THR B 292 -5.89 55.32 -9.74
CA THR B 292 -5.92 56.70 -9.26
C THR B 292 -5.71 57.73 -10.37
N VAL B 293 -5.43 57.29 -11.60
CA VAL B 293 -5.33 58.22 -12.73
C VAL B 293 -4.16 59.17 -12.48
N GLY B 294 -2.95 58.64 -12.39
CA GLY B 294 -1.78 59.46 -12.17
C GLY B 294 -1.55 59.92 -10.75
N TRP B 295 -2.03 59.19 -9.75
CA TRP B 295 -1.89 59.57 -8.34
C TRP B 295 -2.60 60.88 -8.01
N THR B 296 -3.67 61.18 -8.75
CA THR B 296 -4.51 62.36 -8.48
C THR B 296 -5.75 62.01 -7.67
N ALA B 297 -6.29 60.81 -7.85
CA ALA B 297 -7.57 60.40 -7.27
C ALA B 297 -7.37 59.24 -6.31
N TRP B 298 -6.90 59.54 -5.11
CA TRP B 298 -6.59 58.54 -4.10
C TRP B 298 -7.19 58.98 -2.77
N PRO B 299 -8.29 58.35 -2.33
CA PRO B 299 -8.90 58.75 -1.04
C PRO B 299 -7.90 58.78 0.11
N LYS B 300 -8.30 59.44 1.20
CA LYS B 300 -7.42 59.72 2.32
C LYS B 300 -7.56 58.64 3.40
N GLY B 301 -7.43 59.04 4.67
CA GLY B 301 -7.65 58.13 5.79
C GLY B 301 -8.56 58.74 6.84
N GLU B 302 -8.43 60.04 7.08
CA GLU B 302 -9.31 60.74 8.00
C GLU B 302 -10.77 60.51 7.62
N ASN B 303 -11.12 60.87 6.40
CA ASN B 303 -12.49 60.71 5.89
C ASN B 303 -12.61 59.46 5.04
N VAL B 304 -12.07 58.34 5.51
CA VAL B 304 -12.13 57.08 4.77
C VAL B 304 -12.18 55.91 5.74
N VAL B 305 -13.08 54.96 5.47
CA VAL B 305 -13.01 53.62 6.03
C VAL B 305 -12.51 52.70 4.92
N LEU B 306 -11.46 51.93 5.22
CA LEU B 306 -10.88 51.00 4.25
C LEU B 306 -11.14 49.58 4.74
N VAL B 307 -11.96 48.84 4.00
CA VAL B 307 -12.35 47.50 4.41
C VAL B 307 -11.71 46.48 3.48
N ASP B 308 -10.39 46.36 3.56
CA ASP B 308 -9.65 45.39 2.76
C ASP B 308 -10.01 43.97 3.22
N PRO B 309 -9.60 42.95 2.47
CA PRO B 309 -10.17 41.61 2.70
C PRO B 309 -10.06 41.12 4.13
N HIS B 310 -8.88 41.27 4.75
CA HIS B 310 -8.63 40.70 6.07
C HIS B 310 -8.18 41.72 7.10
N HIS B 311 -8.11 43.00 6.74
CA HIS B 311 -7.72 44.04 7.69
C HIS B 311 -8.56 45.28 7.41
N ILE B 312 -9.12 45.85 8.49
CA ILE B 312 -10.01 47.01 8.39
C ILE B 312 -9.36 48.17 9.13
N THR B 313 -9.07 49.23 8.40
CA THR B 313 -8.63 50.49 9.00
C THR B 313 -9.83 51.42 9.10
N VAL B 314 -10.05 51.95 10.29
CA VAL B 314 -10.98 53.05 10.50
C VAL B 314 -10.15 54.23 10.99
N GLY B 315 -10.62 55.44 10.72
CA GLY B 315 -9.86 56.62 11.09
C GLY B 315 -9.19 56.53 12.46
N GLY B 316 -7.86 56.41 12.47
CA GLY B 316 -7.11 56.35 13.71
C GLY B 316 -7.09 55.01 14.41
N GLU B 317 -7.54 53.95 13.74
CA GLU B 317 -7.58 52.63 14.35
C GLU B 317 -7.37 51.57 13.27
N GLU B 318 -6.91 50.41 13.70
CA GLU B 318 -6.74 49.27 12.82
C GLU B 318 -7.36 48.03 13.45
N PHE B 319 -7.72 47.07 12.58
CA PHE B 319 -8.27 45.79 13.00
C PHE B 319 -7.79 44.72 12.04
N THR B 320 -7.45 43.55 12.59
CA THR B 320 -7.03 42.41 11.80
C THR B 320 -7.69 41.16 12.36
N GLY B 321 -7.68 40.08 11.55
CA GLY B 321 -8.39 38.87 11.89
C GLY B 321 -9.87 38.89 11.61
N ILE B 322 -10.33 39.76 10.71
CA ILE B 322 -11.73 39.84 10.33
C ILE B 322 -11.86 39.36 8.88
N HIS B 323 -13.05 39.49 8.31
CA HIS B 323 -13.26 39.24 6.89
C HIS B 323 -14.20 40.30 6.34
N LEU B 324 -13.94 40.73 5.11
CA LEU B 324 -14.79 41.74 4.47
C LEU B 324 -16.25 41.35 4.56
N LYS B 325 -16.58 40.10 4.25
CA LYS B 325 -17.97 39.65 4.29
C LYS B 325 -18.54 39.73 5.70
N ASP B 326 -17.87 39.08 6.67
CA ASP B 326 -18.38 39.05 8.04
C ASP B 326 -18.53 40.45 8.61
N PHE B 327 -17.72 41.40 8.15
CA PHE B 327 -17.87 42.80 8.57
C PHE B 327 -19.12 43.42 7.97
N LEU B 328 -19.32 43.22 6.67
CA LEU B 328 -20.50 43.77 5.99
C LEU B 328 -21.77 43.02 6.36
N THR B 329 -21.68 41.85 6.99
CA THR B 329 -22.88 41.20 7.52
C THR B 329 -23.32 41.87 8.82
N ALA B 330 -22.41 41.95 9.81
CA ALA B 330 -22.75 42.56 11.09
C ALA B 330 -22.97 44.07 10.98
N LEU B 331 -22.46 44.71 9.94
CA LEU B 331 -22.68 46.15 9.77
C LEU B 331 -24.09 46.45 9.30
N THR B 332 -24.62 45.60 8.42
CA THR B 332 -25.92 45.83 7.79
C THR B 332 -27.07 45.54 8.74
N GLU B 333 -26.94 45.99 9.98
CA GLU B 333 -27.96 45.74 10.99
C GLU B 333 -28.04 46.92 11.94
N ARG B 334 -26.89 47.35 12.45
CA ARG B 334 -26.80 48.52 13.30
C ARG B 334 -26.72 49.82 12.51
N VAL B 335 -26.63 49.75 11.18
CA VAL B 335 -26.34 50.92 10.37
C VAL B 335 -27.61 51.77 10.25
N PRO B 336 -27.54 53.08 10.47
CA PRO B 336 -28.68 53.94 10.18
C PRO B 336 -28.68 54.35 8.71
N LYS B 337 -29.82 54.90 8.28
CA LYS B 337 -30.04 55.19 6.87
C LYS B 337 -29.70 56.66 6.65
N LYS B 338 -28.50 56.92 6.13
CA LYS B 338 -28.06 58.25 5.77
C LYS B 338 -27.83 58.29 4.26
N ASP B 339 -28.37 59.32 3.61
CA ASP B 339 -28.19 59.48 2.17
C ASP B 339 -28.28 60.95 1.81
N ALA B 340 -27.71 61.29 0.65
CA ALA B 340 -27.55 62.68 0.23
C ALA B 340 -28.38 62.92 -1.00
N THR B 341 -27.81 62.83 -2.19
CA THR B 341 -28.53 63.13 -3.42
C THR B 341 -27.72 62.58 -4.57
N LEU B 342 -28.36 62.56 -5.74
CA LEU B 342 -27.69 62.19 -6.98
C LEU B 342 -26.77 60.99 -6.77
N ALA B 360 -28.45 59.68 -35.06
CA ALA B 360 -27.82 58.36 -35.12
C ALA B 360 -27.53 57.96 -36.57
N ASP B 361 -26.65 58.73 -37.22
CA ASP B 361 -26.30 58.54 -38.62
C ASP B 361 -25.96 57.08 -38.90
N PRO B 362 -26.68 56.40 -39.82
CA PRO B 362 -26.23 55.09 -40.28
C PRO B 362 -25.66 55.17 -41.69
N ASN B 363 -25.07 54.08 -42.18
CA ASN B 363 -24.60 54.02 -43.56
C ASN B 363 -23.49 55.01 -43.84
N ALA B 364 -22.79 55.46 -42.81
CA ALA B 364 -21.73 56.46 -42.89
C ALA B 364 -20.51 55.88 -42.19
N PRO B 365 -19.34 56.53 -42.27
CA PRO B 365 -18.15 55.93 -41.66
C PRO B 365 -18.38 55.67 -40.18
N LEU B 366 -17.93 54.48 -39.73
CA LEU B 366 -18.22 54.04 -38.38
C LEU B 366 -17.43 54.86 -37.36
N THR B 367 -18.11 55.34 -36.32
CA THR B 367 -17.51 56.13 -35.26
C THR B 367 -17.40 55.32 -33.99
N ARG B 368 -16.57 55.81 -33.06
CA ARG B 368 -16.44 55.17 -31.76
C ARG B 368 -17.74 55.25 -30.97
N ALA B 369 -18.48 56.36 -31.13
CA ALA B 369 -19.77 56.51 -30.44
C ALA B 369 -20.80 55.53 -30.99
N GLU B 370 -20.79 55.28 -32.30
CA GLU B 370 -21.82 54.45 -32.91
C GLU B 370 -21.74 53.01 -32.39
N LEU B 371 -20.58 52.38 -32.50
CA LEU B 371 -20.49 50.96 -32.13
C LEU B 371 -20.46 50.77 -30.62
N CYS B 372 -19.99 51.77 -29.86
CA CYS B 372 -20.16 51.75 -28.41
C CYS B 372 -21.63 51.79 -28.04
N ARG B 373 -22.43 52.54 -28.80
CA ARG B 373 -23.87 52.58 -28.60
C ARG B 373 -24.53 51.28 -29.04
N GLN B 374 -24.16 50.79 -30.23
CA GLN B 374 -24.84 49.64 -30.82
C GLN B 374 -24.43 48.34 -30.12
N ILE B 375 -23.22 48.28 -29.56
CA ILE B 375 -22.84 47.12 -28.76
C ILE B 375 -23.65 47.09 -27.47
N GLN B 376 -24.03 48.26 -26.96
CA GLN B 376 -24.88 48.30 -25.77
C GLN B 376 -26.25 47.70 -26.05
N GLY B 377 -26.65 47.60 -27.32
CA GLY B 377 -27.87 46.91 -27.65
C GLY B 377 -27.83 45.44 -27.24
N LEU B 378 -26.64 44.82 -27.31
CA LEU B 378 -26.50 43.40 -27.04
C LEU B 378 -26.67 43.03 -25.57
N LEU B 379 -26.65 44.01 -24.67
CA LEU B 379 -26.46 43.73 -23.24
C LEU B 379 -27.73 43.12 -22.65
N ASN B 380 -27.75 41.81 -22.58
CA ASN B 380 -28.74 40.96 -21.97
C ASN B 380 -28.33 40.60 -20.55
N PRO B 381 -29.28 40.44 -19.61
CA PRO B 381 -28.95 39.89 -18.29
C PRO B 381 -28.18 38.57 -18.29
N ASN B 382 -28.16 37.87 -19.42
CA ASN B 382 -27.37 36.65 -19.58
C ASN B 382 -26.14 36.91 -20.47
N THR B 383 -25.51 38.07 -20.27
CA THR B 383 -24.37 38.49 -21.07
C THR B 383 -23.20 38.81 -20.16
N THR B 384 -22.00 38.43 -20.60
CA THR B 384 -20.75 38.80 -19.95
C THR B 384 -19.90 39.56 -20.96
N LEU B 385 -19.64 40.84 -20.68
CA LEU B 385 -18.87 41.70 -21.58
C LEU B 385 -17.41 41.66 -21.12
N ILE B 386 -16.56 41.06 -21.93
CA ILE B 386 -15.13 40.96 -21.65
C ILE B 386 -14.45 42.09 -22.40
N ALA B 387 -14.01 43.10 -21.64
CA ALA B 387 -13.37 44.29 -22.20
C ALA B 387 -11.86 44.16 -22.05
N GLU B 388 -11.15 44.14 -23.17
CA GLU B 388 -9.71 43.97 -23.19
C GLU B 388 -9.00 45.28 -22.84
N THR B 389 -7.79 45.13 -22.33
CA THR B 389 -6.91 46.27 -22.13
C THR B 389 -6.80 47.08 -23.42
N GLY B 390 -6.90 48.39 -23.28
CA GLY B 390 -6.97 49.27 -24.40
C GLY B 390 -7.98 50.35 -24.13
N ASP B 391 -8.37 51.08 -25.18
CA ASP B 391 -9.48 52.00 -25.05
C ASP B 391 -10.74 51.25 -24.69
N SER B 392 -10.83 49.96 -25.04
CA SER B 392 -12.01 49.17 -24.76
C SER B 392 -12.39 49.23 -23.28
N TRP B 393 -11.41 49.49 -22.41
CA TRP B 393 -11.71 49.72 -20.99
C TRP B 393 -12.73 50.84 -20.81
N PHE B 394 -12.49 51.98 -21.44
CA PHE B 394 -13.29 53.17 -21.17
C PHE B 394 -14.69 53.06 -21.76
N ASN B 395 -14.84 52.36 -22.89
CA ASN B 395 -16.17 52.12 -23.44
C ASN B 395 -17.03 51.34 -22.45
N ALA B 396 -16.53 50.22 -21.94
CA ALA B 396 -17.31 49.39 -21.02
C ALA B 396 -17.74 50.18 -19.79
N MET B 397 -16.92 51.12 -19.34
CA MET B 397 -17.23 51.87 -18.13
C MET B 397 -18.28 52.95 -18.35
N ARG B 398 -18.67 53.19 -19.59
CA ARG B 398 -19.79 54.07 -19.92
C ARG B 398 -21.09 53.32 -20.14
N MET B 399 -21.01 52.05 -20.52
CA MET B 399 -22.19 51.30 -20.94
C MET B 399 -23.07 50.95 -19.76
N LYS B 400 -24.37 51.20 -19.90
CA LYS B 400 -25.35 50.78 -18.91
C LYS B 400 -25.52 49.26 -18.94
N LEU B 401 -25.70 48.66 -17.76
CA LEU B 401 -25.75 47.21 -17.63
C LEU B 401 -27.10 46.76 -17.06
N PRO B 402 -27.70 45.71 -17.60
CA PRO B 402 -28.88 45.12 -16.96
C PRO B 402 -28.50 44.33 -15.72
N HIS B 403 -29.51 44.04 -14.90
CA HIS B 403 -29.30 43.20 -13.72
C HIS B 403 -28.89 41.80 -14.15
N GLY B 404 -27.91 41.24 -13.45
CA GLY B 404 -27.35 39.94 -13.80
C GLY B 404 -26.28 39.98 -14.87
N ALA B 405 -26.10 41.12 -15.54
CA ALA B 405 -25.09 41.27 -16.57
C ALA B 405 -23.72 41.48 -15.95
N ARG B 406 -22.71 40.83 -16.53
CA ARG B 406 -21.36 40.83 -15.99
C ARG B 406 -20.43 41.64 -16.89
N VAL B 407 -19.36 42.15 -16.30
CA VAL B 407 -18.24 42.73 -17.03
C VAL B 407 -16.97 42.19 -16.40
N GLU B 408 -15.97 41.88 -17.24
CA GLU B 408 -14.70 41.35 -16.79
C GLU B 408 -13.57 42.22 -17.32
N LEU B 409 -12.87 42.89 -16.42
CA LEU B 409 -11.66 43.66 -16.72
C LEU B 409 -10.45 42.94 -16.14
N GLU B 410 -9.28 43.24 -16.69
CA GLU B 410 -8.00 42.79 -16.12
C GLU B 410 -7.10 44.02 -15.96
N MET B 411 -7.40 44.84 -14.95
CA MET B 411 -6.72 46.12 -14.83
C MET B 411 -5.43 46.01 -14.04
N GLN B 412 -5.39 45.18 -12.99
CA GLN B 412 -4.19 45.08 -12.17
C GLN B 412 -3.00 44.58 -13.00
N TRP B 413 -3.19 43.51 -13.76
CA TRP B 413 -2.11 42.93 -14.54
C TRP B 413 -1.97 43.58 -15.92
N GLY B 414 -3.07 43.67 -16.66
CA GLY B 414 -3.07 44.43 -17.89
C GLY B 414 -2.31 43.82 -19.05
N HIS B 415 -2.08 42.50 -19.04
CA HIS B 415 -1.50 41.83 -20.21
C HIS B 415 -2.47 41.92 -21.38
N ILE B 416 -2.04 42.54 -22.48
CA ILE B 416 -2.88 42.63 -23.67
C ILE B 416 -2.87 41.28 -24.38
N GLY B 417 -4.02 40.89 -24.92
CA GLY B 417 -4.22 39.54 -25.37
C GLY B 417 -4.79 38.61 -24.31
N TRP B 418 -4.91 39.07 -23.07
CA TRP B 418 -5.56 38.26 -22.05
C TRP B 418 -6.99 37.92 -22.45
N SER B 419 -7.70 38.90 -23.01
CA SER B 419 -9.13 38.73 -23.28
C SER B 419 -9.42 37.45 -24.04
N VAL B 420 -8.71 37.22 -25.14
CA VAL B 420 -9.08 36.15 -26.07
C VAL B 420 -9.07 34.80 -25.37
N PRO B 421 -7.97 34.36 -24.76
CA PRO B 421 -8.01 33.07 -24.06
C PRO B 421 -8.92 33.08 -22.84
N ALA B 422 -9.08 34.23 -22.17
CA ALA B 422 -9.97 34.30 -21.01
C ALA B 422 -11.44 34.30 -21.42
N THR B 423 -11.75 34.78 -22.63
CA THR B 423 -13.10 34.65 -23.16
C THR B 423 -13.41 33.20 -23.50
N PHE B 424 -12.49 32.53 -24.20
CA PHE B 424 -12.57 31.08 -24.41
C PHE B 424 -12.82 30.35 -23.11
N GLY B 425 -12.03 30.65 -22.07
CA GLY B 425 -12.17 29.95 -20.81
C GLY B 425 -13.48 30.29 -20.10
N TYR B 426 -13.81 31.58 -20.00
CA TYR B 426 -15.07 31.98 -19.39
C TYR B 426 -16.25 31.25 -20.02
N ALA B 427 -16.23 31.09 -21.34
CA ALA B 427 -17.36 30.52 -22.06
C ALA B 427 -17.49 29.01 -21.82
N VAL B 428 -16.37 28.32 -21.60
CA VAL B 428 -16.45 26.89 -21.31
C VAL B 428 -17.23 26.65 -20.03
N ALA B 429 -17.14 27.57 -19.07
CA ALA B 429 -17.87 27.43 -17.82
C ALA B 429 -19.29 27.97 -17.93
N GLU B 430 -19.48 29.04 -18.70
CA GLU B 430 -20.80 29.66 -18.91
C GLU B 430 -21.09 29.66 -20.41
N PRO B 431 -21.29 28.47 -21.01
CA PRO B 431 -21.49 28.43 -22.46
C PRO B 431 -22.86 28.93 -22.91
N GLU B 432 -23.89 28.88 -22.05
CA GLU B 432 -25.21 29.34 -22.43
C GLU B 432 -25.36 30.85 -22.32
N ARG B 433 -24.38 31.54 -21.74
CA ARG B 433 -24.42 32.99 -21.69
C ARG B 433 -24.03 33.59 -23.04
N ARG B 434 -24.39 34.86 -23.22
CA ARG B 434 -24.01 35.61 -24.41
C ARG B 434 -22.67 36.27 -24.09
N ASN B 435 -21.60 35.69 -24.61
CA ASN B 435 -20.25 36.14 -24.29
C ASN B 435 -19.75 37.10 -25.36
N VAL B 436 -19.48 38.34 -24.95
CA VAL B 436 -19.15 39.44 -25.86
C VAL B 436 -17.76 39.95 -25.50
N LEU B 437 -16.90 40.10 -26.51
CA LEU B 437 -15.48 40.40 -26.33
C LEU B 437 -15.13 41.69 -27.08
N MET B 438 -14.76 42.73 -26.33
CA MET B 438 -14.23 43.96 -26.92
C MET B 438 -12.71 43.92 -26.86
N VAL B 439 -12.06 43.75 -28.01
CA VAL B 439 -10.61 43.60 -28.08
C VAL B 439 -10.08 44.47 -29.21
N GLY B 440 -8.98 45.19 -28.93
CA GLY B 440 -8.33 46.01 -29.93
C GLY B 440 -7.50 45.20 -30.91
N ASP B 441 -7.12 45.88 -32.02
CA ASP B 441 -6.31 45.24 -33.05
C ASP B 441 -4.99 44.73 -32.49
N GLY B 442 -4.33 45.54 -31.65
CA GLY B 442 -3.03 45.15 -31.14
C GLY B 442 -3.13 44.06 -30.09
N SER B 443 -4.09 44.18 -29.18
CA SER B 443 -4.31 43.12 -28.20
C SER B 443 -4.53 41.79 -28.88
N PHE B 444 -5.44 41.76 -29.86
CA PHE B 444 -5.84 40.51 -30.50
C PHE B 444 -4.64 39.73 -31.03
N GLN B 445 -3.63 40.43 -31.55
CA GLN B 445 -2.53 39.74 -32.23
C GLN B 445 -1.71 38.86 -31.29
N LEU B 446 -1.63 39.20 -30.00
CA LEU B 446 -0.77 38.46 -29.11
C LEU B 446 -1.26 37.04 -28.87
N THR B 447 -2.59 36.85 -28.82
CA THR B 447 -3.20 35.60 -28.41
C THR B 447 -4.34 35.20 -29.35
N ALA B 448 -4.21 35.52 -30.65
CA ALA B 448 -5.33 35.33 -31.58
C ALA B 448 -5.64 33.86 -31.81
N GLN B 449 -4.62 32.98 -31.81
CA GLN B 449 -4.80 31.57 -32.15
C GLN B 449 -5.76 30.84 -31.21
N GLU B 450 -6.02 31.37 -30.02
CA GLU B 450 -6.97 30.73 -29.13
C GLU B 450 -8.42 30.91 -29.59
N VAL B 451 -8.65 31.66 -30.68
CA VAL B 451 -9.96 31.66 -31.33
C VAL B 451 -10.22 30.30 -31.98
N ALA B 452 -9.17 29.67 -32.54
CA ALA B 452 -9.30 28.35 -33.15
C ALA B 452 -9.91 27.32 -32.20
N GLN B 453 -9.75 27.53 -30.90
CA GLN B 453 -10.37 26.64 -29.93
C GLN B 453 -11.84 26.97 -29.71
N MET B 454 -12.23 28.25 -29.78
CA MET B 454 -13.64 28.61 -29.76
C MET B 454 -14.39 27.93 -30.90
N VAL B 455 -13.73 27.72 -32.03
CA VAL B 455 -14.34 26.94 -33.12
C VAL B 455 -14.30 25.46 -32.81
N ARG B 456 -13.17 24.96 -32.31
CA ARG B 456 -13.04 23.55 -31.94
C ARG B 456 -14.14 23.13 -30.98
N ARG B 457 -14.36 23.91 -29.92
CA ARG B 457 -15.40 23.64 -28.96
C ARG B 457 -16.77 24.13 -29.41
N LYS B 458 -16.83 24.97 -30.45
CA LYS B 458 -18.07 25.52 -30.99
C LYS B 458 -18.83 26.29 -29.90
N LEU B 459 -18.27 27.44 -29.56
CA LEU B 459 -18.82 28.31 -28.53
C LEU B 459 -19.43 29.55 -29.17
N PRO B 460 -20.68 29.99 -28.75
CA PRO B 460 -21.32 31.19 -29.34
C PRO B 460 -20.77 32.49 -28.76
N ILE B 461 -19.57 32.84 -29.20
CA ILE B 461 -18.87 34.04 -28.75
C ILE B 461 -18.98 35.09 -29.85
N ILE B 462 -19.04 36.34 -29.43
CA ILE B 462 -19.27 37.48 -30.33
C ILE B 462 -18.09 38.43 -30.15
N ILE B 463 -17.09 38.31 -31.03
CA ILE B 463 -15.83 39.04 -30.89
C ILE B 463 -15.96 40.38 -31.62
N PHE B 464 -15.78 41.48 -30.88
CA PHE B 464 -15.77 42.83 -31.45
C PHE B 464 -14.32 43.30 -31.54
N LEU B 465 -13.67 42.95 -32.65
CA LEU B 465 -12.29 43.33 -32.91
C LEU B 465 -12.21 44.81 -33.26
N ILE B 466 -11.96 45.65 -32.25
CA ILE B 466 -11.93 47.10 -32.43
C ILE B 466 -10.67 47.49 -33.19
N ASN B 467 -10.73 47.41 -34.52
CA ASN B 467 -9.56 47.66 -35.34
C ASN B 467 -9.37 49.16 -35.52
N ASN B 468 -8.20 49.67 -35.12
CA ASN B 468 -7.85 51.07 -35.36
C ASN B 468 -6.39 51.23 -35.77
N ARG B 469 -5.72 50.15 -36.15
CA ARG B 469 -4.41 50.20 -36.78
C ARG B 469 -3.31 50.67 -35.83
N GLY B 470 -3.38 50.33 -34.55
CA GLY B 470 -2.32 50.73 -33.66
C GLY B 470 -2.68 50.50 -32.21
N TYR B 471 -1.64 50.60 -31.37
CA TYR B 471 -1.79 50.62 -29.93
C TYR B 471 -2.30 52.00 -29.54
N THR B 472 -3.61 52.20 -29.73
CA THR B 472 -4.17 53.55 -29.60
C THR B 472 -4.02 54.08 -28.19
N ILE B 473 -4.24 53.23 -27.18
CA ILE B 473 -4.04 53.65 -25.80
C ILE B 473 -2.60 54.09 -25.58
N GLU B 474 -1.64 53.35 -26.14
CA GLU B 474 -0.23 53.71 -25.96
C GLU B 474 0.11 54.98 -26.73
N VAL B 475 -0.62 55.29 -27.79
CA VAL B 475 -0.37 56.52 -28.54
C VAL B 475 -0.61 57.74 -27.67
N LYS B 476 -1.64 57.68 -26.83
CA LYS B 476 -2.05 58.84 -26.04
C LYS B 476 -1.39 58.89 -24.67
N ILE B 477 -0.46 57.96 -24.40
CA ILE B 477 0.48 58.07 -23.29
C ILE B 477 1.74 58.72 -23.82
N HIS B 478 2.35 58.10 -24.84
CA HIS B 478 3.54 58.66 -25.47
C HIS B 478 3.68 58.01 -26.84
N ASP B 479 3.41 58.79 -27.87
CA ASP B 479 3.36 58.26 -29.22
C ASP B 479 4.76 57.98 -29.77
N GLY B 480 4.81 57.14 -30.79
CA GLY B 480 6.06 56.84 -31.47
C GLY B 480 5.85 55.79 -32.55
N PRO B 481 6.92 55.46 -33.28
CA PRO B 481 6.80 54.43 -34.32
C PRO B 481 6.53 53.04 -33.77
N TYR B 482 6.87 52.80 -32.51
CA TYR B 482 6.61 51.52 -31.88
C TYR B 482 5.12 51.20 -31.73
N ASN B 483 4.24 52.20 -31.82
CA ASN B 483 2.81 51.97 -31.66
C ASN B 483 2.13 51.50 -32.93
N ASN B 484 2.73 51.77 -34.09
CA ASN B 484 2.15 51.40 -35.38
C ASN B 484 2.41 49.91 -35.62
N ILE B 485 1.34 49.13 -35.69
CA ILE B 485 1.47 47.69 -35.88
C ILE B 485 1.01 47.29 -37.28
N LYS B 486 1.64 46.25 -37.80
CA LYS B 486 1.20 45.60 -39.02
C LYS B 486 -0.29 45.27 -38.93
N ASN B 487 -1.01 45.56 -40.00
CA ASN B 487 -2.42 45.25 -40.06
C ASN B 487 -2.65 43.90 -40.73
N TRP B 488 -3.66 43.18 -40.25
CA TRP B 488 -4.12 41.92 -40.83
C TRP B 488 -5.46 42.14 -41.54
N ASP B 489 -5.94 41.09 -42.19
CA ASP B 489 -7.35 41.00 -42.60
C ASP B 489 -8.12 40.27 -41.51
N TYR B 490 -8.25 40.95 -40.38
CA TYR B 490 -8.76 40.30 -39.17
C TYR B 490 -10.04 39.53 -39.44
N ALA B 491 -10.86 40.02 -40.35
CA ALA B 491 -12.11 39.33 -40.66
C ALA B 491 -11.84 37.94 -41.25
N GLY B 492 -10.92 37.86 -42.21
CA GLY B 492 -10.69 36.61 -42.93
C GLY B 492 -10.01 35.54 -42.10
N LEU B 493 -9.59 35.84 -40.88
CA LEU B 493 -8.90 34.84 -40.07
C LEU B 493 -9.82 33.66 -39.76
N MET B 494 -11.05 33.95 -39.31
CA MET B 494 -12.00 32.91 -38.93
C MET B 494 -11.95 31.73 -39.89
N GLU B 495 -11.99 32.00 -41.19
CA GLU B 495 -11.96 30.93 -42.19
C GLU B 495 -10.77 30.00 -41.99
N VAL B 496 -9.57 30.55 -41.81
CA VAL B 496 -8.36 29.73 -41.75
C VAL B 496 -8.46 28.73 -40.61
N PHE B 497 -9.03 29.14 -39.47
CA PHE B 497 -9.21 28.22 -38.37
C PHE B 497 -10.36 27.26 -38.66
N ASN B 498 -11.41 27.78 -39.28
CA ASN B 498 -12.59 26.97 -39.61
C ASN B 498 -12.23 25.75 -40.46
N ALA B 499 -11.32 25.93 -41.42
CA ALA B 499 -10.79 24.81 -42.19
C ALA B 499 -11.93 24.01 -42.82
N GLU B 500 -12.07 22.72 -42.48
CA GLU B 500 -13.08 21.85 -43.07
C GLU B 500 -14.31 21.67 -42.18
N ASP B 501 -14.12 21.45 -40.87
CA ASP B 501 -15.17 20.96 -40.01
C ASP B 501 -15.75 21.99 -39.05
N GLY B 502 -14.96 22.95 -38.59
CA GLY B 502 -15.48 23.94 -37.66
C GLY B 502 -16.55 24.80 -38.32
N LYS B 503 -17.23 25.60 -37.49
CA LYS B 503 -18.32 26.46 -37.97
C LYS B 503 -18.26 27.79 -37.22
N GLY B 504 -17.79 28.83 -37.90
CA GLY B 504 -17.68 30.13 -37.26
C GLY B 504 -17.61 31.32 -38.22
N LEU B 505 -18.37 32.36 -37.93
CA LEU B 505 -18.49 33.51 -38.81
C LEU B 505 -17.33 34.48 -38.64
N GLY B 506 -16.95 35.13 -39.76
CA GLY B 506 -15.94 36.18 -39.76
C GLY B 506 -16.37 37.37 -40.60
N LEU B 507 -16.75 38.47 -39.96
CA LEU B 507 -17.42 39.59 -40.62
C LEU B 507 -16.61 40.87 -40.45
N LYS B 508 -17.08 41.93 -41.12
CA LYS B 508 -16.45 43.24 -41.09
C LYS B 508 -17.54 44.29 -40.91
N ALA B 509 -17.13 45.54 -40.69
CA ALA B 509 -18.10 46.62 -40.55
C ALA B 509 -17.43 47.99 -40.66
N THR B 510 -17.49 48.61 -41.83
CA THR B 510 -16.92 49.94 -42.01
C THR B 510 -17.94 51.07 -41.88
N THR B 511 -19.19 50.78 -41.54
CA THR B 511 -20.21 51.81 -41.45
C THR B 511 -21.16 51.49 -40.29
N GLY B 512 -21.85 52.54 -39.83
CA GLY B 512 -22.82 52.37 -38.76
C GLY B 512 -23.90 51.36 -39.09
N GLY B 513 -24.28 51.29 -40.36
CA GLY B 513 -25.28 50.31 -40.77
C GLY B 513 -24.73 48.90 -40.75
N GLU B 514 -23.63 48.65 -41.47
CA GLU B 514 -23.02 47.33 -41.55
C GLU B 514 -22.93 46.68 -40.18
N LEU B 515 -22.70 47.48 -39.15
CA LEU B 515 -22.62 46.94 -37.80
C LEU B 515 -23.92 46.20 -37.43
N ALA B 516 -25.07 46.81 -37.73
CA ALA B 516 -26.35 46.17 -37.43
C ALA B 516 -26.49 44.85 -38.18
N GLU B 517 -26.07 44.82 -39.45
CA GLU B 517 -26.09 43.58 -40.20
C GLU B 517 -25.24 42.52 -39.53
N ALA B 518 -24.02 42.88 -39.12
CA ALA B 518 -23.13 41.92 -38.49
C ALA B 518 -23.69 41.43 -37.16
N ILE B 519 -24.25 42.35 -36.35
CA ILE B 519 -24.72 41.99 -35.01
C ILE B 519 -25.83 40.95 -35.11
N LYS B 520 -26.76 41.15 -36.05
CA LYS B 520 -27.84 40.18 -36.22
C LYS B 520 -27.28 38.83 -36.66
N LYS B 521 -26.35 38.84 -37.62
CA LYS B 521 -25.70 37.60 -38.01
C LYS B 521 -25.04 36.93 -36.83
N ALA B 522 -24.48 37.73 -35.91
CA ALA B 522 -23.79 37.16 -34.75
C ALA B 522 -24.79 36.51 -33.79
N LEU B 523 -25.79 37.28 -33.36
CA LEU B 523 -26.85 36.70 -32.54
C LEU B 523 -27.51 35.53 -33.25
N ALA B 524 -27.64 35.62 -34.57
CA ALA B 524 -28.23 34.54 -35.34
C ALA B 524 -27.34 33.29 -35.31
N HIS B 525 -26.04 33.46 -35.53
CA HIS B 525 -25.16 32.32 -35.69
C HIS B 525 -25.00 31.54 -34.39
N ARG B 526 -25.18 30.23 -34.48
CA ARG B 526 -24.82 29.27 -33.44
C ARG B 526 -23.78 28.31 -34.00
N GLU B 527 -23.36 27.37 -33.17
CA GLU B 527 -22.39 26.34 -33.53
C GLU B 527 -20.97 26.90 -33.64
N GLY B 528 -20.73 28.12 -33.16
CA GLY B 528 -19.39 28.68 -33.17
C GLY B 528 -19.33 30.18 -33.00
N PRO B 529 -18.10 30.72 -33.05
CA PRO B 529 -17.89 32.14 -32.74
C PRO B 529 -18.21 33.03 -33.92
N THR B 530 -18.16 34.34 -33.66
CA THR B 530 -18.48 35.34 -34.67
C THR B 530 -17.58 36.56 -34.43
N LEU B 531 -16.62 36.78 -35.32
CA LEU B 531 -15.75 37.94 -35.24
C LEU B 531 -16.24 39.05 -36.17
N ILE B 532 -16.04 40.29 -35.75
CA ILE B 532 -16.52 41.45 -36.49
C ILE B 532 -15.41 42.49 -36.46
N GLU B 533 -14.79 42.73 -37.62
CA GLU B 533 -13.65 43.63 -37.76
C GLU B 533 -14.17 45.06 -37.87
N CYS B 534 -14.57 45.63 -36.74
CA CYS B 534 -15.12 46.98 -36.73
C CYS B 534 -14.03 48.01 -36.95
N VAL B 535 -13.80 48.42 -38.20
CA VAL B 535 -12.80 49.44 -38.49
C VAL B 535 -13.25 50.79 -37.94
N ILE B 536 -12.31 51.54 -37.39
CA ILE B 536 -12.54 52.92 -36.96
C ILE B 536 -11.24 53.69 -37.08
N ASP B 537 -11.25 54.96 -36.68
CA ASP B 537 -10.06 55.78 -36.71
C ASP B 537 -9.32 55.68 -35.38
N ARG B 538 -8.00 55.88 -35.43
CA ARG B 538 -7.20 55.81 -34.21
C ARG B 538 -7.49 57.00 -33.30
N ASP B 539 -7.29 58.22 -33.81
CA ASP B 539 -7.52 59.41 -32.99
C ASP B 539 -8.96 59.53 -32.55
N ASP B 540 -9.90 58.89 -33.24
CA ASP B 540 -11.28 58.79 -32.74
C ASP B 540 -11.27 57.87 -31.51
N CYS B 541 -11.44 58.45 -30.32
CA CYS B 541 -11.37 57.68 -29.08
C CYS B 541 -12.04 58.45 -27.95
N THR B 542 -12.31 57.71 -26.87
CA THR B 542 -12.98 58.26 -25.70
C THR B 542 -12.24 59.47 -25.13
N PRO B 543 -12.96 60.46 -24.59
CA PRO B 543 -12.28 61.63 -24.01
C PRO B 543 -11.58 61.32 -22.70
N GLU B 544 -11.89 60.19 -22.05
CA GLU B 544 -11.13 59.76 -20.87
C GLU B 544 -9.71 59.36 -21.22
N LEU B 545 -9.56 58.44 -22.18
CA LEU B 545 -8.25 57.98 -22.61
C LEU B 545 -7.34 59.15 -22.99
N VAL B 546 -7.90 60.23 -23.53
CA VAL B 546 -7.10 61.40 -23.86
C VAL B 546 -6.52 62.03 -22.60
N THR B 547 -7.40 62.43 -21.67
CA THR B 547 -6.96 63.08 -20.44
C THR B 547 -6.32 62.11 -19.46
N TRP B 548 -6.56 60.80 -19.62
CA TRP B 548 -6.01 59.79 -18.73
C TRP B 548 -4.56 59.47 -19.08
N GLY B 549 -4.27 59.30 -20.37
CA GLY B 549 -2.92 59.04 -20.79
C GLY B 549 -1.95 60.15 -20.42
N LYS B 550 -2.45 61.37 -20.31
CA LYS B 550 -1.60 62.48 -19.87
C LYS B 550 -1.11 62.26 -18.45
N LYS B 551 -2.03 61.89 -17.55
CA LYS B 551 -1.66 61.69 -16.14
C LYS B 551 -0.71 60.50 -15.99
N VAL B 552 -0.88 59.46 -16.80
CA VAL B 552 -0.02 58.28 -16.73
C VAL B 552 1.35 58.57 -17.34
N ALA B 553 1.39 59.24 -18.48
CA ALA B 553 2.66 59.48 -19.16
C ALA B 553 3.60 60.31 -18.31
N THR B 554 3.07 61.33 -17.64
CA THR B 554 3.91 62.21 -16.83
C THR B 554 4.24 61.58 -15.49
N ALA B 555 3.29 60.88 -14.88
CA ALA B 555 3.59 60.14 -13.65
C ALA B 555 4.61 59.04 -13.93
N ASN B 556 4.47 58.34 -15.07
CA ASN B 556 5.44 57.32 -15.45
C ASN B 556 6.85 57.89 -15.50
N ALA B 557 7.00 59.09 -16.08
CA ALA B 557 8.32 59.68 -16.30
C ALA B 557 8.51 60.95 -15.47
N ARG B 558 8.07 60.94 -14.20
CA ARG B 558 8.39 62.07 -13.34
C ARG B 558 9.80 61.91 -12.77
N PRO B 559 10.49 63.02 -12.49
CA PRO B 559 11.93 62.97 -12.23
C PRO B 559 12.21 62.53 -10.81
N PRO B 560 13.39 61.96 -10.53
CA PRO B 560 13.75 61.62 -9.15
C PRO B 560 13.78 62.86 -8.26
N GLN B 561 13.72 62.61 -6.94
CA GLN B 561 13.72 63.67 -5.94
C GLN B 561 14.95 63.53 -5.05
N ALA B 562 15.92 64.42 -5.24
CA ALA B 562 17.17 64.35 -4.49
C ALA B 562 16.93 64.64 -3.01
N ILE B 563 17.86 64.17 -2.18
CA ILE B 563 17.77 64.34 -0.74
C ILE B 563 18.41 65.66 -0.32
N THR C 2 17.63 -43.17 -27.94
CA THR C 2 16.50 -42.32 -27.60
C THR C 2 15.77 -42.86 -26.38
N TYR C 3 15.64 -42.00 -25.38
CA TYR C 3 14.97 -42.36 -24.14
C TYR C 3 13.54 -42.81 -24.40
N THR C 4 12.94 -43.45 -23.39
CA THR C 4 11.57 -43.93 -23.41
C THR C 4 10.97 -43.71 -22.04
N VAL C 5 9.68 -44.01 -21.90
CA VAL C 5 8.99 -43.82 -20.61
C VAL C 5 9.63 -44.68 -19.54
N GLY C 6 9.88 -45.96 -19.85
CA GLY C 6 10.56 -46.84 -18.91
C GLY C 6 11.94 -46.31 -18.52
N HIS C 7 12.70 -45.85 -19.51
CA HIS C 7 14.01 -45.27 -19.22
C HIS C 7 13.87 -43.99 -18.41
N TYR C 8 12.90 -43.14 -18.76
CA TYR C 8 12.73 -41.87 -18.06
C TYR C 8 12.44 -42.08 -16.58
N LEU C 9 11.60 -43.06 -16.26
CA LEU C 9 11.29 -43.34 -14.86
C LEU C 9 12.48 -43.95 -14.14
N ALA C 10 13.13 -44.94 -14.77
CA ALA C 10 14.30 -45.56 -14.17
C ALA C 10 15.31 -44.49 -13.76
N THR C 11 15.72 -43.66 -14.73
CA THR C 11 16.72 -42.63 -14.44
C THR C 11 16.23 -41.70 -13.33
N ARG C 12 14.99 -41.21 -13.45
CA ARG C 12 14.48 -40.30 -12.43
C ARG C 12 14.58 -40.92 -11.04
N LEU C 13 14.26 -42.23 -10.94
CA LEU C 13 14.37 -42.92 -9.66
C LEU C 13 15.82 -43.05 -9.22
N ALA C 14 16.71 -43.49 -10.12
CA ALA C 14 18.10 -43.63 -9.74
C ALA C 14 18.67 -42.31 -9.28
N GLN C 15 18.33 -41.23 -9.99
CA GLN C 15 18.85 -39.90 -9.67
C GLN C 15 18.49 -39.48 -8.24
N ILE C 16 17.22 -39.65 -7.85
CA ILE C 16 16.79 -39.18 -6.54
C ILE C 16 17.36 -40.04 -5.41
N GLY C 17 17.88 -41.22 -5.71
CA GLY C 17 18.53 -42.02 -4.69
C GLY C 17 18.58 -43.50 -5.00
N LEU C 18 17.49 -44.04 -5.54
CA LEU C 18 17.28 -45.47 -5.61
C LEU C 18 18.41 -46.19 -6.34
N LYS C 19 19.10 -47.08 -5.61
CA LYS C 19 19.93 -48.12 -6.22
C LYS C 19 19.14 -49.37 -6.56
N HIS C 20 17.99 -49.58 -5.91
CA HIS C 20 17.16 -50.76 -6.11
C HIS C 20 15.70 -50.35 -6.12
N HIS C 21 14.96 -50.84 -7.12
CA HIS C 21 13.51 -50.74 -7.15
C HIS C 21 12.92 -52.14 -7.18
N PHE C 22 11.86 -52.36 -6.41
CA PHE C 22 11.28 -53.69 -6.19
C PHE C 22 10.12 -53.92 -7.16
N ALA C 23 9.85 -55.19 -7.44
CA ALA C 23 8.96 -55.47 -8.55
C ALA C 23 8.31 -56.83 -8.40
N VAL C 24 7.27 -57.02 -9.19
CA VAL C 24 6.55 -58.29 -9.30
C VAL C 24 6.06 -58.42 -10.73
N ALA C 25 6.51 -59.45 -11.43
CA ALA C 25 6.22 -59.58 -12.84
C ALA C 25 4.72 -59.70 -13.07
N GLY C 26 4.30 -59.23 -14.25
CA GLY C 26 2.94 -59.41 -14.72
C GLY C 26 2.83 -58.90 -16.13
N ASP C 27 1.88 -59.46 -16.89
CA ASP C 27 1.87 -59.24 -18.33
C ASP C 27 1.68 -57.77 -18.70
N TYR C 28 1.17 -56.94 -17.78
CA TYR C 28 1.09 -55.51 -18.03
C TYR C 28 2.44 -54.82 -17.87
N ASN C 29 3.06 -54.95 -16.70
CA ASN C 29 4.32 -54.28 -16.42
C ASN C 29 5.51 -54.97 -17.05
N LEU C 30 5.29 -56.03 -17.83
CA LEU C 30 6.42 -56.78 -18.39
C LEU C 30 7.27 -55.88 -19.30
N VAL C 31 6.66 -55.34 -20.36
CA VAL C 31 7.37 -54.40 -21.23
C VAL C 31 8.00 -53.28 -20.42
N LEU C 32 7.27 -52.77 -19.43
CA LEU C 32 7.81 -51.72 -18.58
C LEU C 32 9.01 -52.19 -17.78
N LEU C 33 8.93 -53.40 -17.23
CA LEU C 33 10.03 -53.89 -16.40
C LEU C 33 11.31 -53.99 -17.21
N ASP C 34 11.22 -54.42 -18.47
CA ASP C 34 12.42 -54.53 -19.29
C ASP C 34 13.15 -53.20 -19.36
N GLN C 35 12.39 -52.11 -19.52
CA GLN C 35 13.00 -50.80 -19.70
C GLN C 35 13.44 -50.18 -18.40
N LEU C 36 12.89 -50.62 -17.26
CA LEU C 36 13.44 -50.19 -15.98
C LEU C 36 14.85 -50.72 -15.77
N LEU C 37 15.21 -51.81 -16.44
CA LEU C 37 16.56 -52.33 -16.34
C LEU C 37 17.57 -51.43 -17.03
N LYS C 38 17.14 -50.70 -18.08
CA LYS C 38 18.09 -50.01 -18.95
C LYS C 38 19.01 -49.08 -18.18
N ASN C 39 18.58 -48.57 -17.03
CA ASN C 39 19.51 -47.84 -16.18
C ASN C 39 20.33 -48.83 -15.35
N LYS C 40 21.65 -48.65 -15.35
CA LYS C 40 22.58 -49.59 -14.73
C LYS C 40 23.01 -49.18 -13.33
N ASP C 41 22.60 -48.00 -12.85
CA ASP C 41 22.73 -47.64 -11.45
C ASP C 41 21.47 -47.96 -10.67
N LEU C 42 20.58 -48.77 -11.24
CA LEU C 42 19.24 -49.00 -10.71
C LEU C 42 18.89 -50.46 -10.95
N GLU C 43 18.83 -51.24 -9.89
CA GLU C 43 18.72 -52.70 -9.96
C GLU C 43 17.28 -53.12 -9.67
N GLN C 44 16.82 -54.14 -10.39
CA GLN C 44 15.42 -54.57 -10.35
C GLN C 44 15.30 -55.78 -9.43
N VAL C 45 14.96 -55.52 -8.16
CA VAL C 45 14.75 -56.59 -7.18
C VAL C 45 13.35 -57.15 -7.34
N TYR C 46 13.21 -58.47 -7.18
CA TYR C 46 11.92 -59.14 -7.30
C TYR C 46 11.48 -59.66 -5.94
N CYS C 47 10.19 -60.02 -5.87
CA CYS C 47 9.58 -60.38 -4.59
C CYS C 47 8.51 -61.44 -4.81
N CYS C 48 8.04 -62.03 -3.71
CA CYS C 48 7.11 -63.16 -3.77
C CYS C 48 5.69 -62.72 -4.09
N ASN C 49 5.19 -61.74 -3.35
CA ASN C 49 3.87 -61.17 -3.60
C ASN C 49 3.92 -59.66 -3.44
N GLU C 50 2.86 -58.98 -3.90
CA GLU C 50 2.85 -57.53 -3.97
C GLU C 50 2.66 -56.89 -2.59
N LEU C 51 1.81 -57.49 -1.74
CA LEU C 51 1.70 -57.02 -0.37
C LEU C 51 3.07 -56.84 0.25
N ASN C 52 3.97 -57.80 0.03
CA ASN C 52 5.32 -57.71 0.56
C ASN C 52 6.17 -56.74 -0.26
N CYS C 53 6.14 -56.86 -1.57
CA CYS C 53 6.97 -56.02 -2.44
C CYS C 53 6.84 -54.55 -2.05
N GLY C 54 5.60 -54.07 -1.87
CA GLY C 54 5.40 -52.69 -1.47
C GLY C 54 5.96 -52.40 -0.09
N PHE C 55 5.81 -53.34 0.83
CA PHE C 55 6.41 -53.18 2.15
C PHE C 55 7.94 -53.20 2.04
N SER C 56 8.48 -53.94 1.06
CA SER C 56 9.92 -53.91 0.85
C SER C 56 10.37 -52.50 0.44
N ALA C 57 9.65 -51.87 -0.48
CA ALA C 57 9.93 -50.48 -0.82
C ALA C 57 9.71 -49.58 0.39
N GLU C 58 8.78 -49.95 1.27
CA GLU C 58 8.58 -49.23 2.52
C GLU C 58 9.88 -49.20 3.32
N GLY C 59 10.44 -50.36 3.60
CA GLY C 59 11.71 -50.45 4.28
C GLY C 59 12.83 -49.69 3.59
N TYR C 60 13.04 -50.02 2.31
CA TYR C 60 14.12 -49.39 1.56
C TYR C 60 14.13 -47.88 1.78
N ALA C 61 12.95 -47.25 1.79
CA ALA C 61 12.84 -45.81 1.97
C ALA C 61 13.21 -45.36 3.38
N ARG C 62 13.16 -46.26 4.36
CA ARG C 62 13.61 -45.91 5.70
C ARG C 62 15.12 -45.72 5.74
N ALA C 63 15.86 -46.52 4.98
CA ALA C 63 17.31 -46.41 4.92
C ALA C 63 17.75 -45.40 3.86
N ASN C 64 17.23 -45.52 2.63
CA ASN C 64 17.60 -44.60 1.56
C ASN C 64 17.03 -43.20 1.82
N GLY C 65 15.76 -43.12 2.23
CA GLY C 65 15.00 -41.88 2.27
C GLY C 65 13.81 -41.89 1.33
N VAL C 66 13.89 -42.68 0.26
CA VAL C 66 12.80 -42.86 -0.70
C VAL C 66 12.92 -44.26 -1.29
N GLY C 67 11.77 -44.81 -1.70
CA GLY C 67 11.72 -46.15 -2.26
C GLY C 67 10.72 -46.22 -3.40
N ALA C 68 10.62 -47.41 -4.00
CA ALA C 68 9.73 -47.59 -5.14
C ALA C 68 9.43 -49.07 -5.32
N ALA C 69 8.31 -49.33 -6.01
CA ALA C 69 7.88 -50.69 -6.31
C ALA C 69 7.20 -50.71 -7.67
N VAL C 70 6.86 -51.92 -8.12
CA VAL C 70 6.18 -52.10 -9.40
C VAL C 70 5.25 -53.30 -9.28
N VAL C 71 4.10 -53.24 -9.94
CA VAL C 71 3.08 -54.28 -9.81
C VAL C 71 2.24 -54.34 -11.07
N THR C 72 1.43 -55.40 -11.16
CA THR C 72 0.47 -55.57 -12.23
C THR C 72 -0.82 -54.85 -11.87
N PHE C 73 -1.67 -54.67 -12.88
CA PHE C 73 -2.88 -53.88 -12.69
C PHE C 73 -3.84 -54.55 -11.71
N SER C 74 -4.31 -53.77 -10.73
CA SER C 74 -5.37 -54.13 -9.80
C SER C 74 -4.98 -55.32 -8.94
N VAL C 75 -4.80 -56.49 -9.57
CA VAL C 75 -4.47 -57.70 -8.84
C VAL C 75 -3.21 -57.50 -8.00
N GLY C 76 -2.19 -56.90 -8.59
CA GLY C 76 -0.97 -56.58 -7.89
C GLY C 76 -1.08 -55.32 -7.03
N ALA C 77 -1.72 -54.28 -7.59
CA ALA C 77 -1.71 -52.98 -6.93
C ALA C 77 -2.60 -52.96 -5.69
N LEU C 78 -3.77 -53.62 -5.75
CA LEU C 78 -4.71 -53.57 -4.64
C LEU C 78 -4.07 -54.03 -3.33
N SER C 79 -3.27 -55.11 -3.37
CA SER C 79 -2.52 -55.52 -2.19
C SER C 79 -1.50 -54.46 -1.80
N ALA C 80 -0.79 -53.92 -2.79
CA ALA C 80 0.25 -52.92 -2.53
C ALA C 80 -0.32 -51.70 -1.80
N PHE C 81 -1.57 -51.33 -2.11
CA PHE C 81 -2.19 -50.18 -1.45
C PHE C 81 -2.09 -50.29 0.07
N ASN C 82 -2.04 -51.51 0.61
CA ASN C 82 -1.87 -51.67 2.05
C ASN C 82 -0.53 -51.13 2.51
N ALA C 83 0.52 -51.33 1.70
CA ALA C 83 1.82 -50.78 2.04
C ALA C 83 1.87 -49.28 1.79
N ILE C 84 1.21 -48.82 0.72
CA ILE C 84 1.20 -47.39 0.42
C ILE C 84 0.49 -46.62 1.52
N GLY C 85 -0.60 -47.18 2.04
CA GLY C 85 -1.14 -46.64 3.28
C GLY C 85 -0.09 -46.59 4.36
N GLY C 86 0.60 -47.71 4.58
CA GLY C 86 1.66 -47.74 5.56
C GLY C 86 2.74 -46.73 5.28
N ALA C 87 2.98 -46.44 4.00
CA ALA C 87 3.92 -45.38 3.62
C ALA C 87 3.35 -44.02 4.02
N TYR C 88 2.15 -43.70 3.57
CA TYR C 88 1.50 -42.46 3.96
C TYR C 88 1.42 -42.34 5.48
N ALA C 89 1.06 -43.43 6.16
CA ALA C 89 1.02 -43.45 7.62
C ALA C 89 2.34 -43.04 8.22
N GLU C 90 3.42 -43.65 7.75
CA GLU C 90 4.73 -43.45 8.33
C GLU C 90 5.55 -42.40 7.58
N ASN C 91 4.93 -41.60 6.70
CA ASN C 91 5.60 -40.50 6.01
C ASN C 91 6.79 -40.97 5.18
N LEU C 92 6.52 -41.94 4.31
CA LEU C 92 7.55 -42.51 3.46
C LEU C 92 7.26 -42.16 2.00
N PRO C 93 8.17 -41.54 1.28
CA PRO C 93 7.95 -41.22 -0.13
C PRO C 93 8.09 -42.44 -1.03
N VAL C 94 7.31 -43.47 -0.74
CA VAL C 94 7.31 -44.68 -1.55
C VAL C 94 6.54 -44.38 -2.84
N ILE C 95 7.19 -44.60 -3.98
CA ILE C 95 6.58 -44.32 -5.27
C ILE C 95 6.12 -45.65 -5.85
N LEU C 96 4.84 -45.93 -5.73
CA LEU C 96 4.28 -47.10 -6.40
C LEU C 96 4.17 -46.86 -7.89
N ILE C 97 4.31 -47.95 -8.65
CA ILE C 97 4.09 -47.94 -10.09
C ILE C 97 3.32 -49.20 -10.46
N SER C 98 2.32 -49.04 -11.32
CA SER C 98 1.56 -50.16 -11.84
C SER C 98 1.54 -50.10 -13.36
N GLY C 99 1.50 -51.27 -13.99
CA GLY C 99 1.15 -51.35 -15.38
C GLY C 99 -0.33 -51.09 -15.55
N ALA C 100 -0.76 -50.95 -16.79
CA ALA C 100 -2.15 -50.57 -17.03
C ALA C 100 -2.60 -51.11 -18.37
N PRO C 101 -3.91 -51.20 -18.59
CA PRO C 101 -4.43 -51.57 -19.92
C PRO C 101 -3.81 -50.81 -21.07
N ASN C 102 -4.08 -51.32 -22.28
CA ASN C 102 -3.63 -50.69 -23.52
C ASN C 102 -4.29 -49.33 -23.73
N THR C 103 -3.64 -48.49 -24.53
CA THR C 103 -4.26 -47.23 -24.95
C THR C 103 -5.54 -47.49 -25.73
N ASN C 104 -5.49 -48.44 -26.68
CA ASN C 104 -6.62 -48.71 -27.54
C ASN C 104 -7.76 -49.44 -26.84
N ASP C 105 -7.60 -49.84 -25.58
CA ASP C 105 -8.68 -50.44 -24.81
C ASP C 105 -9.41 -49.42 -23.94
N HIS C 106 -8.77 -48.28 -23.65
CA HIS C 106 -9.40 -47.22 -22.86
C HIS C 106 -10.69 -46.74 -23.53
N GLY C 107 -11.80 -46.84 -22.81
CA GLY C 107 -13.08 -46.44 -23.34
C GLY C 107 -13.51 -47.18 -24.58
N SER C 108 -13.00 -48.39 -24.79
CA SER C 108 -13.26 -49.15 -26.00
C SER C 108 -14.30 -50.25 -25.81
N GLY C 109 -15.05 -50.20 -24.72
CA GLY C 109 -16.09 -51.20 -24.49
C GLY C 109 -15.59 -52.59 -24.18
N HIS C 110 -14.27 -52.80 -24.15
CA HIS C 110 -13.72 -54.11 -23.85
C HIS C 110 -13.75 -54.37 -22.35
N ILE C 111 -13.83 -55.65 -22.00
CA ILE C 111 -13.48 -56.12 -20.66
C ILE C 111 -12.06 -56.66 -20.73
N LEU C 112 -11.28 -56.37 -19.70
CA LEU C 112 -9.90 -56.83 -19.65
C LEU C 112 -9.70 -57.73 -18.44
N HIS C 113 -8.62 -58.50 -18.48
CA HIS C 113 -8.27 -59.37 -17.38
C HIS C 113 -7.64 -58.55 -16.25
N HIS C 114 -7.53 -59.19 -15.08
CA HIS C 114 -7.12 -58.48 -13.88
C HIS C 114 -8.01 -57.27 -13.63
N THR C 115 -9.27 -57.36 -14.05
CA THR C 115 -10.21 -56.26 -13.85
C THR C 115 -11.54 -56.85 -13.37
N ILE C 116 -12.39 -55.95 -12.85
CA ILE C 116 -13.61 -56.34 -12.14
C ILE C 116 -14.64 -56.97 -13.05
N GLY C 117 -14.52 -56.77 -14.36
CA GLY C 117 -15.55 -57.12 -15.31
C GLY C 117 -16.26 -55.91 -15.88
N THR C 118 -16.21 -54.77 -15.20
CA THR C 118 -16.73 -53.54 -15.77
C THR C 118 -15.89 -53.10 -16.96
N THR C 119 -16.49 -52.27 -17.80
CA THR C 119 -15.78 -51.69 -18.93
C THR C 119 -14.88 -50.53 -18.51
N ASP C 120 -14.97 -50.07 -17.26
CA ASP C 120 -14.12 -49.00 -16.77
C ASP C 120 -12.88 -49.57 -16.08
N TYR C 121 -11.75 -48.88 -16.25
CA TYR C 121 -10.50 -49.29 -15.61
C TYR C 121 -9.93 -48.22 -14.70
N GLY C 122 -10.63 -47.10 -14.52
CA GLY C 122 -10.15 -46.05 -13.65
C GLY C 122 -10.23 -46.39 -12.18
N TYR C 123 -11.11 -47.33 -11.80
CA TYR C 123 -11.36 -47.64 -10.40
C TYR C 123 -10.08 -47.80 -9.58
N GLN C 124 -8.97 -48.15 -10.23
CA GLN C 124 -7.74 -48.34 -9.47
C GLN C 124 -7.22 -47.00 -8.96
N LEU C 125 -6.93 -46.06 -9.86
CA LEU C 125 -6.37 -44.80 -9.39
C LEU C 125 -7.42 -43.87 -8.82
N GLU C 126 -8.71 -44.23 -8.92
CA GLU C 126 -9.72 -43.63 -8.05
C GLU C 126 -9.48 -44.04 -6.60
N MET C 127 -9.10 -45.30 -6.40
CA MET C 127 -8.70 -45.76 -5.08
C MET C 127 -7.37 -45.14 -4.67
N ALA C 128 -6.34 -45.33 -5.51
CA ALA C 128 -4.99 -44.89 -5.15
C ALA C 128 -4.99 -43.46 -4.66
N LYS C 129 -5.65 -42.57 -5.39
CA LYS C 129 -5.78 -41.17 -4.98
C LYS C 129 -6.08 -41.05 -3.49
N GLN C 130 -6.94 -41.93 -2.98
CA GLN C 130 -7.42 -41.81 -1.60
C GLN C 130 -6.30 -41.94 -0.58
N ILE C 131 -5.21 -42.64 -0.94
CA ILE C 131 -4.16 -43.00 0.01
C ILE C 131 -2.79 -42.46 -0.43
N THR C 132 -2.77 -41.48 -1.33
CA THR C 132 -1.50 -41.06 -1.89
C THR C 132 -1.58 -39.57 -2.26
N CYS C 133 -0.50 -38.84 -1.93
CA CYS C 133 -0.45 -37.41 -2.21
C CYS C 133 -0.54 -37.10 -3.70
N ALA C 134 -0.06 -37.99 -4.55
CA ALA C 134 -0.12 -37.76 -5.98
C ALA C 134 -0.43 -39.05 -6.73
N ALA C 135 -1.22 -38.93 -7.78
CA ALA C 135 -1.67 -40.07 -8.56
C ALA C 135 -1.73 -39.71 -10.03
N VAL C 136 -1.11 -40.53 -10.87
CA VAL C 136 -0.75 -40.15 -12.22
C VAL C 136 -0.97 -41.30 -13.17
N SER C 137 -1.70 -41.05 -14.25
CA SER C 137 -1.92 -42.05 -15.30
C SER C 137 -1.30 -41.57 -16.60
N ILE C 138 -0.24 -42.26 -17.05
CA ILE C 138 0.37 -41.98 -18.34
C ILE C 138 -0.41 -42.73 -19.41
N THR C 139 -1.17 -42.01 -20.23
CA THR C 139 -1.82 -42.61 -21.39
C THR C 139 -1.16 -42.23 -22.71
N HIS C 140 -0.29 -41.22 -22.71
CA HIS C 140 0.42 -40.75 -23.89
C HIS C 140 1.88 -40.52 -23.55
N ALA C 141 2.78 -40.98 -24.43
CA ALA C 141 4.21 -40.88 -24.16
C ALA C 141 4.71 -39.44 -24.12
N GLU C 142 3.98 -38.52 -24.74
CA GLU C 142 4.37 -37.11 -24.69
C GLU C 142 4.19 -36.55 -23.30
N ASP C 143 3.01 -36.83 -22.71
CA ASP C 143 2.74 -36.48 -21.32
C ASP C 143 3.88 -36.91 -20.39
N ALA C 144 4.38 -38.13 -20.58
CA ALA C 144 5.18 -38.93 -19.64
C ALA C 144 6.09 -38.11 -18.73
N PRO C 145 7.04 -37.35 -19.27
CA PRO C 145 8.09 -36.79 -18.39
C PRO C 145 7.59 -35.71 -17.45
N ALA C 146 6.55 -34.95 -17.82
CA ALA C 146 6.05 -33.91 -16.95
C ALA C 146 5.35 -34.49 -15.73
N LEU C 147 4.62 -35.60 -15.91
CA LEU C 147 3.81 -36.20 -14.84
C LEU C 147 4.67 -37.02 -13.90
N ILE C 148 5.65 -37.76 -14.45
CA ILE C 148 6.57 -38.50 -13.60
C ILE C 148 7.30 -37.55 -12.67
N ASP C 149 7.82 -36.44 -13.22
CA ASP C 149 8.44 -35.41 -12.40
C ASP C 149 7.49 -34.94 -11.29
N HIS C 150 6.24 -34.63 -11.64
CA HIS C 150 5.25 -34.21 -10.66
C HIS C 150 5.11 -35.24 -9.54
N ALA C 151 4.82 -36.49 -9.92
CA ALA C 151 4.61 -37.53 -8.91
C ALA C 151 5.80 -37.58 -7.95
N ILE C 152 7.02 -37.62 -8.50
CA ILE C 152 8.22 -37.71 -7.67
C ILE C 152 8.45 -36.42 -6.90
N ARG C 153 8.41 -35.28 -7.59
CA ARG C 153 8.62 -33.99 -6.93
C ARG C 153 7.69 -33.83 -5.74
N THR C 154 6.41 -34.12 -5.94
CA THR C 154 5.43 -34.04 -4.86
C THR C 154 5.77 -34.98 -3.70
N ALA C 155 5.99 -36.26 -4.01
CA ALA C 155 6.27 -37.25 -2.97
C ALA C 155 7.38 -36.78 -2.04
N LEU C 156 8.46 -36.27 -2.60
CA LEU C 156 9.60 -35.86 -1.80
C LEU C 156 9.27 -34.61 -0.98
N ARG C 157 8.66 -33.61 -1.62
CA ARG C 157 8.19 -32.44 -0.89
C ARG C 157 7.26 -32.86 0.24
N GLU C 158 6.28 -33.70 -0.07
CA GLU C 158 5.29 -34.09 0.92
C GLU C 158 5.87 -35.07 1.94
N LYS C 159 6.84 -35.89 1.54
CA LYS C 159 7.22 -37.06 2.31
C LYS C 159 6.03 -37.97 2.49
N LYS C 160 5.34 -38.21 1.39
CA LYS C 160 4.18 -39.09 1.32
C LYS C 160 4.25 -39.83 -0.01
N PRO C 161 3.63 -41.01 -0.09
CA PRO C 161 3.82 -41.85 -1.28
C PRO C 161 3.08 -41.30 -2.49
N ALA C 162 3.47 -41.82 -3.67
CA ALA C 162 2.86 -41.45 -4.94
C ALA C 162 2.48 -42.70 -5.72
N TYR C 163 1.81 -42.49 -6.86
CA TYR C 163 1.30 -43.57 -7.68
C TYR C 163 1.42 -43.20 -9.16
N ILE C 164 1.80 -44.17 -9.99
CA ILE C 164 2.00 -43.94 -11.43
C ILE C 164 1.58 -45.17 -12.22
N GLU C 165 0.40 -45.12 -12.85
CA GLU C 165 -0.01 -46.20 -13.75
C GLU C 165 0.33 -45.83 -15.18
N ILE C 166 0.88 -46.80 -15.92
CA ILE C 166 1.49 -46.59 -17.23
C ILE C 166 0.99 -47.67 -18.18
N ALA C 167 0.25 -47.26 -19.21
CA ALA C 167 -0.27 -48.21 -20.20
C ALA C 167 0.84 -49.12 -20.71
N CYS C 168 0.57 -50.42 -20.70
CA CYS C 168 1.59 -51.40 -21.07
C CYS C 168 2.27 -51.02 -22.39
N ASN C 169 1.47 -50.71 -23.41
CA ASN C 169 2.03 -50.39 -24.73
C ASN C 169 2.74 -49.03 -24.76
N VAL C 170 2.42 -48.12 -23.84
CA VAL C 170 3.05 -46.79 -23.85
C VAL C 170 4.45 -46.83 -23.26
N ALA C 171 4.68 -47.68 -22.26
CA ALA C 171 5.98 -47.74 -21.58
C ALA C 171 7.15 -47.79 -22.56
N ALA C 172 6.95 -48.46 -23.71
CA ALA C 172 8.01 -48.64 -24.70
C ALA C 172 8.25 -47.39 -25.53
N GLN C 173 7.21 -46.60 -25.79
CA GLN C 173 7.28 -45.53 -26.78
C GLN C 173 8.33 -44.49 -26.42
N PRO C 174 8.78 -43.70 -27.39
CA PRO C 174 9.88 -42.77 -27.14
C PRO C 174 9.41 -41.52 -26.41
N CYS C 175 10.24 -41.07 -25.47
CA CYS C 175 9.94 -39.94 -24.61
C CYS C 175 11.12 -38.98 -24.61
N ALA C 176 10.98 -37.87 -23.89
CA ALA C 176 12.05 -36.87 -23.79
C ALA C 176 13.17 -37.37 -22.89
N ARG C 177 14.20 -36.51 -22.74
CA ARG C 177 15.25 -36.83 -21.78
C ARG C 177 14.97 -36.13 -20.46
N PRO C 178 15.35 -36.73 -19.33
CA PRO C 178 15.16 -36.04 -18.06
C PRO C 178 15.92 -34.72 -18.01
N GLY C 179 15.24 -33.69 -17.50
CA GLY C 179 15.90 -32.46 -17.14
C GLY C 179 16.71 -32.69 -15.89
N PRO C 180 17.49 -31.71 -15.46
CA PRO C 180 18.30 -31.90 -14.25
C PRO C 180 17.42 -32.15 -13.03
N VAL C 181 17.94 -32.96 -12.11
CA VAL C 181 17.13 -33.39 -10.97
C VAL C 181 16.73 -32.21 -10.11
N SER C 182 17.55 -31.15 -10.09
CA SER C 182 17.26 -30.03 -9.20
C SER C 182 15.82 -29.55 -9.35
N ALA C 183 15.21 -29.76 -10.53
CA ALA C 183 13.79 -29.43 -10.74
C ALA C 183 12.88 -30.13 -9.73
N LEU C 184 13.21 -31.38 -9.38
CA LEU C 184 12.36 -32.18 -8.50
C LEU C 184 12.63 -31.86 -7.04
N LEU C 185 13.86 -31.52 -6.71
CA LEU C 185 14.22 -31.16 -5.35
C LEU C 185 14.01 -29.67 -5.19
N ASN C 186 14.96 -28.96 -4.57
CA ASN C 186 14.95 -27.51 -4.46
C ASN C 186 13.53 -27.00 -4.29
N GLU C 187 13.08 -26.95 -3.05
CA GLU C 187 11.69 -26.86 -2.66
C GLU C 187 11.46 -25.61 -1.83
N PRO C 188 10.21 -25.11 -1.76
CA PRO C 188 9.97 -23.83 -1.08
C PRO C 188 10.28 -23.86 0.41
N THR C 189 10.95 -22.79 0.85
CA THR C 189 11.35 -22.59 2.24
C THR C 189 10.33 -21.72 2.96
N SER C 190 10.55 -21.55 4.26
CA SER C 190 9.65 -20.80 5.12
C SER C 190 9.59 -19.32 4.70
N ASP C 191 8.58 -18.63 5.24
CA ASP C 191 8.50 -17.18 5.15
C ASP C 191 9.15 -16.55 6.37
N GLU C 192 10.07 -15.62 6.13
CA GLU C 192 10.86 -15.08 7.23
C GLU C 192 10.00 -14.38 8.27
N GLU C 193 8.97 -13.64 7.84
CA GLU C 193 8.19 -12.85 8.78
C GLU C 193 7.45 -13.73 9.78
N THR C 194 6.71 -14.72 9.27
CA THR C 194 6.10 -15.69 10.18
C THR C 194 7.17 -16.45 10.97
N LEU C 195 8.26 -16.85 10.31
CA LEU C 195 9.34 -17.53 11.00
C LEU C 195 9.87 -16.71 12.16
N LYS C 196 10.18 -15.43 11.89
CA LYS C 196 10.60 -14.51 12.94
C LYS C 196 9.66 -14.56 14.13
N ALA C 197 8.38 -14.27 13.89
CA ALA C 197 7.41 -14.25 14.98
C ALA C 197 7.27 -15.61 15.65
N ALA C 198 7.30 -16.68 14.87
CA ALA C 198 7.23 -18.02 15.44
C ALA C 198 8.30 -18.22 16.49
N VAL C 199 9.54 -17.88 16.17
CA VAL C 199 10.64 -18.05 17.14
C VAL C 199 10.42 -17.13 18.33
N GLU C 200 10.02 -15.89 18.09
CA GLU C 200 9.88 -14.93 19.18
C GLU C 200 8.87 -15.44 20.21
N ALA C 201 7.72 -15.94 19.74
CA ALA C 201 6.72 -16.44 20.66
C ALA C 201 7.17 -17.71 21.36
N ALA C 202 7.99 -18.53 20.70
CA ALA C 202 8.54 -19.71 21.35
C ALA C 202 9.48 -19.31 22.48
N LEU C 203 10.37 -18.35 22.21
CA LEU C 203 11.28 -17.88 23.25
C LEU C 203 10.52 -17.46 24.50
N ASP C 204 9.39 -16.79 24.34
CA ASP C 204 8.63 -16.33 25.50
C ASP C 204 8.02 -17.49 26.26
N PHE C 205 7.57 -18.52 25.54
CA PHE C 205 7.01 -19.69 26.20
C PHE C 205 7.99 -20.24 27.24
N ILE C 206 9.27 -20.34 26.87
CA ILE C 206 10.25 -20.93 27.77
C ILE C 206 10.78 -19.93 28.79
N GLU C 207 10.88 -18.65 28.43
CA GLU C 207 11.49 -17.67 29.31
C GLU C 207 10.54 -17.18 30.40
N LYS C 208 9.27 -17.57 30.34
CA LYS C 208 8.36 -17.45 31.47
C LYS C 208 8.25 -18.73 32.28
N ARG C 209 9.26 -19.59 32.21
CA ARG C 209 9.26 -20.88 32.89
C ARG C 209 10.68 -21.21 33.33
N GLU C 210 10.82 -22.19 34.22
CA GLU C 210 12.12 -22.61 34.69
C GLU C 210 12.47 -24.06 34.35
N LYS C 211 11.49 -24.91 34.07
CA LYS C 211 11.71 -26.35 33.94
C LYS C 211 11.10 -26.82 32.62
N PRO C 212 11.75 -26.53 31.50
CA PRO C 212 11.23 -26.99 30.21
C PRO C 212 11.61 -28.45 29.94
N VAL C 213 10.88 -29.05 29.00
CA VAL C 213 11.14 -30.40 28.53
C VAL C 213 11.12 -30.41 27.02
N LEU C 214 11.81 -31.39 26.45
CA LEU C 214 11.76 -31.69 25.03
C LEU C 214 11.06 -33.02 24.82
N LEU C 215 10.13 -33.06 23.87
CA LEU C 215 9.48 -34.29 23.45
C LEU C 215 9.66 -34.43 21.95
N VAL C 216 10.25 -35.55 21.53
CA VAL C 216 10.58 -35.78 20.13
C VAL C 216 9.48 -36.60 19.48
N GLY C 217 8.93 -36.08 18.37
CA GLY C 217 7.82 -36.72 17.70
C GLY C 217 8.26 -37.70 16.62
N GLY C 218 7.29 -38.50 16.17
CA GLY C 218 7.57 -39.50 15.15
C GLY C 218 7.91 -38.91 13.78
N LYS C 219 7.31 -37.77 13.44
CA LYS C 219 7.47 -37.20 12.10
C LYS C 219 8.79 -36.46 11.93
N LEU C 220 9.70 -36.53 12.91
CA LEU C 220 10.93 -35.76 12.84
C LEU C 220 11.77 -36.16 11.64
N ARG C 221 11.83 -37.46 11.33
CA ARG C 221 12.69 -37.90 10.25
C ARG C 221 12.22 -37.37 8.90
N ALA C 222 10.90 -37.24 8.69
CA ALA C 222 10.42 -36.72 7.42
C ALA C 222 10.82 -35.26 7.22
N ALA C 223 10.87 -34.49 8.30
CA ALA C 223 11.29 -33.09 8.21
C ALA C 223 12.80 -32.94 8.00
N GLY C 224 13.57 -34.01 8.21
CA GLY C 224 15.01 -33.92 8.10
C GLY C 224 15.65 -33.12 9.21
N ALA C 225 15.03 -33.08 10.38
CA ALA C 225 15.44 -32.17 11.44
C ALA C 225 16.15 -32.89 12.57
N GLU C 226 16.55 -34.15 12.38
CA GLU C 226 17.24 -34.87 13.45
C GLU C 226 18.49 -34.13 13.90
N GLU C 227 19.19 -33.47 12.96
CA GLU C 227 20.38 -32.70 13.33
C GLU C 227 20.01 -31.51 14.21
N ALA C 228 19.05 -30.70 13.77
CA ALA C 228 18.73 -29.46 14.46
C ALA C 228 18.12 -29.69 15.83
N VAL C 229 17.57 -30.88 16.09
CA VAL C 229 17.10 -31.19 17.43
C VAL C 229 18.27 -31.36 18.39
N VAL C 230 19.33 -32.02 17.93
CA VAL C 230 20.51 -32.22 18.77
C VAL C 230 21.13 -30.86 19.13
N GLU C 231 21.19 -29.95 18.16
CA GLU C 231 21.76 -28.63 18.41
C GLU C 231 20.85 -27.78 19.28
N LEU C 232 19.56 -28.11 19.33
CA LEU C 232 18.67 -27.44 20.27
C LEU C 232 18.81 -28.06 21.67
N ALA C 233 18.79 -29.39 21.74
CA ALA C 233 18.91 -30.06 23.03
C ALA C 233 20.16 -29.61 23.77
N ASP C 234 21.25 -29.32 23.04
CA ASP C 234 22.49 -28.90 23.68
C ASP C 234 22.47 -27.42 24.04
N ALA C 235 22.13 -26.55 23.08
CA ALA C 235 22.08 -25.12 23.35
C ALA C 235 21.04 -24.80 24.41
N LEU C 236 19.99 -25.61 24.53
CA LEU C 236 18.97 -25.44 25.55
C LEU C 236 19.28 -26.22 26.81
N GLY C 237 19.76 -27.46 26.67
CA GLY C 237 20.21 -28.23 27.81
C GLY C 237 19.15 -29.01 28.56
N CYS C 238 17.88 -28.81 28.24
CA CYS C 238 16.81 -29.38 29.06
C CYS C 238 16.70 -30.89 28.84
N ALA C 239 15.81 -31.51 29.62
CA ALA C 239 15.65 -32.95 29.64
C ALA C 239 14.85 -33.40 28.42
N VAL C 240 15.50 -34.16 27.52
CA VAL C 240 14.90 -34.65 26.29
C VAL C 240 14.27 -36.02 26.52
N ALA C 241 13.19 -36.31 25.78
CA ALA C 241 12.53 -37.61 25.80
C ALA C 241 11.83 -37.84 24.47
N THR C 242 11.79 -39.11 24.04
CA THR C 242 11.14 -39.50 22.78
C THR C 242 9.75 -40.07 23.03
N MET C 243 8.96 -40.11 21.94
CA MET C 243 7.58 -40.53 21.99
C MET C 243 7.46 -42.05 21.83
N ALA C 244 6.22 -42.53 21.73
CA ALA C 244 5.97 -43.94 21.41
C ALA C 244 6.79 -44.36 20.21
N ALA C 245 6.57 -43.70 19.08
CA ALA C 245 7.46 -43.83 17.94
C ALA C 245 8.72 -43.04 18.23
N ALA C 246 9.47 -42.70 17.20
CA ALA C 246 10.65 -41.85 17.34
C ALA C 246 11.69 -42.45 18.28
N LYS C 247 11.64 -43.76 18.51
CA LYS C 247 12.71 -44.42 19.24
C LYS C 247 13.95 -44.48 18.36
N SER C 248 15.06 -43.95 18.86
CA SER C 248 16.32 -43.82 18.13
C SER C 248 16.30 -42.69 17.10
N PHE C 249 15.39 -41.72 17.25
CA PHE C 249 15.43 -40.50 16.45
C PHE C 249 16.27 -39.41 17.10
N PHE C 250 16.41 -39.44 18.43
CA PHE C 250 17.35 -38.65 19.19
C PHE C 250 18.39 -39.58 19.81
N PRO C 251 19.68 -39.23 19.78
CA PRO C 251 20.70 -40.15 20.31
C PRO C 251 20.64 -40.21 21.83
N GLU C 252 20.86 -41.42 22.37
CA GLU C 252 20.72 -41.67 23.79
C GLU C 252 22.01 -41.41 24.57
N ASP C 253 23.07 -40.94 23.92
CA ASP C 253 24.26 -40.50 24.65
C ASP C 253 24.00 -39.18 25.34
N HIS C 254 23.59 -38.16 24.58
CA HIS C 254 23.67 -36.76 24.98
C HIS C 254 23.07 -36.52 26.35
N PRO C 255 23.56 -35.51 27.08
CA PRO C 255 23.25 -35.42 28.51
C PRO C 255 21.77 -35.24 28.82
N GLY C 256 21.02 -34.56 27.95
CA GLY C 256 19.64 -34.26 28.26
C GLY C 256 18.69 -35.43 28.11
N TYR C 257 19.10 -36.48 27.39
CA TYR C 257 18.18 -37.57 27.07
C TYR C 257 17.80 -38.34 28.32
N VAL C 258 16.51 -38.32 28.67
CA VAL C 258 16.01 -39.07 29.81
C VAL C 258 15.61 -40.48 29.40
N GLY C 259 14.80 -40.61 28.36
CA GLY C 259 14.34 -41.91 27.91
C GLY C 259 13.20 -41.80 26.93
N THR C 260 12.15 -42.57 27.17
CA THR C 260 10.96 -42.62 26.33
C THR C 260 9.76 -42.15 27.11
N TYR C 261 9.01 -41.21 26.56
CA TYR C 261 7.71 -40.82 27.11
C TYR C 261 6.61 -41.54 26.35
N TRP C 262 5.78 -42.27 27.08
CA TRP C 262 4.67 -43.00 26.47
C TRP C 262 3.56 -43.16 27.50
N GLY C 263 3.19 -42.05 28.14
CA GLY C 263 2.16 -42.06 29.15
C GLY C 263 2.57 -42.82 30.40
N GLU C 264 1.59 -43.46 31.04
CA GLU C 264 1.87 -44.22 32.25
C GLU C 264 2.59 -45.53 31.97
N VAL C 265 2.98 -45.78 30.72
CA VAL C 265 3.86 -46.91 30.38
C VAL C 265 5.16 -46.37 29.80
N SER C 266 5.60 -45.22 30.31
CA SER C 266 6.90 -44.67 29.94
C SER C 266 8.02 -45.49 30.57
N SER C 267 9.11 -45.64 29.83
CA SER C 267 10.26 -46.32 30.41
C SER C 267 10.67 -45.60 31.70
N PRO C 268 11.22 -46.33 32.67
CA PRO C 268 11.39 -45.77 34.03
C PRO C 268 11.89 -44.33 34.10
N GLY C 269 11.20 -43.51 34.88
CA GLY C 269 11.69 -42.19 35.24
C GLY C 269 11.50 -41.10 34.21
N VAL C 270 10.61 -41.29 33.23
CA VAL C 270 10.36 -40.30 32.21
C VAL C 270 8.98 -39.68 32.32
N GLU C 271 7.98 -40.40 32.82
CA GLU C 271 6.68 -39.81 33.02
C GLU C 271 6.75 -38.68 34.04
N GLU C 272 7.55 -38.85 35.09
CA GLU C 272 7.58 -37.85 36.15
C GLU C 272 8.14 -36.53 35.64
N ILE C 273 9.18 -36.58 34.81
CA ILE C 273 9.88 -35.37 34.41
C ILE C 273 8.93 -34.45 33.65
N VAL C 274 8.08 -35.01 32.80
CA VAL C 274 7.19 -34.17 32.00
C VAL C 274 6.05 -33.61 32.85
N ASP C 275 5.47 -34.46 33.71
CA ASP C 275 4.39 -34.00 34.58
C ASP C 275 4.86 -32.83 35.43
N TRP C 276 6.02 -32.96 36.05
CA TRP C 276 6.54 -31.92 36.94
C TRP C 276 6.77 -30.62 36.20
N ALA C 277 7.05 -30.69 34.90
CA ALA C 277 7.79 -29.62 34.25
C ALA C 277 6.89 -28.46 33.83
N ASP C 278 7.54 -27.34 33.54
CA ASP C 278 6.90 -26.15 33.01
C ASP C 278 6.93 -26.25 31.50
N GLY C 279 5.85 -26.74 30.91
CA GLY C 279 5.73 -26.76 29.46
C GLY C 279 6.47 -27.89 28.76
N ILE C 280 6.00 -28.24 27.57
CA ILE C 280 6.52 -29.35 26.78
C ILE C 280 6.63 -28.92 25.32
N ILE C 281 7.73 -29.31 24.67
CA ILE C 281 8.00 -28.89 23.30
C ILE C 281 7.91 -30.08 22.36
N CYS C 282 6.72 -30.40 21.88
CA CYS C 282 6.52 -31.54 20.99
C CYS C 282 7.03 -31.19 19.60
N LEU C 283 7.91 -32.01 19.06
CA LEU C 283 8.52 -31.78 17.75
C LEU C 283 7.94 -32.79 16.77
N GLY C 284 6.81 -32.44 16.16
CA GLY C 284 6.19 -33.25 15.14
C GLY C 284 5.62 -34.54 15.66
N PRO C 285 4.84 -34.46 16.73
CA PRO C 285 4.31 -35.68 17.36
C PRO C 285 3.19 -36.28 16.52
N VAL C 286 2.78 -37.48 16.92
CA VAL C 286 1.63 -38.15 16.33
C VAL C 286 0.80 -38.75 17.45
N PHE C 287 -0.01 -37.92 18.11
CA PHE C 287 -0.84 -38.39 19.22
C PHE C 287 -2.07 -39.09 18.68
N ASN C 288 -2.33 -40.29 19.16
CA ASN C 288 -3.49 -41.06 18.74
C ASN C 288 -3.75 -42.14 19.78
N ASP C 289 -4.85 -42.88 19.57
CA ASP C 289 -5.33 -43.80 20.59
C ASP C 289 -4.23 -44.70 21.13
N TYR C 290 -3.19 -44.98 20.34
CA TYR C 290 -2.09 -45.79 20.83
C TYR C 290 -0.99 -44.95 21.47
N SER C 291 -0.52 -43.92 20.78
CA SER C 291 0.59 -43.14 21.31
C SER C 291 0.23 -42.46 22.62
N THR C 292 -1.02 -42.04 22.76
CA THR C 292 -1.49 -41.39 23.97
C THR C 292 -2.03 -42.36 25.01
N VAL C 293 -2.08 -43.66 24.71
CA VAL C 293 -2.44 -44.68 25.70
C VAL C 293 -3.87 -44.53 26.20
N GLY C 294 -4.85 -44.74 25.31
CA GLY C 294 -6.24 -44.68 25.72
C GLY C 294 -6.77 -43.27 25.88
N TRP C 295 -6.20 -42.31 25.16
CA TRP C 295 -6.58 -40.91 25.27
C TRP C 295 -6.30 -40.36 26.67
N THR C 296 -5.32 -40.96 27.36
CA THR C 296 -4.91 -40.57 28.70
C THR C 296 -3.69 -39.64 28.74
N ALA C 297 -2.73 -39.80 27.84
CA ALA C 297 -1.45 -39.09 27.89
C ALA C 297 -1.33 -38.20 26.67
N TRP C 298 -2.00 -37.05 26.70
CA TRP C 298 -2.10 -36.15 25.56
C TRP C 298 -1.80 -34.73 26.02
N PRO C 299 -0.61 -34.20 25.73
CA PRO C 299 -0.31 -32.80 26.10
C PRO C 299 -1.34 -31.83 25.59
N LYS C 300 -1.51 -30.72 26.32
CA LYS C 300 -2.56 -29.75 26.04
C LYS C 300 -2.04 -28.64 25.14
N GLY C 301 -2.38 -27.38 25.43
CA GLY C 301 -2.00 -26.28 24.57
C GLY C 301 -1.39 -25.11 25.31
N GLU C 302 -1.90 -24.83 26.51
CA GLU C 302 -1.39 -23.70 27.29
C GLU C 302 0.08 -23.92 27.66
N ASN C 303 0.40 -25.08 28.19
CA ASN C 303 1.78 -25.45 28.51
C ASN C 303 2.35 -26.37 27.42
N VAL C 304 2.13 -26.04 26.16
CA VAL C 304 2.65 -26.88 25.07
C VAL C 304 2.97 -26.00 23.88
N VAL C 305 4.15 -26.24 23.31
CA VAL C 305 4.49 -25.83 21.97
C VAL C 305 4.40 -27.05 21.08
N LEU C 306 3.64 -26.96 20.00
CA LEU C 306 3.46 -28.05 19.05
C LEU C 306 4.09 -27.62 17.74
N VAL C 307 5.17 -28.28 17.35
CA VAL C 307 5.93 -27.91 16.16
C VAL C 307 5.74 -28.99 15.11
N ASP C 308 4.53 -29.09 14.56
CA ASP C 308 4.27 -30.04 13.49
C ASP C 308 4.99 -29.61 12.21
N PRO C 309 5.04 -30.49 11.19
CA PRO C 309 6.00 -30.26 10.08
C PRO C 309 5.92 -28.88 9.46
N HIS C 310 4.71 -28.40 9.16
CA HIS C 310 4.54 -27.17 8.40
C HIS C 310 3.69 -26.14 9.13
N HIS C 311 3.22 -26.42 10.34
CA HIS C 311 2.42 -25.47 11.08
C HIS C 311 2.75 -25.59 12.56
N ILE C 312 2.88 -24.44 13.22
CA ILE C 312 3.38 -24.34 14.59
C ILE C 312 2.33 -23.63 15.42
N THR C 313 1.84 -24.32 16.45
CA THR C 313 0.98 -23.71 17.44
C THR C 313 1.80 -23.37 18.67
N VAL C 314 1.69 -22.13 19.14
CA VAL C 314 2.20 -21.72 20.43
C VAL C 314 1.01 -21.28 21.26
N GLY C 315 1.13 -21.39 22.57
CA GLY C 315 0.03 -21.03 23.45
C GLY C 315 -0.69 -19.76 23.01
N GLY C 316 -1.92 -19.90 22.53
CA GLY C 316 -2.72 -18.76 22.12
C GLY C 316 -2.40 -18.20 20.75
N GLU C 317 -1.61 -18.90 19.94
CA GLU C 317 -1.22 -18.41 18.63
C GLU C 317 -1.03 -19.60 17.69
N GLU C 318 -1.15 -19.33 16.40
CA GLU C 318 -0.89 -20.30 15.36
C GLU C 318 0.00 -19.67 14.31
N PHE C 319 0.73 -20.53 13.61
CA PHE C 319 1.60 -20.08 12.53
C PHE C 319 1.60 -21.14 11.44
N THR C 320 1.55 -20.69 10.19
CA THR C 320 1.60 -21.59 9.05
C THR C 320 2.54 -21.01 8.00
N GLY C 321 2.95 -21.88 7.07
CA GLY C 321 3.96 -21.51 6.10
C GLY C 321 5.38 -21.58 6.62
N ILE C 322 5.63 -22.38 7.67
CA ILE C 322 6.97 -22.56 8.23
C ILE C 322 7.42 -23.98 7.95
N HIS C 323 8.59 -24.34 8.47
CA HIS C 323 9.07 -25.71 8.39
C HIS C 323 9.69 -26.09 9.73
N LEU C 324 9.48 -27.34 10.13
CA LEU C 324 10.03 -27.81 11.39
C LEU C 324 11.53 -27.53 11.47
N LYS C 325 12.26 -27.88 10.42
CA LYS C 325 13.72 -27.69 10.44
C LYS C 325 14.07 -26.22 10.54
N ASP C 326 13.54 -25.39 9.63
CA ASP C 326 13.86 -23.96 9.65
C ASP C 326 13.49 -23.31 10.97
N PHE C 327 12.48 -23.84 11.66
CA PHE C 327 12.13 -23.32 12.98
C PHE C 327 13.19 -23.69 14.02
N LEU C 328 13.62 -24.95 14.01
CA LEU C 328 14.64 -25.42 14.95
C LEU C 328 16.02 -24.91 14.61
N THR C 329 16.23 -24.38 13.40
CA THR C 329 17.50 -23.73 13.10
C THR C 329 17.55 -22.35 13.74
N ALA C 330 16.57 -21.50 13.43
CA ALA C 330 16.54 -20.15 13.99
C ALA C 330 16.29 -20.15 15.50
N LEU C 331 15.73 -21.23 16.04
CA LEU C 331 15.51 -21.31 17.47
C LEU C 331 16.81 -21.57 18.23
N THR C 332 17.69 -22.40 17.66
CA THR C 332 18.92 -22.80 18.32
C THR C 332 19.98 -21.71 18.32
N GLU C 333 19.59 -20.47 18.57
CA GLU C 333 20.51 -19.34 18.54
C GLU C 333 20.10 -18.33 19.61
N ARG C 334 18.82 -17.97 19.61
CA ARG C 334 18.25 -17.08 20.61
C ARG C 334 17.84 -17.81 21.88
N VAL C 335 17.96 -19.13 21.92
CA VAL C 335 17.43 -19.92 23.03
C VAL C 335 18.39 -19.84 24.22
N PRO C 336 17.90 -19.56 25.43
CA PRO C 336 18.72 -19.70 26.62
C PRO C 336 18.71 -21.11 27.18
N LYS C 337 19.63 -21.37 28.11
CA LYS C 337 19.88 -22.71 28.65
C LYS C 337 19.21 -22.96 29.99
N LYS C 338 18.10 -23.71 29.98
CA LYS C 338 17.44 -24.21 31.18
C LYS C 338 17.51 -25.73 31.22
N ASP C 339 17.95 -26.27 32.35
CA ASP C 339 18.16 -27.71 32.51
C ASP C 339 17.14 -28.25 33.50
N ALA C 340 16.27 -29.12 33.01
CA ALA C 340 15.22 -29.70 33.83
C ALA C 340 15.61 -31.08 34.35
N THR C 341 16.87 -31.47 34.21
CA THR C 341 17.27 -32.87 34.36
C THR C 341 17.50 -33.19 35.83
N LEU C 342 16.63 -34.03 36.39
CA LEU C 342 16.83 -34.57 37.73
C LEU C 342 16.54 -36.07 37.69
N PRO C 358 20.96 -59.31 36.93
CA PRO C 358 19.93 -60.32 37.11
C PRO C 358 20.56 -61.66 37.47
N ALA C 359 19.72 -62.61 37.87
CA ALA C 359 20.16 -63.99 38.06
C ALA C 359 20.00 -64.73 36.72
N ALA C 360 20.78 -64.27 35.74
CA ALA C 360 20.77 -64.86 34.40
C ALA C 360 20.75 -66.37 34.52
N ASP C 361 19.57 -66.97 34.29
CA ASP C 361 19.38 -68.41 34.47
C ASP C 361 19.74 -69.13 33.19
N PRO C 362 20.84 -69.91 33.15
CA PRO C 362 21.13 -70.68 31.93
C PRO C 362 20.67 -72.12 32.10
N ASN C 363 20.71 -72.91 31.02
CA ASN C 363 20.44 -74.35 31.08
C ASN C 363 18.94 -74.65 31.26
N ALA C 364 18.20 -73.71 31.82
CA ALA C 364 16.83 -73.91 32.30
C ALA C 364 15.92 -72.99 31.50
N PRO C 365 14.59 -73.03 31.71
CA PRO C 365 13.70 -72.23 30.87
C PRO C 365 14.11 -70.77 30.75
N LEU C 366 13.39 -70.07 29.88
CA LEU C 366 13.87 -68.83 29.29
C LEU C 366 12.77 -67.80 29.35
N THR C 367 13.10 -66.61 29.85
CA THR C 367 12.13 -65.58 30.13
C THR C 367 12.27 -64.43 29.13
N ARG C 368 11.18 -63.68 28.98
CA ARG C 368 11.21 -62.47 28.17
C ARG C 368 12.38 -61.57 28.59
N ALA C 369 12.70 -61.54 29.89
CA ALA C 369 13.78 -60.68 30.36
C ALA C 369 15.13 -61.14 29.84
N GLU C 370 15.35 -62.45 29.76
CA GLU C 370 16.68 -62.95 29.39
C GLU C 370 17.05 -62.56 27.97
N LEU C 371 16.17 -62.86 26.99
CA LEU C 371 16.56 -62.65 25.59
C LEU C 371 16.52 -61.19 25.18
N CYS C 372 15.68 -60.38 25.81
CA CYS C 372 15.78 -58.93 25.62
C CYS C 372 17.13 -58.41 26.13
N ARG C 373 17.50 -58.80 27.35
CA ARG C 373 18.82 -58.47 27.88
C ARG C 373 19.91 -59.01 26.97
N GLN C 374 19.73 -60.22 26.47
CA GLN C 374 20.75 -60.86 25.63
C GLN C 374 20.70 -60.34 24.20
N ILE C 375 19.52 -59.98 23.69
CA ILE C 375 19.44 -59.29 22.40
C ILE C 375 20.07 -57.91 22.51
N GLN C 376 20.01 -57.28 23.68
CA GLN C 376 20.67 -55.99 23.88
C GLN C 376 22.19 -56.10 23.79
N GLY C 377 22.73 -57.32 23.91
CA GLY C 377 24.15 -57.51 23.68
C GLY C 377 24.55 -57.21 22.25
N LEU C 378 23.65 -57.48 21.29
CA LEU C 378 23.94 -57.33 19.87
C LEU C 378 24.07 -55.87 19.44
N LEU C 379 23.64 -54.92 20.26
CA LEU C 379 23.41 -53.56 19.80
C LEU C 379 24.74 -52.85 19.58
N ASN C 380 25.20 -52.86 18.33
CA ASN C 380 26.37 -52.19 17.78
C ASN C 380 25.98 -50.87 17.14
N PRO C 381 26.83 -49.84 17.19
CA PRO C 381 26.55 -48.61 16.42
C PRO C 381 26.23 -48.84 14.94
N ASN C 382 26.55 -50.01 14.39
CA ASN C 382 26.21 -50.37 13.02
C ASN C 382 25.07 -51.39 12.98
N THR C 383 24.06 -51.18 13.82
CA THR C 383 22.93 -52.10 13.94
C THR C 383 21.63 -51.35 13.73
N THR C 384 20.69 -52.01 13.07
CA THR C 384 19.33 -51.51 12.92
C THR C 384 18.38 -52.56 13.50
N LEU C 385 17.65 -52.20 14.56
CA LEU C 385 16.72 -53.11 15.22
C LEU C 385 15.31 -52.83 14.68
N ILE C 386 14.77 -53.78 13.94
CA ILE C 386 13.43 -53.67 13.35
C ILE C 386 12.46 -54.39 14.28
N ALA C 387 11.66 -53.62 15.01
CA ALA C 387 10.74 -54.15 16.01
C ALA C 387 9.34 -54.21 15.39
N GLU C 388 8.80 -55.42 15.28
CA GLU C 388 7.50 -55.64 14.68
C GLU C 388 6.38 -55.30 15.64
N THR C 389 5.23 -54.95 15.07
CA THR C 389 4.01 -54.80 15.86
C THR C 389 3.76 -56.04 16.71
N GLY C 390 3.42 -55.81 17.96
CA GLY C 390 3.27 -56.88 18.92
C GLY C 390 3.83 -56.46 20.25
N ASP C 391 4.03 -57.45 21.13
CA ASP C 391 4.76 -57.18 22.36
C ASP C 391 6.15 -56.67 22.06
N SER C 392 6.71 -57.05 20.91
CA SER C 392 8.08 -56.69 20.58
C SER C 392 8.29 -55.18 20.64
N TRP C 393 7.22 -54.40 20.45
CA TRP C 393 7.31 -52.94 20.57
C TRP C 393 7.90 -52.54 21.91
N PHE C 394 7.37 -53.08 22.99
CA PHE C 394 7.72 -52.60 24.32
C PHE C 394 9.13 -53.01 24.71
N ASN C 395 9.61 -54.16 24.21
CA ASN C 395 10.99 -54.55 24.44
C ASN C 395 11.95 -53.52 23.90
N ALA C 396 11.77 -53.14 22.62
CA ALA C 396 12.68 -52.19 21.99
C ALA C 396 12.71 -50.85 22.74
N MET C 397 11.59 -50.47 23.35
CA MET C 397 11.50 -49.17 24.02
C MET C 397 12.17 -49.15 25.39
N ARG C 398 12.60 -50.31 25.89
CA ARG C 398 13.39 -50.38 27.11
C ARG C 398 14.89 -50.50 26.84
N MET C 399 15.28 -51.02 25.67
CA MET C 399 16.68 -51.35 25.40
C MET C 399 17.51 -50.09 25.22
N LYS C 400 18.67 -50.04 25.88
CA LYS C 400 19.62 -48.97 25.67
C LYS C 400 20.26 -49.09 24.30
N LEU C 401 20.50 -47.95 23.66
CA LEU C 401 21.01 -47.90 22.30
C LEU C 401 22.36 -47.19 22.22
N PRO C 402 23.33 -47.74 21.49
CA PRO C 402 24.57 -46.98 21.24
C PRO C 402 24.35 -45.86 20.24
N HIS C 403 25.32 -44.96 20.19
CA HIS C 403 25.29 -43.87 19.21
C HIS C 403 25.36 -44.45 17.80
N GLY C 404 24.53 -43.91 16.91
CA GLY C 404 24.45 -44.42 15.56
C GLY C 404 23.56 -45.63 15.37
N ALA C 405 23.10 -46.26 16.46
CA ALA C 405 22.22 -47.41 16.35
C ALA C 405 20.79 -46.96 16.08
N ARG C 406 20.11 -47.69 15.20
CA ARG C 406 18.79 -47.32 14.73
C ARG C 406 17.74 -48.28 15.25
N VAL C 407 16.50 -47.78 15.37
CA VAL C 407 15.33 -48.61 15.64
C VAL C 407 14.22 -48.17 14.69
N GLU C 408 13.49 -49.14 14.15
CA GLU C 408 12.42 -48.89 13.19
C GLU C 408 11.12 -49.48 13.73
N LEU C 409 10.16 -48.61 14.02
CA LEU C 409 8.81 -49.02 14.39
C LEU C 409 7.86 -48.66 13.26
N GLU C 410 6.72 -49.34 13.23
CA GLU C 410 5.62 -49.00 12.32
C GLU C 410 4.35 -48.86 13.17
N MET C 411 4.27 -47.77 13.94
CA MET C 411 3.22 -47.64 14.93
C MET C 411 1.95 -47.03 14.36
N GLN C 412 2.08 -46.05 13.47
CA GLN C 412 0.90 -45.39 12.91
C GLN C 412 0.02 -46.37 12.15
N TRP C 413 0.61 -47.23 11.32
CA TRP C 413 -0.13 -48.19 10.51
C TRP C 413 -0.30 -49.53 11.21
N GLY C 414 0.78 -50.11 11.71
CA GLY C 414 0.68 -51.28 12.56
C GLY C 414 0.26 -52.56 11.87
N HIS C 415 0.44 -52.65 10.56
CA HIS C 415 0.22 -53.92 9.86
C HIS C 415 1.22 -54.94 10.38
N ILE C 416 0.72 -56.03 10.96
CA ILE C 416 1.61 -57.09 11.44
C ILE C 416 2.12 -57.89 10.24
N GLY C 417 3.38 -58.31 10.31
CA GLY C 417 4.08 -58.84 9.16
C GLY C 417 4.82 -57.81 8.35
N TRP C 418 4.62 -56.51 8.64
CA TRP C 418 5.40 -55.47 7.98
C TRP C 418 6.89 -55.68 8.14
N SER C 419 7.31 -56.07 9.34
CA SER C 419 8.74 -56.17 9.65
C SER C 419 9.50 -56.99 8.61
N VAL C 420 8.99 -58.18 8.29
CA VAL C 420 9.75 -59.13 7.48
C VAL C 420 10.08 -58.54 6.11
N PRO C 421 9.12 -58.12 5.28
CA PRO C 421 9.51 -57.52 3.99
C PRO C 421 10.26 -56.21 4.15
N ALA C 422 9.98 -55.44 5.21
CA ALA C 422 10.69 -54.18 5.42
C ALA C 422 12.12 -54.41 5.89
N THR C 423 12.36 -55.52 6.59
CA THR C 423 13.74 -55.87 6.94
C THR C 423 14.53 -56.24 5.69
N PHE C 424 13.96 -57.13 4.87
CA PHE C 424 14.54 -57.43 3.55
C PHE C 424 14.86 -56.15 2.80
N GLY C 425 13.91 -55.23 2.73
CA GLY C 425 14.12 -54.00 1.99
C GLY C 425 15.18 -53.11 2.64
N TYR C 426 15.07 -52.92 3.95
CA TYR C 426 16.07 -52.13 4.68
C TYR C 426 17.48 -52.67 4.45
N ALA C 427 17.64 -53.99 4.39
CA ALA C 427 18.97 -54.59 4.28
C ALA C 427 19.56 -54.41 2.88
N VAL C 428 18.72 -54.40 1.85
CA VAL C 428 19.23 -54.18 0.50
C VAL C 428 19.89 -52.81 0.38
N ALA C 429 19.38 -51.82 1.11
CA ALA C 429 19.96 -50.48 1.07
C ALA C 429 21.15 -50.34 2.01
N GLU C 430 21.09 -51.01 3.17
CA GLU C 430 22.17 -50.99 4.15
C GLU C 430 22.60 -52.43 4.44
N PRO C 431 23.23 -53.09 3.45
CA PRO C 431 23.58 -54.51 3.64
C PRO C 431 24.75 -54.74 4.59
N GLU C 432 25.63 -53.76 4.79
CA GLU C 432 26.77 -53.94 5.67
C GLU C 432 26.42 -53.73 7.14
N ARG C 433 25.23 -53.25 7.45
CA ARG C 433 24.77 -53.10 8.83
C ARG C 433 24.35 -54.44 9.41
N ARG C 434 24.29 -54.49 10.74
CA ARG C 434 23.82 -55.67 11.46
C ARG C 434 22.31 -55.53 11.64
N ASN C 435 21.55 -56.21 10.82
CA ASN C 435 20.10 -56.04 10.78
C ASN C 435 19.44 -57.10 11.65
N VAL C 436 18.74 -56.65 12.69
CA VAL C 436 18.18 -57.50 13.72
C VAL C 436 16.67 -57.30 13.73
N LEU C 437 15.93 -58.40 13.72
CA LEU C 437 14.48 -58.37 13.54
C LEU C 437 13.81 -59.03 14.73
N MET C 438 13.03 -58.25 15.50
CA MET C 438 12.18 -58.77 16.56
C MET C 438 10.76 -58.88 16.00
N VAL C 439 10.30 -60.11 15.78
CA VAL C 439 8.99 -60.35 15.20
C VAL C 439 8.31 -61.47 15.98
N GLY C 440 7.01 -61.28 16.29
CA GLY C 440 6.25 -62.29 16.99
C GLY C 440 5.85 -63.46 16.10
N ASP C 441 5.42 -64.55 16.74
CA ASP C 441 4.97 -65.72 15.99
C ASP C 441 3.83 -65.39 15.05
N GLY C 442 2.86 -64.61 15.52
CA GLY C 442 1.70 -64.32 14.71
C GLY C 442 2.02 -63.37 13.57
N SER C 443 2.76 -62.31 13.87
CA SER C 443 3.20 -61.39 12.82
C SER C 443 3.93 -62.14 11.72
N PHE C 444 4.92 -62.97 12.11
CA PHE C 444 5.76 -63.65 11.14
C PHE C 444 4.94 -64.40 10.10
N GLN C 445 3.81 -64.97 10.51
CA GLN C 445 3.06 -65.84 9.60
C GLN C 445 2.50 -65.07 8.41
N LEU C 446 2.23 -63.78 8.55
CA LEU C 446 1.57 -63.04 7.48
C LEU C 446 2.48 -62.85 6.27
N THR C 447 3.78 -62.67 6.48
CA THR C 447 4.70 -62.28 5.42
C THR C 447 5.98 -63.10 5.45
N ALA C 448 5.89 -64.37 5.84
CA ALA C 448 7.09 -65.16 6.08
C ALA C 448 7.87 -65.42 4.80
N GLN C 449 7.18 -65.63 3.68
CA GLN C 449 7.86 -66.05 2.46
C GLN C 449 8.91 -65.06 1.98
N GLU C 450 8.84 -63.80 2.42
CA GLU C 450 9.84 -62.83 2.01
C GLU C 450 11.19 -63.05 2.69
N VAL C 451 11.29 -64.00 3.62
CA VAL C 451 12.60 -64.43 4.09
C VAL C 451 13.36 -65.12 2.96
N ALA C 452 12.63 -65.91 2.15
CA ALA C 452 13.25 -66.62 1.03
C ALA C 452 14.03 -65.67 0.13
N GLN C 453 13.65 -64.40 0.11
CA GLN C 453 14.41 -63.43 -0.67
C GLN C 453 15.67 -62.99 0.07
N MET C 454 15.64 -62.92 1.41
CA MET C 454 16.87 -62.69 2.16
C MET C 454 17.92 -63.75 1.84
N VAL C 455 17.49 -64.98 1.57
CA VAL C 455 18.39 -66.04 1.16
C VAL C 455 18.82 -65.84 -0.29
N ARG C 456 17.87 -65.54 -1.18
CA ARG C 456 18.17 -65.29 -2.58
C ARG C 456 19.26 -64.23 -2.73
N ARG C 457 19.08 -63.10 -2.04
CA ARG C 457 20.07 -62.01 -2.06
C ARG C 457 21.21 -62.24 -1.09
N LYS C 458 21.10 -63.24 -0.22
CA LYS C 458 22.14 -63.60 0.74
C LYS C 458 22.49 -62.40 1.63
N LEU C 459 21.52 -62.04 2.42
CA LEU C 459 21.68 -60.90 3.32
C LEU C 459 21.89 -61.38 4.76
N PRO C 460 22.87 -60.78 5.51
CA PRO C 460 23.14 -61.19 6.91
C PRO C 460 22.13 -60.60 7.89
N ILE C 461 20.93 -61.20 7.90
CA ILE C 461 19.85 -60.74 8.78
C ILE C 461 19.73 -61.71 9.95
N ILE C 462 19.36 -61.17 11.11
CA ILE C 462 19.28 -61.92 12.35
C ILE C 462 17.85 -61.80 12.85
N ILE C 463 17.04 -62.83 12.56
CA ILE C 463 15.61 -62.82 12.85
C ILE C 463 15.39 -63.45 14.24
N PHE C 464 14.82 -62.68 15.15
CA PHE C 464 14.47 -63.16 16.48
C PHE C 464 12.97 -63.42 16.48
N LEU C 465 12.59 -64.62 16.05
CA LEU C 465 11.18 -65.01 16.02
C LEU C 465 10.64 -65.23 17.43
N ILE C 466 10.04 -64.20 18.02
CA ILE C 466 9.55 -64.27 19.39
C ILE C 466 8.32 -65.15 19.44
N ASN C 467 8.52 -66.46 19.58
CA ASN C 467 7.41 -67.41 19.54
C ASN C 467 6.72 -67.49 20.90
N ASN C 468 5.40 -67.20 20.92
CA ASN C 468 4.58 -67.38 22.11
C ASN C 468 3.20 -67.92 21.79
N ARG C 469 3.02 -68.54 20.62
CA ARG C 469 1.81 -69.27 20.27
C ARG C 469 0.56 -68.42 20.49
N GLY C 470 0.55 -67.24 19.90
CA GLY C 470 -0.67 -66.44 19.90
C GLY C 470 -0.39 -64.98 19.65
N TYR C 471 -1.47 -64.28 19.36
CA TYR C 471 -1.48 -62.82 19.28
C TYR C 471 -1.47 -62.26 20.70
N THR C 472 -0.27 -62.26 21.30
CA THR C 472 -0.16 -61.95 22.73
C THR C 472 -0.62 -60.53 23.03
N ILE C 473 -0.23 -59.57 22.19
CA ILE C 473 -0.69 -58.20 22.39
C ILE C 473 -2.21 -58.13 22.37
N GLU C 474 -2.84 -58.86 21.43
CA GLU C 474 -4.30 -58.83 21.33
C GLU C 474 -4.95 -59.54 22.51
N VAL C 475 -4.26 -60.49 23.13
CA VAL C 475 -4.82 -61.18 24.29
C VAL C 475 -5.07 -60.19 25.42
N LYS C 476 -4.18 -59.23 25.60
CA LYS C 476 -4.25 -58.31 26.73
C LYS C 476 -5.02 -57.05 26.41
N ILE C 477 -5.64 -56.98 25.22
CA ILE C 477 -6.66 -55.98 24.92
C ILE C 477 -8.02 -56.62 25.20
N HIS C 478 -8.29 -57.76 24.56
CA HIS C 478 -9.53 -58.49 24.79
C HIS C 478 -9.33 -59.92 24.31
N ASP C 479 -9.23 -60.87 25.25
CA ASP C 479 -8.87 -62.24 24.93
C ASP C 479 -10.06 -63.00 24.34
N GLY C 480 -9.73 -64.07 23.62
CA GLY C 480 -10.73 -64.92 23.02
C GLY C 480 -10.09 -66.02 22.18
N PRO C 481 -10.92 -66.88 21.58
CA PRO C 481 -10.36 -67.94 20.73
C PRO C 481 -9.71 -67.42 19.46
N TYR C 482 -10.08 -66.23 19.01
CA TYR C 482 -9.49 -65.63 17.81
C TYR C 482 -8.01 -65.29 17.99
N ASN C 483 -7.50 -65.23 19.21
CA ASN C 483 -6.10 -64.90 19.43
C ASN C 483 -5.18 -66.11 19.33
N ASN C 484 -5.69 -67.32 19.50
CA ASN C 484 -4.87 -68.52 19.47
C ASN C 484 -4.60 -68.92 18.02
N ILE C 485 -3.33 -68.92 17.62
CA ILE C 485 -2.93 -69.24 16.26
C ILE C 485 -2.23 -70.60 16.21
N LYS C 486 -2.43 -71.29 15.09
CA LYS C 486 -1.66 -72.50 14.78
C LYS C 486 -0.16 -72.21 14.92
N ASN C 487 0.54 -73.15 15.56
CA ASN C 487 1.98 -73.01 15.73
C ASN C 487 2.73 -73.74 14.61
N TRP C 488 3.86 -73.16 14.22
CA TRP C 488 4.76 -73.77 13.26
C TRP C 488 6.02 -74.28 13.96
N ASP C 489 6.86 -74.97 13.20
CA ASP C 489 8.24 -75.24 13.60
C ASP C 489 9.11 -74.14 12.97
N TYR C 490 8.92 -72.93 13.50
CA TYR C 490 9.47 -71.73 12.87
C TYR C 490 10.95 -71.86 12.56
N ALA C 491 11.69 -72.63 13.36
CA ALA C 491 13.11 -72.82 13.10
C ALA C 491 13.33 -73.55 11.77
N GLY C 492 12.57 -74.60 11.53
CA GLY C 492 12.78 -75.45 10.37
C GLY C 492 12.42 -74.83 9.04
N LEU C 493 11.79 -73.65 9.03
CA LEU C 493 11.42 -73.02 7.77
C LEU C 493 12.65 -72.67 6.94
N MET C 494 13.65 -72.04 7.57
CA MET C 494 14.87 -71.63 6.88
C MET C 494 15.33 -72.66 5.87
N GLU C 495 15.43 -73.92 6.30
CA GLU C 495 15.90 -74.99 5.42
C GLU C 495 15.11 -75.00 4.11
N VAL C 496 13.79 -74.94 4.21
CA VAL C 496 12.95 -75.04 3.02
C VAL C 496 13.29 -73.93 2.04
N PHE C 497 13.59 -72.73 2.53
CA PHE C 497 13.97 -71.64 1.64
C PHE C 497 15.40 -71.81 1.12
N ASN C 498 16.33 -72.29 1.97
CA ASN C 498 17.69 -72.55 1.50
C ASN C 498 17.67 -73.50 0.30
N ALA C 499 16.77 -74.48 0.33
CA ALA C 499 16.41 -75.30 -0.83
C ALA C 499 17.68 -75.88 -1.45
N GLU C 500 17.93 -75.67 -2.74
CA GLU C 500 18.97 -76.41 -3.46
C GLU C 500 20.36 -75.86 -3.20
N ASP C 501 20.48 -74.57 -2.90
CA ASP C 501 21.79 -73.92 -2.89
C ASP C 501 21.90 -72.75 -1.92
N GLY C 502 20.78 -72.13 -1.55
CA GLY C 502 20.85 -70.98 -0.68
C GLY C 502 21.53 -71.32 0.62
N LYS C 503 21.86 -70.28 1.40
CA LYS C 503 22.67 -70.45 2.60
C LYS C 503 22.16 -69.55 3.72
N GLY C 504 21.49 -70.15 4.71
CA GLY C 504 20.93 -69.42 5.85
C GLY C 504 20.65 -70.31 7.04
N LEU C 505 20.99 -69.84 8.24
CA LEU C 505 20.82 -70.66 9.44
C LEU C 505 19.40 -70.58 9.99
N GLY C 506 18.94 -71.70 10.54
CA GLY C 506 17.64 -71.78 11.19
C GLY C 506 17.74 -72.50 12.53
N LEU C 507 17.66 -71.75 13.63
CA LEU C 507 17.99 -72.24 14.96
C LEU C 507 16.79 -72.10 15.89
N LYS C 508 16.96 -72.61 17.10
CA LYS C 508 15.96 -72.57 18.17
C LYS C 508 16.66 -72.20 19.47
N ALA C 509 15.88 -71.96 20.51
CA ALA C 509 16.44 -71.65 21.82
C ALA C 509 15.38 -71.79 22.91
N THR C 510 15.37 -72.91 23.62
CA THR C 510 14.44 -73.16 24.71
C THR C 510 15.05 -72.84 26.09
N THR C 511 16.26 -72.30 26.13
CA THR C 511 16.91 -71.97 27.40
C THR C 511 17.69 -70.67 27.27
N GLY C 512 17.93 -70.02 28.42
CA GLY C 512 18.71 -68.80 28.42
C GLY C 512 20.10 -68.99 27.85
N GLY C 513 20.68 -70.19 28.06
CA GLY C 513 21.99 -70.48 27.50
C GLY C 513 21.94 -70.65 25.99
N GLU C 514 21.08 -71.55 25.50
CA GLU C 514 20.92 -71.82 24.08
C GLU C 514 20.89 -70.54 23.26
N LEU C 515 20.32 -69.48 23.83
CA LEU C 515 20.27 -68.19 23.16
C LEU C 515 21.66 -67.68 22.81
N ALA C 516 22.58 -67.76 23.77
CA ALA C 516 23.95 -67.33 23.51
C ALA C 516 24.58 -68.16 22.40
N GLU C 517 24.33 -69.47 22.39
CA GLU C 517 24.82 -70.32 21.32
C GLU C 517 24.27 -69.87 19.97
N ALA C 518 22.95 -69.63 19.91
CA ALA C 518 22.34 -69.19 18.66
C ALA C 518 22.87 -67.84 18.23
N ILE C 519 23.04 -66.92 19.18
CA ILE C 519 23.51 -65.57 18.84
C ILE C 519 24.91 -65.60 18.27
N LYS C 520 25.78 -66.43 18.85
CA LYS C 520 27.13 -66.57 18.31
C LYS C 520 27.09 -67.18 16.91
N LYS C 521 26.28 -68.22 16.72
CA LYS C 521 26.10 -68.77 15.38
C LYS C 521 25.56 -67.72 14.41
N ALA C 522 24.71 -66.80 14.90
CA ALA C 522 24.13 -65.78 14.03
C ALA C 522 25.17 -64.76 13.60
N LEU C 523 25.85 -64.13 14.56
CA LEU C 523 26.93 -63.21 14.24
C LEU C 523 28.00 -63.90 13.40
N ALA C 524 28.25 -65.19 13.65
CA ALA C 524 29.24 -65.93 12.89
C ALA C 524 28.81 -66.10 11.44
N HIS C 525 27.56 -66.49 11.22
CA HIS C 525 27.09 -66.85 9.89
C HIS C 525 27.06 -65.64 8.97
N ARG C 526 27.64 -65.78 7.80
CA ARG C 526 27.49 -64.85 6.69
C ARG C 526 26.89 -65.61 5.53
N GLU C 527 26.70 -64.90 4.41
CA GLU C 527 26.16 -65.45 3.18
C GLU C 527 24.66 -65.71 3.27
N GLY C 528 23.98 -65.15 4.27
CA GLY C 528 22.55 -65.27 4.37
C GLY C 528 21.99 -65.01 5.76
N PRO C 529 20.68 -65.17 5.92
CA PRO C 529 20.01 -64.82 7.16
C PRO C 529 20.15 -65.89 8.24
N THR C 530 19.65 -65.56 9.44
CA THR C 530 19.72 -66.44 10.60
C THR C 530 18.47 -66.24 11.44
N LEU C 531 17.59 -67.23 11.46
CA LEU C 531 16.39 -67.18 12.29
C LEU C 531 16.60 -67.97 13.58
N ILE C 532 15.96 -67.51 14.66
CA ILE C 532 16.11 -68.09 15.98
C ILE C 532 14.72 -68.15 16.61
N GLU C 533 14.18 -69.36 16.77
CA GLU C 533 12.83 -69.56 17.30
C GLU C 533 12.86 -69.52 18.82
N CYS C 534 12.97 -68.31 19.37
CA CYS C 534 13.06 -68.13 20.82
C CYS C 534 11.71 -68.34 21.51
N VAL C 535 11.46 -69.55 22.02
CA VAL C 535 10.24 -69.83 22.78
C VAL C 535 10.28 -69.09 24.12
N ILE C 536 9.20 -68.39 24.46
CA ILE C 536 9.07 -67.70 25.74
C ILE C 536 7.59 -67.67 26.12
N ASP C 537 7.33 -67.55 27.42
CA ASP C 537 5.97 -67.67 27.95
C ASP C 537 5.08 -66.56 27.41
N ARG C 538 3.89 -66.94 26.92
CA ARG C 538 3.01 -65.96 26.27
C ARG C 538 2.41 -65.01 27.30
N ASP C 539 1.84 -65.55 28.38
CA ASP C 539 1.21 -64.68 29.37
C ASP C 539 2.25 -63.84 30.10
N ASP C 540 3.48 -64.32 30.19
CA ASP C 540 4.61 -63.46 30.55
C ASP C 540 4.92 -62.56 29.38
N CYS C 541 4.77 -61.26 29.57
CA CYS C 541 4.97 -60.30 28.51
C CYS C 541 5.36 -58.99 29.15
N THR C 542 5.91 -58.09 28.34
CA THR C 542 6.37 -56.85 28.91
C THR C 542 5.22 -56.24 29.70
N PRO C 543 5.44 -55.79 30.94
CA PRO C 543 4.31 -55.33 31.76
C PRO C 543 3.70 -54.06 31.28
N GLU C 544 4.34 -53.36 30.34
CA GLU C 544 3.71 -52.21 29.72
C GLU C 544 2.48 -52.66 28.93
N LEU C 545 2.64 -53.69 28.09
CA LEU C 545 1.54 -54.25 27.33
C LEU C 545 0.36 -54.64 28.21
N VAL C 546 0.62 -55.05 29.46
CA VAL C 546 -0.47 -55.41 30.37
C VAL C 546 -1.33 -54.19 30.66
N THR C 547 -0.73 -53.15 31.24
CA THR C 547 -1.48 -51.97 31.63
C THR C 547 -1.88 -51.12 30.42
N TRP C 548 -1.25 -51.34 29.26
CA TRP C 548 -1.56 -50.58 28.06
C TRP C 548 -2.81 -51.12 27.38
N GLY C 549 -2.90 -52.44 27.21
CA GLY C 549 -4.06 -53.03 26.56
C GLY C 549 -5.36 -52.70 27.28
N LYS C 550 -5.30 -52.49 28.59
CA LYS C 550 -6.50 -52.08 29.32
C LYS C 550 -7.00 -50.74 28.83
N LYS C 551 -6.10 -49.77 28.67
CA LYS C 551 -6.50 -48.44 28.22
C LYS C 551 -7.02 -48.48 26.79
N VAL C 552 -6.44 -49.34 25.94
CA VAL C 552 -6.89 -49.44 24.56
C VAL C 552 -8.22 -50.18 24.48
N ALA C 553 -8.37 -51.27 25.22
CA ALA C 553 -9.56 -52.10 25.12
C ALA C 553 -10.82 -51.32 25.53
N THR C 554 -10.72 -50.50 26.58
CA THR C 554 -11.86 -49.75 27.08
C THR C 554 -12.13 -48.52 26.22
N ALA C 555 -11.08 -47.85 25.76
CA ALA C 555 -11.26 -46.75 24.82
C ALA C 555 -11.86 -47.24 23.51
N ASN C 556 -11.40 -48.38 23.01
CA ASN C 556 -11.93 -48.95 21.77
C ASN C 556 -13.44 -49.12 21.83
N ALA C 557 -13.93 -49.66 22.94
CA ALA C 557 -15.34 -50.00 23.13
C ALA C 557 -16.01 -49.13 24.19
N ARG C 558 -15.72 -47.81 24.18
CA ARG C 558 -16.45 -46.91 25.05
C ARG C 558 -17.79 -46.54 24.39
N PRO C 559 -18.81 -46.25 25.19
CA PRO C 559 -20.16 -46.21 24.65
C PRO C 559 -20.43 -44.88 23.94
N PRO C 560 -21.36 -44.86 23.00
CA PRO C 560 -21.78 -43.58 22.41
C PRO C 560 -22.38 -42.64 23.44
N GLN C 561 -22.42 -41.36 23.09
CA GLN C 561 -22.95 -40.32 23.95
C GLN C 561 -24.18 -39.74 23.25
N ALA C 562 -25.35 -40.01 23.80
CA ALA C 562 -26.61 -39.65 23.17
C ALA C 562 -26.73 -38.14 23.01
N ILE C 563 -27.59 -37.73 22.07
CA ILE C 563 -27.77 -36.33 21.72
C ILE C 563 -28.80 -35.68 22.64
N THR D 2 -0.10 58.88 22.40
CA THR D 2 -0.35 58.23 21.12
C THR D 2 0.64 57.09 20.87
N TYR D 3 0.09 55.91 20.61
CA TYR D 3 0.89 54.73 20.35
C TYR D 3 1.83 54.95 19.17
N THR D 4 2.80 54.05 19.07
CA THR D 4 3.77 54.07 17.99
C THR D 4 4.08 52.63 17.63
N VAL D 5 4.93 52.45 16.61
CA VAL D 5 5.30 51.10 16.19
C VAL D 5 5.93 50.36 17.36
N GLY D 6 6.85 51.01 18.06
CA GLY D 6 7.47 50.40 19.22
C GLY D 6 6.45 49.94 20.25
N HIS D 7 5.53 50.83 20.64
CA HIS D 7 4.51 50.45 21.63
C HIS D 7 3.70 49.28 21.11
N TYR D 8 3.30 49.35 19.84
CA TYR D 8 2.40 48.35 19.28
C TYR D 8 3.02 46.96 19.38
N LEU D 9 4.31 46.84 19.09
CA LEU D 9 4.96 45.53 19.18
C LEU D 9 5.12 45.10 20.63
N ALA D 10 5.58 46.00 21.50
CA ALA D 10 5.70 45.71 22.93
C ALA D 10 4.40 45.17 23.50
N THR D 11 3.31 45.92 23.30
CA THR D 11 2.01 45.48 23.79
C THR D 11 1.62 44.14 23.18
N ARG D 12 1.70 44.01 21.84
CA ARG D 12 1.33 42.76 21.19
C ARG D 12 2.09 41.59 21.78
N LEU D 13 3.38 41.76 22.05
CA LEU D 13 4.17 40.71 22.68
C LEU D 13 3.68 40.43 24.10
N ALA D 14 3.44 41.48 24.87
CA ALA D 14 2.93 41.30 26.23
C ALA D 14 1.59 40.57 26.23
N GLN D 15 0.71 40.91 25.28
CA GLN D 15 -0.62 40.30 25.22
C GLN D 15 -0.55 38.78 25.06
N ILE D 16 0.26 38.31 24.10
CA ILE D 16 0.31 36.89 23.82
C ILE D 16 1.01 36.11 24.93
N GLY D 17 1.77 36.78 25.79
CA GLY D 17 2.39 36.10 26.92
C GLY D 17 3.64 36.76 27.48
N LEU D 18 4.50 37.28 26.61
CA LEU D 18 5.86 37.67 27.00
C LEU D 18 5.88 38.64 28.17
N LYS D 19 6.48 38.20 29.28
CA LYS D 19 6.92 39.12 30.32
C LYS D 19 8.31 39.68 30.04
N HIS D 20 9.11 39.00 29.23
CA HIS D 20 10.47 39.43 28.93
C HIS D 20 10.74 39.21 27.44
N HIS D 21 11.33 40.23 26.81
CA HIS D 21 11.90 40.11 25.47
C HIS D 21 13.38 40.43 25.52
N PHE D 22 14.19 39.66 24.81
CA PHE D 22 15.64 39.74 24.91
C PHE D 22 16.19 40.64 23.80
N ALA D 23 17.37 41.22 24.03
CA ALA D 23 17.84 42.27 23.14
C ALA D 23 19.35 42.41 23.17
N VAL D 24 19.86 43.11 22.16
CA VAL D 24 21.27 43.46 22.00
C VAL D 24 21.35 44.82 21.34
N ALA D 25 21.90 45.80 22.04
CA ALA D 25 21.85 47.19 21.60
C ALA D 25 22.55 47.36 20.26
N GLY D 26 22.08 48.34 19.49
CA GLY D 26 22.73 48.76 18.27
C GLY D 26 22.07 49.97 17.66
N ASP D 27 22.84 50.75 16.89
CA ASP D 27 22.40 52.09 16.50
C ASP D 27 21.13 52.06 15.65
N TYR D 28 20.81 50.93 15.04
CA TYR D 28 19.54 50.80 14.33
C TYR D 28 18.38 50.57 15.30
N ASN D 29 18.47 49.52 16.11
CA ASN D 29 17.39 49.16 17.02
C ASN D 29 17.36 50.02 18.27
N LEU D 30 18.23 51.02 18.37
CA LEU D 30 18.32 51.82 19.59
C LEU D 30 17.02 52.56 19.85
N VAL D 31 16.62 53.42 18.91
CA VAL D 31 15.33 54.09 19.02
C VAL D 31 14.21 53.09 19.25
N LEU D 32 14.27 51.96 18.54
CA LEU D 32 13.26 50.92 18.70
C LEU D 32 13.28 50.35 20.11
N LEU D 33 14.47 50.09 20.65
CA LEU D 33 14.58 49.50 21.98
C LEU D 33 14.00 50.43 23.05
N ASP D 34 14.20 51.74 22.89
CA ASP D 34 13.66 52.68 23.87
C ASP D 34 12.16 52.51 24.01
N GLN D 35 11.44 52.34 22.90
CA GLN D 35 9.99 52.26 22.91
C GLN D 35 9.47 50.90 23.30
N LEU D 36 10.26 49.84 23.15
CA LEU D 36 9.86 48.56 23.69
C LEU D 36 9.79 48.57 25.21
N LEU D 37 10.50 49.49 25.85
CA LEU D 37 10.42 49.61 27.30
C LEU D 37 9.08 50.15 27.75
N LYS D 38 8.44 50.99 26.93
CA LYS D 38 7.28 51.75 27.38
C LYS D 38 6.18 50.85 27.93
N ASN D 39 6.11 49.59 27.50
CA ASN D 39 5.20 48.66 28.15
C ASN D 39 5.85 48.16 29.44
N LYS D 40 5.10 48.24 30.54
CA LYS D 40 5.63 47.93 31.86
C LYS D 40 5.33 46.50 32.30
N ASP D 41 4.54 45.75 31.54
CA ASP D 41 4.40 44.32 31.73
C ASP D 41 5.31 43.53 30.81
N LEU D 42 6.32 44.19 30.23
CA LEU D 42 7.17 43.59 29.19
C LEU D 42 8.57 44.15 29.39
N GLU D 43 9.47 43.30 29.88
CA GLU D 43 10.77 43.72 30.37
C GLU D 43 11.85 43.42 29.34
N GLN D 44 12.82 44.32 29.24
CA GLN D 44 13.85 44.30 28.21
C GLN D 44 15.13 43.71 28.82
N VAL D 45 15.31 42.40 28.64
CA VAL D 45 16.52 41.70 29.07
C VAL D 45 17.61 41.88 28.01
N TYR D 46 18.86 42.03 28.46
CA TYR D 46 20.00 42.20 27.56
C TYR D 46 20.90 40.97 27.60
N CYS D 47 21.79 40.88 26.60
CA CYS D 47 22.58 39.68 26.38
C CYS D 47 23.98 40.07 25.88
N CYS D 48 24.89 39.08 25.86
CA CYS D 48 26.29 39.31 25.51
C CYS D 48 26.50 39.40 24.00
N ASN D 49 26.00 38.42 23.25
CA ASN D 49 26.03 38.47 21.80
C ASN D 49 24.70 37.95 21.26
N GLU D 50 24.47 38.13 19.95
CA GLU D 50 23.16 37.83 19.39
C GLU D 50 22.94 36.32 19.27
N LEU D 51 23.99 35.58 18.88
CA LEU D 51 23.87 34.13 18.84
C LEU D 51 23.22 33.61 20.11
N ASN D 52 23.65 34.13 21.26
CA ASN D 52 23.05 33.73 22.53
C ASN D 52 21.68 34.36 22.70
N CYS D 53 21.57 35.66 22.45
CA CYS D 53 20.31 36.39 22.64
C CYS D 53 19.16 35.62 22.00
N GLY D 54 19.34 35.19 20.76
CA GLY D 54 18.29 34.42 20.11
C GLY D 54 18.04 33.09 20.78
N PHE D 55 19.10 32.41 21.22
CA PHE D 55 18.93 31.16 21.95
C PHE D 55 18.26 31.38 23.30
N SER D 56 18.46 32.56 23.91
CA SER D 56 17.73 32.86 25.13
C SER D 56 16.24 32.97 24.87
N ALA D 57 15.85 33.63 23.77
CA ALA D 57 14.46 33.64 23.37
C ALA D 57 13.97 32.23 23.05
N GLU D 58 14.86 31.37 22.55
CA GLU D 58 14.52 29.97 22.35
C GLU D 58 14.07 29.33 23.65
N GLY D 59 14.91 29.38 24.68
CA GLY D 59 14.56 28.86 25.98
C GLY D 59 13.29 29.45 26.53
N TYR D 60 13.22 30.78 26.60
CA TYR D 60 12.05 31.45 27.14
C TYR D 60 10.75 30.89 26.57
N ALA D 61 10.72 30.61 25.27
CA ALA D 61 9.50 30.10 24.63
C ALA D 61 9.18 28.67 25.05
N ARG D 62 10.18 27.91 25.51
CA ARG D 62 9.91 26.56 26.01
C ARG D 62 9.07 26.62 27.29
N ALA D 63 9.33 27.60 28.15
CA ALA D 63 8.61 27.76 29.41
C ALA D 63 7.33 28.58 29.24
N ASN D 64 7.42 29.73 28.58
CA ASN D 64 6.24 30.56 28.35
C ASN D 64 5.33 29.93 27.30
N GLY D 65 5.91 29.43 26.21
CA GLY D 65 5.17 29.03 25.02
C GLY D 65 5.55 29.85 23.80
N VAL D 66 6.02 31.08 24.00
CA VAL D 66 6.47 31.94 22.93
C VAL D 66 7.55 32.87 23.48
N GLY D 67 8.46 33.31 22.60
CA GLY D 67 9.55 34.18 22.99
C GLY D 67 9.84 35.22 21.92
N ALA D 68 10.82 36.06 22.20
CA ALA D 68 11.16 37.13 21.28
C ALA D 68 12.57 37.62 21.57
N ALA D 69 13.17 38.25 20.57
CA ALA D 69 14.50 38.82 20.70
C ALA D 69 14.58 40.09 19.86
N VAL D 70 15.71 40.78 19.95
CA VAL D 70 15.93 42.00 19.17
C VAL D 70 17.41 42.09 18.86
N VAL D 71 17.74 42.64 17.68
CA VAL D 71 19.12 42.72 17.22
C VAL D 71 19.29 43.90 16.27
N THR D 72 20.54 44.22 15.95
CA THR D 72 20.88 45.22 14.95
C THR D 72 20.93 44.58 13.57
N PHE D 73 20.94 45.41 12.54
CA PHE D 73 20.79 44.93 11.16
C PHE D 73 21.93 44.00 10.74
N SER D 74 21.56 42.81 10.24
CA SER D 74 22.48 41.87 9.60
C SER D 74 23.57 41.38 10.55
N VAL D 75 24.43 42.30 10.98
CA VAL D 75 25.54 41.93 11.86
C VAL D 75 25.02 41.24 13.12
N GLY D 76 23.95 41.76 13.71
CA GLY D 76 23.33 41.13 14.85
C GLY D 76 22.46 39.95 14.45
N ALA D 77 21.68 40.13 13.38
CA ALA D 77 20.65 39.15 13.02
C ALA D 77 21.25 37.88 12.43
N LEU D 78 22.27 37.99 11.59
CA LEU D 78 22.78 36.81 10.90
C LEU D 78 23.15 35.71 11.89
N SER D 79 23.77 36.08 13.02
CA SER D 79 24.03 35.13 14.10
C SER D 79 22.73 34.64 14.74
N ALA D 80 21.76 35.54 14.91
CA ALA D 80 20.47 35.15 15.46
C ALA D 80 19.79 34.09 14.58
N PHE D 81 19.98 34.18 13.26
CA PHE D 81 19.39 33.20 12.33
C PHE D 81 19.73 31.77 12.72
N ASN D 82 20.88 31.55 13.36
CA ASN D 82 21.24 30.22 13.84
C ASN D 82 20.27 29.75 14.92
N ALA D 83 19.82 30.66 15.80
CA ALA D 83 18.83 30.30 16.81
C ALA D 83 17.45 30.16 16.19
N ILE D 84 17.12 31.02 15.22
CA ILE D 84 15.82 30.95 14.56
C ILE D 84 15.68 29.62 13.82
N GLY D 85 16.77 29.15 13.20
CA GLY D 85 16.80 27.77 12.75
C GLY D 85 16.49 26.80 13.85
N GLY D 86 17.19 26.95 14.99
CA GLY D 86 16.91 26.12 16.16
C GLY D 86 15.47 26.23 16.62
N ALA D 87 14.85 27.41 16.45
CA ALA D 87 13.44 27.56 16.77
C ALA D 87 12.57 26.78 15.78
N TYR D 88 12.71 27.06 14.49
CA TYR D 88 11.94 26.34 13.47
C TYR D 88 12.11 24.84 13.61
N ALA D 89 13.35 24.40 13.88
CA ALA D 89 13.61 22.98 14.09
C ALA D 89 12.75 22.42 15.23
N GLU D 90 12.75 23.08 16.39
CA GLU D 90 12.10 22.60 17.59
C GLU D 90 10.68 23.13 17.75
N ASN D 91 10.12 23.74 16.70
CA ASN D 91 8.73 24.22 16.71
C ASN D 91 8.48 25.24 17.82
N LEU D 92 9.30 26.29 17.83
CA LEU D 92 9.21 27.33 18.83
C LEU D 92 8.79 28.63 18.16
N PRO D 93 7.73 29.29 18.62
CA PRO D 93 7.30 30.57 18.03
C PRO D 93 8.16 31.76 18.44
N VAL D 94 9.47 31.64 18.23
CA VAL D 94 10.39 32.71 18.58
C VAL D 94 10.27 33.81 17.55
N ILE D 95 9.96 35.02 18.00
CA ILE D 95 9.74 36.15 17.11
C ILE D 95 11.00 37.00 17.13
N LEU D 96 11.82 36.86 16.09
CA LEU D 96 12.98 37.73 15.92
C LEU D 96 12.57 39.12 15.45
N ILE D 97 13.33 40.12 15.88
CA ILE D 97 13.19 41.49 15.41
C ILE D 97 14.56 42.08 15.17
N SER D 98 14.70 42.79 14.07
CA SER D 98 15.93 43.49 13.74
C SER D 98 15.61 44.95 13.44
N GLY D 99 16.57 45.82 13.73
CA GLY D 99 16.55 47.14 13.16
C GLY D 99 16.91 47.08 11.69
N ALA D 100 16.73 48.20 11.01
CA ALA D 100 16.91 48.21 9.56
C ALA D 100 17.29 49.60 9.10
N PRO D 101 17.85 49.73 7.90
CA PRO D 101 18.14 51.04 7.33
C PRO D 101 17.03 52.07 7.40
N ASN D 102 17.41 53.32 7.14
CA ASN D 102 16.48 54.42 7.05
C ASN D 102 15.54 54.24 5.85
N THR D 103 14.37 54.88 5.94
CA THR D 103 13.45 54.90 4.82
C THR D 103 14.06 55.62 3.61
N ASN D 104 14.70 56.77 3.85
CA ASN D 104 15.26 57.58 2.78
C ASN D 104 16.53 56.97 2.17
N ASP D 105 17.03 55.86 2.72
CA ASP D 105 18.16 55.16 2.13
C ASP D 105 17.72 54.02 1.22
N HIS D 106 16.52 53.47 1.42
CA HIS D 106 16.02 52.36 0.59
C HIS D 106 16.06 52.75 -0.88
N GLY D 107 16.82 51.98 -1.68
CA GLY D 107 16.92 52.26 -3.09
C GLY D 107 17.50 53.60 -3.44
N SER D 108 18.31 54.18 -2.56
CA SER D 108 18.84 55.54 -2.72
C SER D 108 20.26 55.54 -3.23
N GLY D 109 20.76 54.41 -3.72
CA GLY D 109 22.12 54.32 -4.20
C GLY D 109 23.18 54.39 -3.12
N HIS D 110 22.79 54.58 -1.85
CA HIS D 110 23.74 54.68 -0.76
C HIS D 110 24.26 53.31 -0.35
N ILE D 111 25.47 53.30 0.19
CA ILE D 111 25.96 52.18 0.98
C ILE D 111 25.77 52.54 2.45
N LEU D 112 25.39 51.55 3.25
CA LEU D 112 25.20 51.76 4.67
C LEU D 112 26.13 50.87 5.46
N HIS D 113 26.31 51.22 6.74
CA HIS D 113 27.14 50.40 7.60
C HIS D 113 26.37 49.15 8.05
N HIS D 114 27.10 48.20 8.61
CA HIS D 114 26.55 46.88 8.94
C HIS D 114 25.94 46.23 7.70
N THR D 115 26.48 46.55 6.52
CA THR D 115 25.99 45.97 5.28
C THR D 115 27.17 45.54 4.42
N ILE D 116 26.85 44.74 3.40
CA ILE D 116 27.86 44.04 2.61
C ILE D 116 28.72 44.97 1.78
N GLY D 117 28.28 46.20 1.54
CA GLY D 117 28.89 47.08 0.57
C GLY D 117 28.06 47.26 -0.68
N THR D 118 27.16 46.32 -0.96
CA THR D 118 26.18 46.48 -2.02
C THR D 118 25.21 47.59 -1.65
N THR D 119 24.54 48.13 -2.67
CA THR D 119 23.49 49.11 -2.43
C THR D 119 22.19 48.50 -1.97
N ASP D 120 22.05 47.16 -2.03
CA ASP D 120 20.83 46.48 -1.60
C ASP D 120 20.92 46.06 -0.13
N TYR D 121 19.78 46.15 0.56
CA TYR D 121 19.66 45.74 1.95
C TYR D 121 18.60 44.66 2.17
N GLY D 122 17.96 44.17 1.10
CA GLY D 122 16.98 43.13 1.22
C GLY D 122 17.59 41.76 1.53
N TYR D 123 18.87 41.58 1.22
CA TYR D 123 19.54 40.29 1.40
C TYR D 123 19.26 39.68 2.77
N GLN D 124 18.97 40.51 3.78
CA GLN D 124 18.75 39.95 5.11
C GLN D 124 17.43 39.18 5.17
N LEU D 125 16.32 39.83 4.86
CA LEU D 125 15.04 39.15 4.93
C LEU D 125 14.79 38.28 3.70
N GLU D 126 15.64 38.34 2.69
CA GLU D 126 15.70 37.25 1.71
C GLU D 126 16.21 35.98 2.38
N MET D 127 17.22 36.11 3.25
CA MET D 127 17.71 34.99 4.05
C MET D 127 16.70 34.57 5.11
N ALA D 128 16.25 35.51 5.93
CA ALA D 128 15.33 35.18 7.03
C ALA D 128 14.16 34.34 6.54
N LYS D 129 13.55 34.76 5.41
CA LYS D 129 12.47 34.03 4.74
C LYS D 129 12.73 32.53 4.65
N GLN D 130 13.99 32.18 4.37
CA GLN D 130 14.38 30.79 4.17
C GLN D 130 14.18 29.94 5.43
N ILE D 131 14.25 30.56 6.61
CA ILE D 131 14.26 29.83 7.87
C ILE D 131 13.13 30.25 8.79
N THR D 132 12.09 30.89 8.26
CA THR D 132 11.03 31.42 9.11
C THR D 132 9.70 31.38 8.36
N CYS D 133 8.65 30.94 9.05
CA CYS D 133 7.33 30.83 8.44
C CYS D 133 6.81 32.17 7.96
N ALA D 134 7.21 33.26 8.60
CA ALA D 134 6.78 34.60 8.22
C ALA D 134 7.94 35.57 8.33
N ALA D 135 8.01 36.52 7.39
CA ALA D 135 9.09 37.49 7.33
C ALA D 135 8.54 38.83 6.85
N VAL D 136 8.85 39.89 7.58
CA VAL D 136 8.09 41.14 7.49
C VAL D 136 9.04 42.33 7.57
N SER D 137 8.95 43.23 6.60
CA SER D 137 9.70 44.49 6.60
C SER D 137 8.70 45.64 6.63
N ILE D 138 8.66 46.39 7.74
CA ILE D 138 7.80 47.56 7.86
C ILE D 138 8.65 48.80 7.61
N THR D 139 8.43 49.43 6.45
CA THR D 139 9.14 50.64 6.06
C THR D 139 8.24 51.86 6.12
N HIS D 140 6.95 51.68 6.41
CA HIS D 140 6.01 52.77 6.63
C HIS D 140 5.22 52.52 7.91
N ALA D 141 5.00 53.57 8.69
CA ALA D 141 4.34 53.40 10.00
C ALA D 141 2.87 53.04 9.86
N GLU D 142 2.24 53.34 8.72
CA GLU D 142 0.84 52.98 8.51
C GLU D 142 0.69 51.47 8.35
N ASP D 143 1.57 50.87 7.54
CA ASP D 143 1.62 49.42 7.41
C ASP D 143 1.68 48.74 8.78
N ALA D 144 2.50 49.27 9.68
CA ALA D 144 3.00 48.60 10.88
C ALA D 144 2.03 47.60 11.52
N PRO D 145 0.86 48.03 12.00
CA PRO D 145 0.08 47.14 12.88
C PRO D 145 -0.49 45.91 12.17
N ALA D 146 -0.79 46.00 10.87
CA ALA D 146 -1.33 44.84 10.15
C ALA D 146 -0.27 43.77 9.98
N LEU D 147 0.99 44.17 9.73
CA LEU D 147 2.05 43.21 9.45
C LEU D 147 2.57 42.55 10.73
N ILE D 148 2.70 43.33 11.81
CA ILE D 148 3.10 42.77 13.10
C ILE D 148 2.12 41.69 13.53
N ASP D 149 0.82 41.98 13.45
CA ASP D 149 -0.19 40.98 13.75
C ASP D 149 0.04 39.71 12.93
N HIS D 150 0.23 39.86 11.62
CA HIS D 150 0.48 38.72 10.73
C HIS D 150 1.65 37.87 11.24
N ALA D 151 2.81 38.50 11.42
CA ALA D 151 4.01 37.78 11.86
C ALA D 151 3.73 36.99 13.15
N ILE D 152 3.11 37.64 14.13
CA ILE D 152 2.81 36.96 15.39
C ILE D 152 1.74 35.90 15.16
N ARG D 153 0.62 36.27 14.55
CA ARG D 153 -0.49 35.35 14.34
C ARG D 153 -0.01 34.07 13.66
N THR D 154 0.73 34.21 12.57
CA THR D 154 1.26 33.05 11.85
C THR D 154 2.14 32.20 12.75
N ALA D 155 3.09 32.82 13.44
CA ALA D 155 4.01 32.08 14.30
C ALA D 155 3.25 31.18 15.28
N LEU D 156 2.21 31.72 15.92
CA LEU D 156 1.48 30.97 16.93
C LEU D 156 0.65 29.85 16.30
N ARG D 157 -0.07 30.16 15.23
CA ARG D 157 -0.76 29.13 14.46
C ARG D 157 0.22 28.05 13.99
N GLU D 158 1.34 28.47 13.39
CA GLU D 158 2.30 27.52 12.85
C GLU D 158 3.11 26.85 13.95
N LYS D 159 3.34 27.55 15.06
CA LYS D 159 4.35 27.15 16.04
C LYS D 159 5.73 27.10 15.37
N LYS D 160 6.06 28.16 14.66
CA LYS D 160 7.34 28.33 13.98
C LYS D 160 7.75 29.79 14.14
N PRO D 161 9.05 30.08 14.05
CA PRO D 161 9.52 31.44 14.31
C PRO D 161 9.19 32.40 13.18
N ALA D 162 9.20 33.70 13.52
CA ALA D 162 8.87 34.78 12.60
C ALA D 162 10.00 35.80 12.62
N TYR D 163 9.89 36.80 11.75
CA TYR D 163 10.94 37.81 11.59
C TYR D 163 10.31 39.16 11.29
N ILE D 164 10.89 40.23 11.85
CA ILE D 164 10.36 41.57 11.67
C ILE D 164 11.52 42.58 11.64
N GLU D 165 11.86 43.08 10.46
CA GLU D 165 12.84 44.16 10.35
C GLU D 165 12.09 45.50 10.27
N ILE D 166 12.60 46.49 11.00
CA ILE D 166 11.90 47.76 11.20
C ILE D 166 12.90 48.89 10.98
N ALA D 167 12.67 49.71 9.96
CA ALA D 167 13.53 50.85 9.68
C ALA D 167 13.72 51.68 10.93
N CYS D 168 14.98 52.03 11.23
CA CYS D 168 15.30 52.73 12.47
C CYS D 168 14.39 53.94 12.68
N ASN D 169 14.25 54.78 11.65
CA ASN D 169 13.47 56.00 11.78
C ASN D 169 11.96 55.75 11.87
N VAL D 170 11.48 54.61 11.38
CA VAL D 170 10.04 54.33 11.42
C VAL D 170 9.59 53.89 12.82
N ALA D 171 10.44 53.18 13.56
CA ALA D 171 10.07 52.67 14.87
C ALA D 171 9.39 53.73 15.74
N ALA D 172 9.83 54.99 15.62
CA ALA D 172 9.31 56.08 16.44
C ALA D 172 7.94 56.56 15.99
N GLN D 173 7.65 56.49 14.69
CA GLN D 173 6.50 57.20 14.12
C GLN D 173 5.18 56.71 14.73
N PRO D 174 4.12 57.51 14.63
CA PRO D 174 2.87 57.16 15.31
C PRO D 174 2.08 56.11 14.54
N CYS D 175 1.49 55.19 15.29
CA CYS D 175 0.78 54.06 14.72
C CYS D 175 -0.58 53.93 15.39
N ALA D 176 -1.35 52.94 14.92
CA ALA D 176 -2.67 52.67 15.47
C ALA D 176 -2.53 52.00 16.84
N ARG D 177 -3.68 51.70 17.44
CA ARG D 177 -3.69 50.94 18.69
C ARG D 177 -3.91 49.46 18.39
N PRO D 178 -3.33 48.56 19.19
CA PRO D 178 -3.61 47.14 19.01
C PRO D 178 -5.08 46.82 19.23
N GLY D 179 -5.62 46.00 18.34
CA GLY D 179 -6.92 45.41 18.57
C GLY D 179 -6.78 44.36 19.64
N PRO D 180 -7.91 43.81 20.11
CA PRO D 180 -7.83 42.75 21.12
C PRO D 180 -7.03 41.56 20.60
N VAL D 181 -6.37 40.86 21.53
CA VAL D 181 -5.44 39.81 21.15
C VAL D 181 -6.15 38.69 20.40
N SER D 182 -7.43 38.46 20.71
CA SER D 182 -8.16 37.34 20.11
C SER D 182 -8.03 37.33 18.59
N ALA D 183 -7.80 38.49 17.98
CA ALA D 183 -7.53 38.57 16.55
C ALA D 183 -6.37 37.66 16.16
N LEU D 184 -5.38 37.53 17.04
CA LEU D 184 -4.19 36.75 16.74
C LEU D 184 -4.38 35.27 17.06
N LEU D 185 -5.03 34.96 18.19
CA LEU D 185 -5.16 33.59 18.64
C LEU D 185 -6.38 32.88 18.07
N ASN D 186 -7.11 33.51 17.14
CA ASN D 186 -8.25 32.87 16.52
C ASN D 186 -7.78 31.73 15.63
N GLU D 187 -8.21 30.51 15.95
CA GLU D 187 -7.60 29.37 15.30
C GLU D 187 -8.60 28.74 14.34
N PRO D 188 -8.16 28.19 13.21
CA PRO D 188 -9.04 27.30 12.44
C PRO D 188 -9.06 25.93 13.13
N THR D 189 -10.25 25.41 13.37
CA THR D 189 -10.36 24.09 13.99
C THR D 189 -10.53 23.03 12.92
N SER D 190 -10.52 21.78 13.35
CA SER D 190 -10.64 20.69 12.41
C SER D 190 -11.99 20.76 11.70
N ASP D 191 -12.08 20.02 10.59
CA ASP D 191 -13.34 19.82 9.90
C ASP D 191 -13.99 18.55 10.44
N GLU D 192 -15.27 18.65 10.84
CA GLU D 192 -15.90 17.54 11.53
C GLU D 192 -15.92 16.28 10.68
N GLU D 193 -16.19 16.42 9.37
CA GLU D 193 -16.36 15.26 8.52
C GLU D 193 -15.08 14.45 8.40
N THR D 194 -13.97 15.10 8.06
CA THR D 194 -12.68 14.42 8.07
C THR D 194 -12.34 13.96 9.48
N LEU D 195 -12.61 14.80 10.49
CA LEU D 195 -12.36 14.41 11.87
C LEU D 195 -13.11 13.12 12.21
N LYS D 196 -14.42 13.10 11.94
CA LYS D 196 -15.22 11.90 12.13
C LYS D 196 -14.52 10.71 11.49
N ALA D 197 -14.29 10.79 10.18
CA ALA D 197 -13.71 9.67 9.46
C ALA D 197 -12.32 9.33 9.99
N ALA D 198 -11.53 10.35 10.33
CA ALA D 198 -10.20 10.10 10.88
C ALA D 198 -10.28 9.15 12.09
N VAL D 199 -11.19 9.42 13.01
CA VAL D 199 -11.33 8.59 14.19
C VAL D 199 -11.78 7.18 13.83
N GLU D 200 -12.75 7.08 12.91
CA GLU D 200 -13.33 5.77 12.58
C GLU D 200 -12.26 4.82 12.04
N ALA D 201 -11.42 5.29 11.12
CA ALA D 201 -10.36 4.46 10.56
C ALA D 201 -9.30 4.12 11.59
N ALA D 202 -9.06 5.02 12.55
CA ALA D 202 -8.14 4.71 13.64
C ALA D 202 -8.70 3.62 14.53
N LEU D 203 -9.99 3.73 14.90
CA LEU D 203 -10.63 2.71 15.73
C LEU D 203 -10.46 1.33 15.10
N ASP D 204 -10.59 1.24 13.78
CA ASP D 204 -10.46 -0.04 13.10
C ASP D 204 -9.03 -0.56 13.17
N PHE D 205 -8.05 0.33 13.08
CA PHE D 205 -6.65 -0.08 13.17
C PHE D 205 -6.38 -0.89 14.42
N ILE D 206 -6.93 -0.44 15.56
CA ILE D 206 -6.68 -1.10 16.84
C ILE D 206 -7.62 -2.29 17.06
N GLU D 207 -8.85 -2.21 16.55
CA GLU D 207 -9.84 -3.24 16.83
C GLU D 207 -9.69 -4.48 15.97
N LYS D 208 -8.81 -4.46 14.97
CA LYS D 208 -8.35 -5.67 14.30
C LYS D 208 -7.02 -6.16 14.87
N ARG D 209 -6.72 -5.78 16.12
CA ARG D 209 -5.46 -6.11 16.78
C ARG D 209 -5.74 -6.31 18.25
N GLU D 210 -4.77 -6.93 18.94
CA GLU D 210 -4.86 -7.18 20.37
C GLU D 210 -3.77 -6.50 21.19
N LYS D 211 -2.65 -6.12 20.58
CA LYS D 211 -1.48 -5.63 21.31
C LYS D 211 -1.03 -4.30 20.73
N PRO D 212 -1.77 -3.22 20.99
CA PRO D 212 -1.35 -1.90 20.52
C PRO D 212 -0.28 -1.28 21.41
N VAL D 213 0.41 -0.29 20.85
CA VAL D 213 1.40 0.50 21.58
C VAL D 213 1.13 1.97 21.31
N LEU D 214 1.60 2.82 22.23
CA LEU D 214 1.61 4.26 22.05
C LEU D 214 3.05 4.72 21.94
N LEU D 215 3.32 5.58 20.95
CA LEU D 215 4.63 6.21 20.79
C LEU D 215 4.41 7.71 20.74
N VAL D 216 5.04 8.44 21.67
CA VAL D 216 4.84 9.86 21.83
C VAL D 216 5.93 10.59 21.06
N GLY D 217 5.52 11.47 20.17
CA GLY D 217 6.46 12.17 19.32
C GLY D 217 6.94 13.49 19.92
N GLY D 218 7.99 14.03 19.31
CA GLY D 218 8.54 15.28 19.77
C GLY D 218 7.62 16.47 19.59
N LYS D 219 6.82 16.47 18.53
CA LYS D 219 5.99 17.62 18.20
C LYS D 219 4.73 17.73 19.06
N LEU D 220 4.59 16.89 20.10
CA LEU D 220 3.37 16.87 20.89
C LEU D 220 3.13 18.21 21.60
N ARG D 221 4.19 18.83 22.13
CA ARG D 221 4.03 20.05 22.91
C ARG D 221 3.50 21.19 22.05
N ALA D 222 3.90 21.25 20.77
CA ALA D 222 3.40 22.31 19.90
C ALA D 222 1.91 22.17 19.65
N ALA D 223 1.40 20.94 19.58
CA ALA D 223 -0.03 20.74 19.39
C ALA D 223 -0.85 21.07 20.63
N GLY D 224 -0.21 21.22 21.80
CA GLY D 224 -0.95 21.46 23.02
C GLY D 224 -1.73 20.24 23.46
N ALA D 225 -1.26 19.06 23.09
CA ALA D 225 -2.01 17.82 23.26
C ALA D 225 -1.46 16.95 24.38
N GLU D 226 -0.55 17.46 25.22
CA GLU D 226 -0.01 16.64 26.29
C GLU D 226 -1.12 16.12 27.19
N GLU D 227 -2.16 16.91 27.41
CA GLU D 227 -3.29 16.47 28.23
C GLU D 227 -4.05 15.33 27.58
N ALA D 228 -4.43 15.49 26.31
CA ALA D 228 -5.27 14.51 25.65
C ALA D 228 -4.54 13.18 25.40
N VAL D 229 -3.21 13.17 25.41
CA VAL D 229 -2.49 11.91 25.33
C VAL D 229 -2.67 11.11 26.62
N VAL D 230 -2.61 11.78 27.77
CA VAL D 230 -2.79 11.10 29.05
C VAL D 230 -4.18 10.49 29.12
N GLU D 231 -5.19 11.20 28.62
CA GLU D 231 -6.55 10.69 28.65
C GLU D 231 -6.75 9.55 27.67
N LEU D 232 -5.93 9.44 26.63
CA LEU D 232 -5.96 8.29 25.73
C LEU D 232 -5.21 7.10 26.33
N ALA D 233 -4.00 7.33 26.83
CA ALA D 233 -3.22 6.26 27.43
C ALA D 233 -4.00 5.52 28.50
N ASP D 234 -4.84 6.24 29.25
CA ASP D 234 -5.65 5.61 30.29
C ASP D 234 -6.89 4.94 29.71
N ALA D 235 -7.66 5.66 28.90
CA ALA D 235 -8.86 5.09 28.31
C ALA D 235 -8.54 3.90 27.41
N LEU D 236 -7.33 3.88 26.85
CA LEU D 236 -6.88 2.75 26.04
C LEU D 236 -6.12 1.72 26.86
N GLY D 237 -5.27 2.17 27.78
CA GLY D 237 -4.59 1.28 28.71
C GLY D 237 -3.31 0.67 28.20
N CYS D 238 -2.95 0.88 26.94
CA CYS D 238 -1.83 0.18 26.35
C CYS D 238 -0.51 0.75 26.86
N ALA D 239 0.57 0.09 26.44
CA ALA D 239 1.93 0.42 26.90
C ALA D 239 2.45 1.64 26.15
N VAL D 240 2.67 2.76 26.88
CA VAL D 240 3.13 4.02 26.30
C VAL D 240 4.66 4.09 26.34
N ALA D 241 5.23 4.78 25.35
CA ALA D 241 6.67 5.01 25.29
C ALA D 241 6.94 6.32 24.55
N THR D 242 8.00 7.01 24.95
CA THR D 242 8.39 8.26 24.31
C THR D 242 9.53 8.02 23.33
N MET D 243 9.72 9.00 22.45
CA MET D 243 10.72 8.92 21.39
C MET D 243 12.08 9.38 21.89
N ALA D 244 13.05 9.49 20.96
CA ALA D 244 14.33 10.10 21.27
C ALA D 244 14.12 11.45 21.97
N ALA D 245 13.41 12.35 21.30
CA ALA D 245 12.90 13.55 21.94
C ALA D 245 11.69 13.19 22.78
N ALA D 246 10.87 14.17 23.14
CA ALA D 246 9.63 13.95 23.88
C ALA D 246 9.86 13.26 25.23
N LYS D 247 11.08 13.32 25.74
CA LYS D 247 11.36 12.85 27.09
C LYS D 247 10.76 13.83 28.08
N SER D 248 9.89 13.33 28.96
CA SER D 248 9.13 14.15 29.89
C SER D 248 7.99 14.88 29.19
N PHE D 249 7.57 14.40 28.02
CA PHE D 249 6.32 14.88 27.42
C PHE D 249 5.14 14.03 27.83
N PHE D 250 5.39 12.77 28.19
CA PHE D 250 4.41 11.92 28.85
C PHE D 250 4.90 11.60 30.27
N PRO D 251 4.03 11.67 31.28
CA PRO D 251 4.48 11.47 32.67
C PRO D 251 4.84 10.01 32.94
N GLU D 252 5.92 9.83 33.70
CA GLU D 252 6.47 8.50 33.93
C GLU D 252 5.83 7.78 35.11
N ASP D 253 4.83 8.40 35.76
CA ASP D 253 4.06 7.71 36.78
C ASP D 253 3.14 6.67 36.15
N HIS D 254 2.27 7.13 35.24
CA HIS D 254 1.06 6.41 34.82
C HIS D 254 1.37 4.99 34.41
N PRO D 255 0.41 4.07 34.59
CA PRO D 255 0.73 2.64 34.52
C PRO D 255 1.26 2.19 33.17
N GLY D 256 0.82 2.82 32.08
CA GLY D 256 1.21 2.35 30.77
C GLY D 256 2.62 2.72 30.35
N TYR D 257 3.23 3.70 31.02
CA TYR D 257 4.53 4.20 30.58
C TYR D 257 5.60 3.13 30.78
N VAL D 258 6.19 2.68 29.67
CA VAL D 258 7.28 1.71 29.72
C VAL D 258 8.63 2.41 29.86
N GLY D 259 8.90 3.36 28.99
CA GLY D 259 10.15 4.09 29.01
C GLY D 259 10.35 4.92 27.76
N THR D 260 11.54 4.82 27.16
CA THR D 260 11.90 5.58 25.98
C THR D 260 12.20 4.62 24.83
N TYR D 261 11.58 4.86 23.68
CA TYR D 261 11.91 4.13 22.47
C TYR D 261 12.90 4.93 21.64
N TRP D 262 14.03 4.33 21.32
CA TRP D 262 15.05 5.00 20.53
C TRP D 262 15.85 3.94 19.79
N GLY D 263 15.13 3.05 19.08
CA GLY D 263 15.78 2.01 18.31
C GLY D 263 16.52 1.04 19.22
N GLU D 264 17.62 0.49 18.70
CA GLU D 264 18.38 -0.48 19.47
C GLU D 264 19.17 0.15 20.59
N VAL D 265 19.02 1.44 20.86
CA VAL D 265 19.59 2.06 22.05
C VAL D 265 18.48 2.60 22.92
N SER D 266 17.34 1.91 22.93
CA SER D 266 16.24 2.28 23.80
C SER D 266 16.56 1.92 25.24
N SER D 267 16.07 2.74 26.18
CA SER D 267 16.26 2.43 27.59
C SER D 267 15.70 1.04 27.87
N PRO D 268 16.30 0.30 28.80
CA PRO D 268 16.00 -1.14 28.95
C PRO D 268 14.53 -1.51 28.82
N GLY D 269 14.25 -2.51 27.98
CA GLY D 269 12.94 -3.13 27.96
C GLY D 269 11.87 -2.40 27.17
N VAL D 270 12.25 -1.49 26.28
CA VAL D 270 11.27 -0.75 25.50
C VAL D 270 11.31 -1.12 24.02
N GLU D 271 12.47 -1.51 23.48
CA GLU D 271 12.52 -1.94 22.09
C GLU D 271 11.65 -3.18 21.86
N GLU D 272 11.64 -4.10 22.83
CA GLU D 272 10.95 -5.37 22.62
C GLU D 272 9.44 -5.17 22.52
N ILE D 273 8.88 -4.26 23.32
CA ILE D 273 7.42 -4.11 23.36
C ILE D 273 6.90 -3.64 22.00
N VAL D 274 7.63 -2.73 21.34
CA VAL D 274 7.16 -2.18 20.07
C VAL D 274 7.35 -3.19 18.93
N ASP D 275 8.51 -3.86 18.89
CA ASP D 275 8.75 -4.87 17.86
C ASP D 275 7.68 -5.95 17.89
N TRP D 276 7.37 -6.45 19.09
CA TRP D 276 6.38 -7.52 19.25
C TRP D 276 4.99 -7.10 18.81
N ALA D 277 4.65 -5.83 19.00
CA ALA D 277 3.26 -5.43 19.14
C ALA D 277 2.55 -5.34 17.79
N ASP D 278 1.23 -5.29 17.87
CA ASP D 278 0.35 -5.10 16.72
C ASP D 278 0.13 -3.61 16.51
N GLY D 279 0.91 -2.99 15.63
CA GLY D 279 0.70 -1.61 15.27
C GLY D 279 1.26 -0.64 16.31
N ILE D 280 1.56 0.57 15.84
CA ILE D 280 2.17 1.62 16.67
C ILE D 280 1.50 2.95 16.34
N ILE D 281 1.24 3.75 17.37
CA ILE D 281 0.50 5.00 17.20
C ILE D 281 1.42 6.19 17.47
N CYS D 282 2.15 6.64 16.45
CA CYS D 282 3.09 7.75 16.61
C CYS D 282 2.31 9.06 16.65
N LEU D 283 2.51 9.84 17.72
CA LEU D 283 1.80 11.10 17.93
C LEU D 283 2.77 12.25 17.68
N GLY D 284 2.87 12.65 16.41
CA GLY D 284 3.70 13.77 16.02
C GLY D 284 5.19 13.51 16.13
N PRO D 285 5.65 12.40 15.58
CA PRO D 285 7.06 12.04 15.70
C PRO D 285 7.94 12.86 14.77
N VAL D 286 9.25 12.73 14.97
CA VAL D 286 10.24 13.35 14.09
C VAL D 286 11.36 12.36 13.78
N PHE D 287 11.11 11.47 12.83
CA PHE D 287 12.09 10.44 12.47
C PHE D 287 13.16 11.03 11.56
N ASN D 288 14.42 10.80 11.90
CA ASN D 288 15.53 11.29 11.09
C ASN D 288 16.78 10.49 11.48
N ASP D 289 17.88 10.81 10.79
CA ASP D 289 19.10 10.01 10.93
C ASP D 289 19.53 9.78 12.38
N TYR D 290 19.16 10.68 13.29
CA TYR D 290 19.48 10.53 14.71
C TYR D 290 18.38 9.80 15.48
N SER D 291 17.11 10.21 15.27
CA SER D 291 16.01 9.62 16.01
C SER D 291 15.86 8.14 15.69
N THR D 292 16.11 7.76 14.45
CA THR D 292 16.02 6.37 14.03
C THR D 292 17.32 5.60 14.25
N VAL D 293 18.39 6.27 14.68
CA VAL D 293 19.64 5.60 15.00
C VAL D 293 20.22 4.95 13.75
N GLY D 294 20.59 5.79 12.78
CA GLY D 294 21.20 5.28 11.56
C GLY D 294 20.21 4.72 10.57
N TRP D 295 18.96 5.20 10.58
CA TRP D 295 17.91 4.73 9.68
C TRP D 295 17.57 3.26 9.93
N THR D 296 17.78 2.79 11.17
CA THR D 296 17.46 1.42 11.54
C THR D 296 16.08 1.29 12.18
N ALA D 297 15.66 2.27 12.97
CA ALA D 297 14.46 2.15 13.82
C ALA D 297 13.41 3.16 13.34
N TRP D 298 12.75 2.82 12.24
CA TRP D 298 11.79 3.73 11.60
C TRP D 298 10.51 2.95 11.31
N PRO D 299 9.46 3.15 12.10
CA PRO D 299 8.19 2.46 11.83
C PRO D 299 7.71 2.65 10.40
N LYS D 300 6.84 1.74 9.94
CA LYS D 300 6.36 1.73 8.56
C LYS D 300 4.99 2.41 8.45
N GLY D 301 4.07 1.83 7.69
CA GLY D 301 2.76 2.42 7.48
C GLY D 301 1.62 1.42 7.60
N GLU D 302 1.86 0.16 7.21
CA GLU D 302 0.85 -0.87 7.38
C GLU D 302 0.47 -1.03 8.84
N ASN D 303 1.47 -1.22 9.71
CA ASN D 303 1.26 -1.34 11.16
C ASN D 303 1.64 -0.05 11.88
N VAL D 304 1.20 1.10 11.37
CA VAL D 304 1.48 2.39 11.99
C VAL D 304 0.32 3.34 11.70
N VAL D 305 -0.10 4.05 12.73
CA VAL D 305 -0.90 5.26 12.59
C VAL D 305 0.03 6.44 12.82
N LEU D 306 0.04 7.40 11.91
CA LEU D 306 0.86 8.59 12.03
C LEU D 306 -0.07 9.78 12.22
N VAL D 307 0.00 10.40 13.40
CA VAL D 307 -0.87 11.52 13.72
C VAL D 307 -0.03 12.79 13.80
N ASP D 308 0.50 13.23 12.65
CA ASP D 308 1.28 14.45 12.60
C ASP D 308 0.37 15.66 12.85
N PRO D 309 0.94 16.85 13.05
CA PRO D 309 0.14 17.96 13.61
C PRO D 309 -1.16 18.26 12.88
N HIS D 310 -1.13 18.33 11.55
CA HIS D 310 -2.29 18.76 10.79
C HIS D 310 -2.77 17.75 9.76
N HIS D 311 -2.07 16.63 9.60
CA HIS D 311 -2.47 15.59 8.67
C HIS D 311 -2.31 14.24 9.33
N ILE D 312 -3.27 13.35 9.10
CA ILE D 312 -3.31 12.05 9.75
C ILE D 312 -3.33 10.96 8.68
N THR D 313 -2.29 10.13 8.67
CA THR D 313 -2.23 8.94 7.85
C THR D 313 -2.58 7.72 8.71
N VAL D 314 -3.54 6.92 8.24
CA VAL D 314 -3.81 5.60 8.80
C VAL D 314 -3.56 4.61 7.66
N GLY D 315 -3.21 3.38 8.04
CA GLY D 315 -2.93 2.37 7.02
C GLY D 315 -3.91 2.43 5.86
N GLY D 316 -3.43 2.88 4.70
CA GLY D 316 -4.25 2.95 3.50
C GLY D 316 -5.15 4.17 3.35
N GLU D 317 -4.96 5.21 4.15
CA GLU D 317 -5.77 6.42 4.01
C GLU D 317 -4.97 7.64 4.47
N GLU D 318 -5.40 8.81 4.01
CA GLU D 318 -4.84 10.09 4.46
C GLU D 318 -5.95 11.05 4.81
N PHE D 319 -5.63 11.99 5.71
CA PHE D 319 -6.57 13.01 6.14
C PHE D 319 -5.81 14.30 6.39
N THR D 320 -6.42 15.43 5.97
CA THR D 320 -5.84 16.74 6.19
C THR D 320 -6.94 17.71 6.62
N GLY D 321 -6.53 18.85 7.17
CA GLY D 321 -7.46 19.77 7.78
C GLY D 321 -7.92 19.38 9.16
N ILE D 322 -7.14 18.55 9.86
CA ILE D 322 -7.44 18.11 11.22
C ILE D 322 -6.42 18.72 12.17
N HIS D 323 -6.50 18.37 13.46
CA HIS D 323 -5.51 18.76 14.45
C HIS D 323 -5.23 17.58 15.37
N LEU D 324 -3.96 17.44 15.77
CA LEU D 324 -3.57 16.38 16.68
C LEU D 324 -4.43 16.36 17.93
N LYS D 325 -4.66 17.52 18.53
CA LYS D 325 -5.45 17.60 19.76
C LYS D 325 -6.89 17.16 19.51
N ASP D 326 -7.57 17.80 18.55
CA ASP D 326 -8.97 17.48 18.28
C ASP D 326 -9.15 16.02 17.89
N PHE D 327 -8.12 15.41 17.30
CA PHE D 327 -8.18 13.98 17.00
C PHE D 327 -8.09 13.15 18.27
N LEU D 328 -7.15 13.49 19.15
CA LEU D 328 -7.00 12.76 20.40
C LEU D 328 -8.10 13.08 21.40
N THR D 329 -8.89 14.13 21.17
CA THR D 329 -10.08 14.36 21.99
C THR D 329 -11.21 13.41 21.59
N ALA D 330 -11.58 13.41 20.31
CA ALA D 330 -12.66 12.54 19.83
C ALA D 330 -12.28 11.07 19.84
N LEU D 331 -10.98 10.75 19.87
CA LEU D 331 -10.58 9.35 19.94
C LEU D 331 -10.76 8.80 21.35
N THR D 332 -10.48 9.60 22.37
CA THR D 332 -10.53 9.13 23.75
C THR D 332 -11.95 8.94 24.28
N GLU D 333 -12.85 8.37 23.47
CA GLU D 333 -14.24 8.20 23.85
C GLU D 333 -14.76 6.90 23.26
N ARG D 334 -14.54 6.74 21.96
CA ARG D 334 -14.91 5.51 21.25
C ARG D 334 -13.86 4.43 21.40
N VAL D 335 -12.74 4.73 22.02
CA VAL D 335 -11.60 3.79 22.04
C VAL D 335 -11.90 2.69 23.05
N PRO D 336 -11.72 1.42 22.70
CA PRO D 336 -11.78 0.35 23.69
C PRO D 336 -10.43 0.16 24.38
N LYS D 337 -10.45 -0.59 25.47
CA LYS D 337 -9.29 -0.75 26.34
C LYS D 337 -8.58 -2.04 25.95
N LYS D 338 -7.49 -1.90 25.19
CA LYS D 338 -6.65 -3.03 24.82
C LYS D 338 -5.27 -2.84 25.44
N ASP D 339 -4.73 -3.92 26.01
CA ASP D 339 -3.33 -3.90 26.50
C ASP D 339 -2.46 -4.91 25.77
N ALA D 359 30.62 -0.91 44.21
CA ALA D 359 29.46 -0.66 45.07
C ALA D 359 29.60 0.67 45.79
N ALA D 360 30.58 0.76 46.69
CA ALA D 360 30.82 1.99 47.45
C ALA D 360 31.30 3.11 46.53
N ASP D 361 31.23 4.35 47.03
CA ASP D 361 31.49 5.50 46.17
C ASP D 361 32.47 6.47 46.83
N PRO D 362 32.01 7.52 47.56
CA PRO D 362 32.88 8.67 47.86
C PRO D 362 34.29 8.34 48.32
N ASN D 363 35.08 7.70 47.46
CA ASN D 363 36.49 7.49 47.72
C ASN D 363 37.27 7.59 46.42
N ALA D 364 36.90 6.76 45.46
CA ALA D 364 37.64 6.60 44.22
C ALA D 364 37.26 7.70 43.23
N PRO D 365 37.99 7.80 42.10
CA PRO D 365 37.67 8.84 41.10
C PRO D 365 36.22 8.76 40.65
N LEU D 366 35.72 9.87 40.11
CA LEU D 366 34.31 9.99 39.76
C LEU D 366 34.03 9.29 38.42
N THR D 367 32.89 8.59 38.38
CA THR D 367 32.45 7.88 37.19
C THR D 367 31.21 8.55 36.61
N ARG D 368 30.89 8.16 35.38
CA ARG D 368 29.67 8.66 34.73
C ARG D 368 28.42 8.05 35.34
N ALA D 369 28.52 6.81 35.85
CA ALA D 369 27.38 6.22 36.54
C ALA D 369 27.08 6.93 37.84
N GLU D 370 28.13 7.36 38.56
CA GLU D 370 27.93 7.96 39.87
C GLU D 370 27.17 9.27 39.78
N LEU D 371 27.66 10.21 38.96
CA LEU D 371 27.05 11.52 38.94
C LEU D 371 25.73 11.52 38.16
N CYS D 372 25.56 10.61 37.19
CA CYS D 372 24.25 10.40 36.60
C CYS D 372 23.26 9.91 37.65
N ARG D 373 23.73 9.03 38.55
CA ARG D 373 22.91 8.61 39.68
C ARG D 373 22.67 9.76 40.64
N GLN D 374 23.74 10.49 41.00
CA GLN D 374 23.62 11.52 42.03
C GLN D 374 22.91 12.75 41.51
N ILE D 375 22.96 13.00 40.20
CA ILE D 375 22.16 14.09 39.62
C ILE D 375 20.69 13.71 39.62
N GLN D 376 20.38 12.42 39.51
CA GLN D 376 19.00 11.98 39.62
C GLN D 376 18.43 12.23 41.01
N GLY D 377 19.29 12.45 42.01
CA GLY D 377 18.81 12.83 43.33
C GLY D 377 18.11 14.18 43.35
N LEU D 378 18.55 15.11 42.50
CA LEU D 378 18.02 16.47 42.48
C LEU D 378 16.60 16.54 41.92
N LEU D 379 16.12 15.50 41.28
CA LEU D 379 14.93 15.57 40.42
C LEU D 379 13.67 15.70 41.29
N ASN D 380 13.23 16.94 41.48
CA ASN D 380 12.02 17.41 42.15
C ASN D 380 10.91 17.65 41.13
N PRO D 381 9.64 17.43 41.49
CA PRO D 381 8.54 17.84 40.62
C PRO D 381 8.59 19.30 40.17
N ASN D 382 9.39 20.14 40.84
CA ASN D 382 9.61 21.52 40.43
C ASN D 382 10.99 21.71 39.81
N THR D 383 11.42 20.75 38.98
CA THR D 383 12.73 20.77 38.36
C THR D 383 12.59 20.65 36.84
N THR D 384 13.42 21.40 36.12
CA THR D 384 13.55 21.28 34.68
C THR D 384 15.00 20.91 34.38
N LEU D 385 15.19 19.73 33.79
CA LEU D 385 16.51 19.24 33.46
C LEU D 385 16.79 19.58 31.99
N ILE D 386 17.72 20.49 31.77
CA ILE D 386 18.12 20.90 30.43
C ILE D 386 19.35 20.09 30.07
N ALA D 387 19.18 19.13 29.17
CA ALA D 387 20.25 18.22 28.77
C ALA D 387 20.82 18.69 27.44
N GLU D 388 22.11 19.06 27.45
CA GLU D 388 22.76 19.59 26.27
C GLU D 388 23.10 18.47 25.29
N THR D 389 23.19 18.83 24.01
CA THR D 389 23.72 17.93 22.99
C THR D 389 25.09 17.39 23.41
N GLY D 390 25.27 16.10 23.24
CA GLY D 390 26.43 15.40 23.74
C GLY D 390 26.01 14.06 24.28
N ASP D 391 26.91 13.42 25.03
CA ASP D 391 26.50 12.20 25.73
C ASP D 391 25.41 12.51 26.74
N SER D 392 25.37 13.75 27.24
CA SER D 392 24.38 14.13 28.25
C SER D 392 22.96 13.80 27.81
N TRP D 393 22.71 13.72 26.48
CA TRP D 393 21.42 13.27 25.98
C TRP D 393 21.04 11.92 26.57
N PHE D 394 21.95 10.96 26.51
CA PHE D 394 21.63 9.58 26.87
C PHE D 394 21.47 9.44 28.38
N ASN D 395 22.20 10.23 29.17
CA ASN D 395 22.03 10.22 30.62
C ASN D 395 20.59 10.59 30.98
N ALA D 396 20.10 11.73 30.46
CA ALA D 396 18.75 12.17 30.76
C ALA D 396 17.71 11.12 30.37
N MET D 397 17.99 10.36 29.30
CA MET D 397 17.05 9.36 28.80
C MET D 397 17.04 8.10 29.63
N ARG D 398 17.96 7.96 30.58
CA ARG D 398 17.94 6.88 31.56
C ARG D 398 17.33 7.29 32.89
N MET D 399 17.35 8.58 33.21
CA MET D 399 16.96 9.04 34.54
C MET D 399 15.45 8.97 34.70
N LYS D 400 15.02 8.39 35.82
CA LYS D 400 13.61 8.38 36.17
C LYS D 400 13.18 9.79 36.57
N LEU D 401 11.95 10.15 36.20
CA LEU D 401 11.46 11.49 36.41
C LEU D 401 10.23 11.49 37.32
N PRO D 402 10.16 12.41 38.29
CA PRO D 402 8.92 12.57 39.05
C PRO D 402 7.85 13.26 38.22
N HIS D 403 6.60 13.16 38.70
CA HIS D 403 5.50 13.85 38.04
C HIS D 403 5.70 15.36 38.11
N GLY D 404 5.43 16.03 36.99
CA GLY D 404 5.65 17.45 36.87
C GLY D 404 7.07 17.85 36.56
N ALA D 405 8.02 16.92 36.61
CA ALA D 405 9.41 17.23 36.29
C ALA D 405 9.59 17.28 34.78
N ARG D 406 10.37 18.26 34.32
CA ARG D 406 10.54 18.54 32.91
C ARG D 406 11.95 18.16 32.45
N VAL D 407 12.07 17.83 31.16
CA VAL D 407 13.34 17.67 30.49
C VAL D 407 13.26 18.44 29.18
N GLU D 408 14.36 19.10 28.81
CA GLU D 408 14.44 19.87 27.59
C GLU D 408 15.63 19.39 26.77
N LEU D 409 15.34 18.82 25.59
CA LEU D 409 16.33 18.43 24.62
C LEU D 409 16.22 19.33 23.39
N GLU D 410 17.33 19.42 22.65
CA GLU D 410 17.37 20.11 21.37
C GLU D 410 17.99 19.16 20.34
N MET D 411 17.19 18.16 19.93
CA MET D 411 17.70 17.07 19.09
C MET D 411 17.62 17.38 17.61
N GLN D 412 16.54 18.04 17.18
CA GLN D 412 16.38 18.33 15.75
C GLN D 412 17.50 19.23 15.23
N TRP D 413 17.80 20.31 15.96
CA TRP D 413 18.81 21.28 15.55
C TRP D 413 20.19 20.93 16.09
N GLY D 414 20.30 20.66 17.37
CA GLY D 414 21.53 20.11 17.90
C GLY D 414 22.71 21.06 17.94
N HIS D 415 22.46 22.37 17.97
CA HIS D 415 23.55 23.33 18.19
C HIS D 415 24.10 23.14 19.61
N ILE D 416 25.39 22.80 19.71
CA ILE D 416 26.03 22.68 21.03
C ILE D 416 26.28 24.08 21.58
N GLY D 417 26.10 24.24 22.88
CA GLY D 417 26.05 25.55 23.48
C GLY D 417 24.66 26.16 23.55
N TRP D 418 23.67 25.54 22.90
CA TRP D 418 22.28 25.99 23.04
C TRP D 418 21.84 26.00 24.48
N SER D 419 22.22 24.96 25.23
CA SER D 419 21.72 24.79 26.59
C SER D 419 21.92 26.05 27.43
N VAL D 420 23.12 26.62 27.40
CA VAL D 420 23.48 27.69 28.32
C VAL D 420 22.54 28.88 28.12
N PRO D 421 22.47 29.51 26.94
CA PRO D 421 21.53 30.63 26.81
C PRO D 421 20.09 30.21 26.93
N ALA D 422 19.73 28.99 26.55
CA ALA D 422 18.36 28.55 26.70
C ALA D 422 18.03 28.27 28.16
N THR D 423 19.05 27.91 28.96
CA THR D 423 18.85 27.77 30.40
C THR D 423 18.62 29.12 31.05
N PHE D 424 19.48 30.09 30.75
CA PHE D 424 19.24 31.47 31.15
C PHE D 424 17.81 31.89 30.81
N GLY D 425 17.39 31.66 29.57
CA GLY D 425 16.08 32.11 29.16
C GLY D 425 14.95 31.38 29.86
N TYR D 426 15.02 30.05 29.88
CA TYR D 426 14.01 29.25 30.58
C TYR D 426 13.85 29.71 32.02
N ALA D 427 14.97 30.08 32.66
CA ALA D 427 14.94 30.45 34.08
C ALA D 427 14.29 31.81 34.29
N VAL D 428 14.40 32.71 33.31
CA VAL D 428 13.73 34.01 33.41
C VAL D 428 12.21 33.83 33.44
N ALA D 429 11.69 32.82 32.75
CA ALA D 429 10.24 32.58 32.74
C ALA D 429 9.80 31.74 33.93
N GLU D 430 10.61 30.77 34.36
CA GLU D 430 10.33 29.90 35.50
C GLU D 430 11.45 30.04 36.52
N PRO D 431 11.56 31.21 37.17
CA PRO D 431 12.69 31.41 38.10
C PRO D 431 12.55 30.63 39.39
N GLU D 432 11.32 30.29 39.81
CA GLU D 432 11.14 29.55 41.06
C GLU D 432 11.38 28.05 40.89
N ARG D 433 11.54 27.56 39.66
CA ARG D 433 11.87 26.16 39.45
C ARG D 433 13.35 25.87 39.74
N ARG D 434 13.64 24.60 39.97
CA ARG D 434 15.02 24.13 40.15
C ARG D 434 15.57 23.80 38.77
N ASN D 435 16.37 24.71 38.22
CA ASN D 435 16.83 24.59 36.85
C ASN D 435 18.20 23.93 36.85
N VAL D 436 18.29 22.77 36.23
CA VAL D 436 19.48 21.93 36.25
C VAL D 436 19.97 21.74 34.81
N LEU D 437 21.26 21.96 34.59
CA LEU D 437 21.85 22.00 33.26
C LEU D 437 22.96 20.97 33.18
N MET D 438 22.78 19.97 32.31
CA MET D 438 23.83 19.01 31.99
C MET D 438 24.49 19.43 30.67
N VAL D 439 25.72 19.92 30.75
CA VAL D 439 26.44 20.45 29.59
C VAL D 439 27.86 19.92 29.60
N GLY D 440 28.34 19.50 28.44
CA GLY D 440 29.71 19.04 28.31
C GLY D 440 30.72 20.18 28.27
N ASP D 441 31.99 19.80 28.42
CA ASP D 441 33.08 20.79 28.38
C ASP D 441 33.09 21.55 27.06
N GLY D 442 32.93 20.84 25.94
CA GLY D 442 33.04 21.46 24.64
C GLY D 442 31.83 22.32 24.30
N SER D 443 30.63 21.80 24.56
CA SER D 443 29.41 22.59 24.38
C SER D 443 29.53 23.91 25.13
N PHE D 444 29.92 23.83 26.40
CA PHE D 444 29.97 25.01 27.26
C PHE D 444 30.78 26.14 26.62
N GLN D 445 31.87 25.81 25.92
CA GLN D 445 32.79 26.84 25.44
C GLN D 445 32.16 27.75 24.38
N LEU D 446 31.18 27.25 23.63
CA LEU D 446 30.63 28.06 22.54
C LEU D 446 29.86 29.26 23.05
N THR D 447 29.16 29.11 24.18
CA THR D 447 28.20 30.13 24.64
C THR D 447 28.37 30.41 26.13
N ALA D 448 29.60 30.32 26.65
CA ALA D 448 29.79 30.37 28.09
C ALA D 448 29.44 31.74 28.66
N GLN D 449 29.71 32.81 27.91
CA GLN D 449 29.56 34.15 28.48
C GLN D 449 28.14 34.45 28.94
N GLU D 450 27.15 33.70 28.47
CA GLU D 450 25.79 33.93 28.92
C GLU D 450 25.55 33.45 30.35
N VAL D 451 26.52 32.81 30.98
CA VAL D 451 26.43 32.57 32.43
C VAL D 451 26.51 33.89 33.17
N ALA D 452 27.32 34.83 32.68
CA ALA D 452 27.46 36.14 33.32
C ALA D 452 26.11 36.82 33.48
N GLN D 453 25.14 36.48 32.62
CA GLN D 453 23.80 37.04 32.75
C GLN D 453 22.99 36.34 33.84
N MET D 454 23.21 35.03 34.03
CA MET D 454 22.61 34.36 35.18
C MET D 454 23.04 35.02 36.48
N VAL D 455 24.27 35.53 36.52
CA VAL D 455 24.75 36.27 37.68
C VAL D 455 24.13 37.67 37.71
N ARG D 456 24.11 38.34 36.57
CA ARG D 456 23.51 39.66 36.47
C ARG D 456 22.06 39.63 36.98
N ARG D 457 21.27 38.70 36.47
CA ARG D 457 19.89 38.54 36.89
C ARG D 457 19.76 37.74 38.18
N LYS D 458 20.88 37.24 38.71
CA LYS D 458 20.89 36.47 39.94
C LYS D 458 19.85 35.36 39.86
N LEU D 459 20.22 34.23 39.23
CA LEU D 459 19.26 33.17 38.99
C LEU D 459 19.72 31.87 39.63
N PRO D 460 18.78 31.10 40.32
CA PRO D 460 19.18 29.84 40.98
C PRO D 460 19.30 28.67 40.01
N ILE D 461 20.38 28.69 39.23
CA ILE D 461 20.66 27.65 38.25
C ILE D 461 21.79 26.77 38.79
N ILE D 462 21.72 25.49 38.41
CA ILE D 462 22.67 24.47 38.88
C ILE D 462 23.30 23.85 37.65
N ILE D 463 24.49 24.33 37.29
CA ILE D 463 25.16 23.94 36.04
C ILE D 463 26.06 22.74 36.33
N PHE D 464 25.81 21.63 35.64
CA PHE D 464 26.64 20.44 35.74
C PHE D 464 27.56 20.39 34.51
N LEU D 465 28.71 21.04 34.62
CA LEU D 465 29.70 21.07 33.55
C LEU D 465 30.38 19.70 33.42
N ILE D 466 29.85 18.85 32.55
CA ILE D 466 30.35 17.49 32.37
C ILE D 466 31.69 17.54 31.65
N ASN D 467 32.78 17.76 32.38
CA ASN D 467 34.11 17.92 31.78
C ASN D 467 34.74 16.57 31.48
N ASN D 468 35.09 16.35 30.20
CA ASN D 468 35.84 15.18 29.80
C ASN D 468 36.90 15.50 28.75
N ARG D 469 37.26 16.78 28.60
CA ARG D 469 38.35 17.21 27.74
C ARG D 469 38.19 16.69 26.31
N GLY D 470 37.01 16.90 25.74
CA GLY D 470 36.83 16.61 24.32
C GLY D 470 35.36 16.54 23.95
N TYR D 471 35.14 16.57 22.63
CA TYR D 471 33.84 16.30 22.01
C TYR D 471 33.62 14.79 22.03
N THR D 472 33.21 14.29 23.21
CA THR D 472 33.18 12.84 23.41
C THR D 472 32.20 12.15 22.47
N ILE D 473 31.01 12.74 22.27
CA ILE D 473 30.04 12.18 21.35
C ILE D 473 30.62 12.10 19.93
N GLU D 474 31.38 13.12 19.52
CA GLU D 474 31.99 13.10 18.20
C GLU D 474 33.12 12.09 18.12
N VAL D 475 33.76 11.77 19.26
CA VAL D 475 34.83 10.77 19.27
C VAL D 475 34.29 9.41 18.84
N LYS D 476 33.08 9.07 19.26
CA LYS D 476 32.52 7.76 19.01
C LYS D 476 31.68 7.70 17.74
N ILE D 477 31.65 8.78 16.95
CA ILE D 477 31.17 8.73 15.57
C ILE D 477 32.38 8.55 14.67
N HIS D 478 33.36 9.45 14.77
CA HIS D 478 34.58 9.33 13.99
C HIS D 478 35.65 10.20 14.66
N ASP D 479 36.62 9.54 15.31
CA ASP D 479 37.60 10.22 16.16
C ASP D 479 38.64 10.93 15.29
N GLY D 480 39.35 11.87 15.92
CA GLY D 480 40.44 12.58 15.29
C GLY D 480 41.01 13.67 16.17
N PRO D 481 42.04 14.36 15.68
CA PRO D 481 42.61 15.47 16.47
C PRO D 481 41.67 16.64 16.62
N TYR D 482 40.69 16.77 15.70
CA TYR D 482 39.72 17.85 15.78
C TYR D 482 38.82 17.74 17.00
N ASN D 483 38.75 16.57 17.65
CA ASN D 483 37.89 16.39 18.81
C ASN D 483 38.55 16.83 20.11
N ASN D 484 39.87 16.91 20.16
CA ASN D 484 40.58 17.30 21.38
C ASN D 484 40.54 18.82 21.51
N ILE D 485 39.89 19.32 22.55
CA ILE D 485 39.73 20.75 22.76
C ILE D 485 40.60 21.20 23.92
N LYS D 486 41.09 22.43 23.82
CA LYS D 486 41.76 23.09 24.94
C LYS D 486 40.89 23.02 26.19
N ASN D 487 41.50 22.70 27.31
CA ASN D 487 40.78 22.63 28.59
C ASN D 487 40.89 23.96 29.32
N TRP D 488 39.82 24.33 30.03
CA TRP D 488 39.78 25.50 30.90
C TRP D 488 39.79 25.06 32.36
N ASP D 489 39.87 26.07 33.24
CA ASP D 489 39.53 25.89 34.66
C ASP D 489 38.07 26.27 34.84
N TYR D 490 37.20 25.41 34.28
CA TYR D 490 35.79 25.75 34.18
C TYR D 490 35.21 26.20 35.52
N ALA D 491 35.72 25.65 36.62
CA ALA D 491 35.23 26.06 37.94
C ALA D 491 35.53 27.53 38.20
N GLY D 492 36.76 27.96 37.91
CA GLY D 492 37.19 29.31 38.24
C GLY D 492 36.54 30.39 37.42
N LEU D 493 35.76 30.03 36.40
CA LEU D 493 35.12 31.04 35.55
C LEU D 493 34.13 31.88 36.34
N MET D 494 33.26 31.21 37.13
CA MET D 494 32.24 31.91 37.91
C MET D 494 32.76 33.21 38.52
N GLU D 495 33.92 33.15 39.18
CA GLU D 495 34.47 34.33 39.86
C GLU D 495 34.61 35.52 38.93
N VAL D 496 35.17 35.31 37.73
CA VAL D 496 35.47 36.42 36.82
C VAL D 496 34.19 37.19 36.46
N PHE D 497 33.07 36.48 36.30
CA PHE D 497 31.81 37.16 35.99
C PHE D 497 31.26 37.88 37.22
N ASN D 498 31.39 37.28 38.39
CA ASN D 498 30.89 37.91 39.62
C ASN D 498 31.50 39.29 39.79
N ALA D 499 32.78 39.44 39.45
CA ALA D 499 33.43 40.74 39.37
C ALA D 499 33.23 41.53 40.66
N GLU D 500 32.57 42.69 40.57
CA GLU D 500 32.45 43.57 41.73
C GLU D 500 31.22 43.30 42.57
N ASP D 501 30.15 42.76 41.97
CA ASP D 501 28.85 42.75 42.63
C ASP D 501 28.11 41.41 42.59
N GLY D 502 28.32 40.63 41.53
CA GLY D 502 27.56 39.40 41.37
C GLY D 502 27.82 38.40 42.48
N LYS D 503 26.98 37.37 42.52
CA LYS D 503 27.04 36.34 43.57
C LYS D 503 26.70 34.99 42.95
N GLY D 504 27.70 34.13 42.76
CA GLY D 504 27.49 32.83 42.17
C GLY D 504 28.61 31.85 42.48
N LEU D 505 28.24 30.62 42.84
CA LEU D 505 29.24 29.63 43.24
C LEU D 505 29.90 28.97 42.04
N GLY D 506 31.18 28.65 42.19
CA GLY D 506 31.93 27.92 41.19
C GLY D 506 32.74 26.80 41.81
N LEU D 507 32.30 25.56 41.63
CA LEU D 507 32.83 24.42 42.38
C LEU D 507 33.39 23.38 41.40
N LYS D 508 33.99 22.33 41.97
CA LYS D 508 34.59 21.24 41.21
C LYS D 508 34.18 19.93 41.89
N ALA D 509 34.50 18.80 41.23
CA ALA D 509 34.21 17.50 41.82
C ALA D 509 34.95 16.38 41.10
N THR D 510 36.09 15.93 41.65
CA THR D 510 36.86 14.83 41.07
C THR D 510 36.58 13.47 41.71
N THR D 511 35.63 13.39 42.65
CA THR D 511 35.33 12.13 43.33
C THR D 511 33.83 12.03 43.58
N GLY D 512 33.37 10.80 43.81
CA GLY D 512 31.96 10.59 44.08
C GLY D 512 31.46 11.37 45.28
N GLY D 513 32.31 11.57 46.29
CA GLY D 513 31.94 12.34 47.45
C GLY D 513 31.83 13.83 47.20
N GLU D 514 32.90 14.44 46.69
CA GLU D 514 32.92 15.87 46.41
C GLU D 514 31.64 16.30 45.71
N LEU D 515 31.09 15.41 44.88
CA LEU D 515 29.84 15.72 44.20
C LEU D 515 28.74 16.02 45.21
N ALA D 516 28.62 15.19 46.24
CA ALA D 516 27.61 15.43 47.26
C ALA D 516 27.85 16.76 47.97
N GLU D 517 29.11 17.08 48.29
CA GLU D 517 29.43 18.37 48.90
C GLU D 517 29.00 19.51 47.99
N ALA D 518 29.33 19.42 46.70
CA ALA D 518 28.95 20.48 45.77
C ALA D 518 27.44 20.60 45.61
N ILE D 519 26.74 19.45 45.54
CA ILE D 519 25.29 19.48 45.32
C ILE D 519 24.58 20.17 46.47
N LYS D 520 25.00 19.88 47.71
CA LYS D 520 24.42 20.56 48.86
C LYS D 520 24.70 22.06 48.80
N LYS D 521 25.94 22.42 48.50
CA LYS D 521 26.28 23.84 48.33
C LYS D 521 25.41 24.47 47.24
N ALA D 522 25.09 23.72 46.19
CA ALA D 522 24.28 24.27 45.09
C ALA D 522 22.84 24.51 45.53
N LEU D 523 22.18 23.47 46.04
CA LEU D 523 20.84 23.65 46.58
C LEU D 523 20.82 24.71 47.67
N ALA D 524 21.90 24.78 48.47
CA ALA D 524 21.99 25.78 49.53
C ALA D 524 22.07 27.18 48.94
N HIS D 525 22.94 27.38 47.95
CA HIS D 525 23.22 28.72 47.46
C HIS D 525 22.02 29.31 46.74
N ARG D 526 21.66 30.53 47.11
CA ARG D 526 20.70 31.35 46.41
C ARG D 526 21.39 32.62 45.92
N GLU D 527 20.63 33.50 45.27
CA GLU D 527 21.12 34.79 44.78
C GLU D 527 22.02 34.63 43.55
N GLY D 528 22.03 33.46 42.92
CA GLY D 528 22.80 33.28 41.71
C GLY D 528 23.04 31.83 41.34
N PRO D 529 23.78 31.62 40.26
CA PRO D 529 23.97 30.28 39.71
C PRO D 529 25.04 29.49 40.47
N THR D 530 25.17 28.22 40.09
CA THR D 530 26.13 27.32 40.72
C THR D 530 26.67 26.37 39.67
N LEU D 531 27.94 26.55 39.30
CA LEU D 531 28.59 25.65 38.36
C LEU D 531 29.41 24.62 39.11
N ILE D 532 29.47 23.41 38.55
CA ILE D 532 30.16 22.28 39.18
C ILE D 532 30.94 21.53 38.10
N GLU D 533 32.27 21.63 38.13
CA GLU D 533 33.17 21.06 37.12
C GLU D 533 33.45 19.59 37.40
N CYS D 534 32.48 18.74 37.08
CA CYS D 534 32.59 17.31 37.34
C CYS D 534 33.60 16.62 36.43
N VAL D 535 34.86 16.48 36.86
CA VAL D 535 35.85 15.78 36.05
C VAL D 535 35.50 14.30 35.94
N ILE D 536 35.65 13.76 34.72
CA ILE D 536 35.49 12.32 34.47
C ILE D 536 36.41 11.93 33.33
N ASP D 537 36.32 10.68 32.90
CA ASP D 537 37.12 10.17 31.79
C ASP D 537 36.32 10.24 30.49
N ARG D 538 37.02 10.49 29.38
CA ARG D 538 36.35 10.58 28.08
C ARG D 538 35.73 9.24 27.71
N ASP D 539 36.56 8.19 27.62
CA ASP D 539 36.09 6.89 27.15
C ASP D 539 35.06 6.26 28.10
N ASP D 540 35.03 6.67 29.36
CA ASP D 540 33.93 6.32 30.25
C ASP D 540 32.66 7.01 29.78
N CYS D 541 31.71 6.24 29.22
CA CYS D 541 30.51 6.85 28.66
C CYS D 541 29.41 5.81 28.51
N THR D 542 28.20 6.33 28.30
CA THR D 542 27.00 5.51 28.17
C THR D 542 27.17 4.45 27.08
N PRO D 543 26.62 3.25 27.26
CA PRO D 543 26.74 2.23 26.21
C PRO D 543 25.89 2.53 24.98
N GLU D 544 24.91 3.42 25.09
CA GLU D 544 24.14 3.83 23.91
C GLU D 544 25.01 4.65 22.97
N LEU D 545 25.67 5.69 23.49
CA LEU D 545 26.52 6.53 22.65
C LEU D 545 27.56 5.71 21.90
N VAL D 546 28.04 4.62 22.51
CA VAL D 546 29.00 3.76 21.82
C VAL D 546 28.36 3.11 20.60
N THR D 547 27.28 2.35 20.81
CA THR D 547 26.61 1.65 19.73
C THR D 547 25.82 2.60 18.83
N TRP D 548 25.54 3.82 19.30
CA TRP D 548 24.79 4.80 18.50
C TRP D 548 25.68 5.49 17.48
N GLY D 549 26.87 5.94 17.92
CA GLY D 549 27.78 6.60 17.00
C GLY D 549 28.18 5.74 15.81
N LYS D 550 28.19 4.42 16.00
CA LYS D 550 28.48 3.51 14.89
C LYS D 550 27.43 3.64 13.80
N LYS D 551 26.15 3.61 14.19
CA LYS D 551 25.07 3.70 13.20
C LYS D 551 25.07 5.06 12.53
N VAL D 552 25.42 6.12 13.26
CA VAL D 552 25.48 7.44 12.68
C VAL D 552 26.69 7.59 11.77
N ALA D 553 27.85 7.10 12.22
CA ALA D 553 29.08 7.28 11.46
C ALA D 553 29.00 6.61 10.10
N THR D 554 28.42 5.40 10.03
CA THR D 554 28.34 4.67 8.77
C THR D 554 27.21 5.18 7.90
N ALA D 555 26.06 5.53 8.49
CA ALA D 555 25.00 6.15 7.71
C ALA D 555 25.44 7.50 7.16
N ASN D 556 26.18 8.28 7.97
CA ASN D 556 26.71 9.55 7.49
C ASN D 556 27.56 9.37 6.25
N ALA D 557 28.42 8.35 6.24
CA ALA D 557 29.38 8.14 5.16
C ALA D 557 29.08 6.88 4.36
N ARG D 558 27.79 6.64 4.04
CA ARG D 558 27.46 5.55 3.13
C ARG D 558 27.61 5.99 1.67
N PRO D 559 27.96 5.06 0.77
CA PRO D 559 28.40 5.44 -0.57
C PRO D 559 27.22 5.74 -1.47
N PRO D 560 27.42 6.53 -2.54
CA PRO D 560 26.35 6.74 -3.51
C PRO D 560 25.94 5.43 -4.18
N GLN D 561 24.76 5.45 -4.79
CA GLN D 561 24.18 4.27 -5.42
C GLN D 561 24.00 4.53 -6.92
N ALA D 562 24.81 3.87 -7.75
CA ALA D 562 24.74 4.07 -9.19
C ALA D 562 23.41 3.59 -9.75
N ILE D 563 23.04 4.12 -10.90
CA ILE D 563 21.76 3.82 -11.52
C ILE D 563 21.87 2.57 -12.40
#